data_9GVJ
#
_entry.id   9GVJ
#
_cell.length_a   1.00
_cell.length_b   1.00
_cell.length_c   1.00
_cell.angle_alpha   90.00
_cell.angle_beta   90.00
_cell.angle_gamma   90.00
#
_symmetry.space_group_name_H-M   'P 1'
#
loop_
_entity.id
_entity.type
_entity.pdbx_description
1 polymer Mucin-5AC
2 non-polymer 2-acetamido-2-deoxy-beta-D-glucopyranose
3 non-polymer 'CALCIUM ION'
4 non-polymer 'COPPER (II) ION'
5 water water
#
_entity_poly.entity_id   1
_entity_poly.type   'polypeptide(L)'
_entity_poly.pdbx_seq_one_letter_code
;QDGSSESSYKHHPALSPIARGPSGVPLRGATVFPSLRTIPVVRASNPAHNGRVCSTWGSFHYKTFDGDVFRFPGLCNYVF
SEHCGAAYEDFNIQLRRSQESAAPTLSRVLMKVDGVVIQLTKGSVLVNGHPVLLPFSQSGVLIQQSSSYTKVEARLGLVL
MWNHDDSLLLELDTKYANKTCGLCGDFNGMPVVSELLSHNTKLTPMEFGNLQKMDDPTDQCQDPVPEPPRNCSTGFGICE
ELLHGQLFSGCVALVDVGSYLEACRQDLCFCEDTDLLSCVCHTLAEYSRQCTHAGGLPQDWRGPDFCPQKCPNNMQYHEC
RSPCADTCSNQEHSRACEDHCVAGCFCPEGTVLDDIGQTGCVPVSKCACVYNGAAYAPGATYSTDCTNCTCSGGRWSCQE
VPCPGTCSVLGGAHFSTFDGKQYTVHGDCSYVLTKPCDSSAFTVLAELRRCGLTDSETCLKSVTLSLDGAQTVVVIKASG
EVFLNQIYTQLPISAANVTIFRPSTFFIIAQTSLGLQLNLQLVPTMQLFMQLAPKLRGQTCGLCGNFNSIQADDFRTLSG
VVEATAAAFFNTFKTQAACPNIRNSFEDPCSLSVENEKYAQHWCSQLTDADGPFGRCHAAVKPGTYYSNCMFDTCNCERS
EDCLCAALSSYVHACAAKGVQLGGWRDGVCTKPMTTCPKSMTYHYHVSTCQPTCRSLSEGDITCSVGFIPVDGCICPKGT
FLDDTGKCVQASNCPCYHRGSMIPNGESVHDSGAICTCTHGKLSCIGGQAPAPVCAAPMVFFDCRNATPGDTGAGCQKSC
HTLDMTCYSPQCVPGCVCPDGLVADGEGGCITAEDCPCVHNEASYRAGQTIRVGCNTCTCDSRMWRCTDDPCLATCAVYG
DGHYLTFDGQSYSFNGDCEYTLVQNHCGGKDSTQDSFRVVTENVPCGTTGTTCSKAIKIFLGGFELKLSHGKVEVIGTDE
SQEVPYTIRQMGIYLVVDTDIGLVLLWDKKTSIFINLSPEFKGRVCGLCGNFDDIAVNDFATRSRSVVGDVLEFGNSWKL
SPSCPDALAPKDPCTANPFRKSWAQKQCSILHGPTFAACHAHVEPARYYEACVNDACACDSGGDCECFCTAVAAYAQACH
EVGLCVSWRTPSICPLFCDYYNPEGQCEWHYQPCGVPCLRTCRNPRGDCLRDVRGLEGCYPKCPPEAPIFDEDKMQCVAT
CPTPPLPPRCHVHGKSYRPGAVVPSDKNCQSCLCTERGVECTYKAEACVCTYNGQRFHPGDVIYHTTDGTGGCISARCGA
NGTIERRVYPCSPTTPVPPTTFSFSTPPLVVSSTHTPSNGPSSAHTGPPSSAWPTTAGTSPRTRLPTASASLPPVCGEKC
LWSPWMDVSRPGRGTDSGDFDTLENLRAHGYRVCESPRSVECRAEDAPGVPLRALGQRVQCSPDVGLTCRNREQASGLCY
NYQIRVQCCTPLPCST
;
_entity_poly.pdbx_strand_id   A,B,C,D
#
loop_
_chem_comp.id
_chem_comp.type
_chem_comp.name
_chem_comp.formula
CA non-polymer 'CALCIUM ION' 'Ca 2'
CU non-polymer 'COPPER (II) ION' 'Cu 2'
NAG D-saccharide, beta linking 2-acetamido-2-deoxy-beta-D-glucopyranose 'C8 H15 N O6'
#
# COMPACT_ATOMS: atom_id res chain seq x y z
N PRO A 40 1.15 27.48 6.01
CA PRO A 40 0.09 28.48 6.11
C PRO A 40 -0.32 28.75 7.56
N VAL A 41 0.02 29.92 8.08
CA VAL A 41 -0.29 30.31 9.44
C VAL A 41 -1.61 31.08 9.43
N VAL A 42 -2.60 30.57 10.16
CA VAL A 42 -3.90 31.20 10.27
C VAL A 42 -4.12 31.57 11.74
N ARG A 43 -4.34 32.86 11.99
CA ARG A 43 -4.55 33.35 13.34
C ARG A 43 -6.03 33.34 13.70
N ALA A 44 -6.32 33.30 14.99
CA ALA A 44 -7.68 33.32 15.49
C ALA A 44 -7.69 34.05 16.82
N SER A 45 -8.60 35.01 16.97
CA SER A 45 -8.79 35.72 18.22
C SER A 45 -10.25 35.80 18.65
N ASN A 46 -11.18 35.94 17.72
CA ASN A 46 -12.59 36.02 18.04
C ASN A 46 -13.11 34.66 18.46
N PRO A 47 -13.70 34.52 19.65
CA PRO A 47 -14.26 33.22 20.03
C PRO A 47 -15.68 32.99 19.58
N ALA A 48 -16.36 34.01 19.05
CA ALA A 48 -17.70 33.84 18.51
C ALA A 48 -17.62 33.13 17.17
N HIS A 49 -18.07 31.88 17.13
CA HIS A 49 -17.98 31.05 15.94
C HIS A 49 -19.35 30.53 15.54
N ASN A 50 -20.36 31.40 15.61
CA ASN A 50 -21.70 31.01 15.19
C ASN A 50 -21.79 30.74 13.70
N GLY A 51 -20.82 31.24 12.92
CA GLY A 51 -20.82 31.00 11.49
C GLY A 51 -20.44 29.59 11.10
N ARG A 52 -19.87 28.82 12.03
CA ARG A 52 -19.46 27.45 11.78
C ARG A 52 -20.50 26.43 12.24
N VAL A 53 -21.65 26.90 12.72
CA VAL A 53 -22.65 26.03 13.34
C VAL A 53 -23.95 26.14 12.57
N CYS A 54 -24.50 25.00 12.17
CA CYS A 54 -25.84 24.91 11.60
C CYS A 54 -26.64 23.91 12.41
N SER A 55 -27.92 24.21 12.62
CA SER A 55 -28.74 23.37 13.49
C SER A 55 -30.19 23.45 13.06
N THR A 56 -30.95 22.43 13.47
CA THR A 56 -32.39 22.38 13.31
C THR A 56 -33.02 22.03 14.65
N TRP A 57 -34.15 22.65 14.97
CA TRP A 57 -34.76 22.48 16.28
C TRP A 57 -36.24 22.82 16.20
N GLY A 58 -36.96 22.39 17.23
CA GLY A 58 -38.35 22.81 17.41
C GLY A 58 -39.24 22.41 16.24
N SER A 59 -40.14 23.32 15.87
CA SER A 59 -41.11 23.07 14.80
C SER A 59 -40.48 23.47 13.47
N PHE A 60 -39.62 22.58 12.96
CA PHE A 60 -39.02 22.71 11.63
C PHE A 60 -38.25 24.02 11.48
N HIS A 61 -37.52 24.41 12.52
CA HIS A 61 -36.71 25.62 12.49
C HIS A 61 -35.29 25.26 12.08
N TYR A 62 -34.77 25.97 11.09
CA TYR A 62 -33.44 25.72 10.55
C TYR A 62 -32.59 26.98 10.66
N LYS A 63 -31.33 26.81 11.04
CA LYS A 63 -30.35 27.89 11.02
C LYS A 63 -29.17 27.44 10.15
N THR A 64 -28.89 28.20 9.10
CA THR A 64 -27.79 27.87 8.21
C THR A 64 -26.47 28.31 8.83
N PHE A 65 -25.36 27.90 8.20
CA PHE A 65 -24.05 28.31 8.69
C PHE A 65 -23.87 29.83 8.63
N ASP A 66 -24.56 30.48 7.71
CA ASP A 66 -24.41 31.92 7.51
C ASP A 66 -25.33 32.75 8.40
N GLY A 67 -26.17 32.11 9.22
CA GLY A 67 -27.01 32.81 10.15
C GLY A 67 -28.44 33.04 9.70
N ASP A 68 -28.86 32.45 8.58
CA ASP A 68 -30.22 32.61 8.10
C ASP A 68 -31.13 31.62 8.81
N VAL A 69 -32.07 32.13 9.60
CA VAL A 69 -33.03 31.32 10.35
C VAL A 69 -34.35 31.33 9.60
N PHE A 70 -34.84 30.13 9.26
CA PHE A 70 -36.10 29.99 8.54
C PHE A 70 -36.82 28.75 9.03
N ARG A 71 -38.05 28.55 8.54
CA ARG A 71 -38.84 27.37 8.87
C ARG A 71 -39.20 26.64 7.58
N PHE A 72 -39.04 25.32 7.58
CA PHE A 72 -39.38 24.49 6.44
C PHE A 72 -40.00 23.19 6.95
N PRO A 73 -41.34 23.08 6.92
CA PRO A 73 -42.03 21.90 7.45
C PRO A 73 -42.02 20.70 6.50
N GLY A 74 -40.83 20.27 6.11
CA GLY A 74 -40.68 19.12 5.24
C GLY A 74 -40.43 17.86 6.03
N LEU A 75 -41.18 16.80 5.70
CA LEU A 75 -41.08 15.51 6.38
C LEU A 75 -40.39 14.46 5.52
N CYS A 76 -39.74 14.86 4.44
CA CYS A 76 -39.07 13.93 3.54
C CYS A 76 -37.62 13.76 3.99
N ASN A 77 -36.82 13.10 3.16
CA ASN A 77 -35.39 12.94 3.42
C ASN A 77 -34.65 14.06 2.70
N TYR A 78 -33.88 14.83 3.46
CA TYR A 78 -33.22 16.02 2.94
C TYR A 78 -31.73 15.98 3.28
N VAL A 79 -30.93 16.68 2.48
CA VAL A 79 -29.49 16.76 2.70
C VAL A 79 -29.23 17.86 3.72
N PHE A 80 -28.83 17.48 4.93
CA PHE A 80 -28.53 18.46 5.96
C PHE A 80 -27.30 19.29 5.59
N SER A 81 -26.21 18.61 5.22
CA SER A 81 -24.99 19.27 4.78
C SER A 81 -24.05 18.26 4.14
N GLU A 82 -23.45 18.62 3.01
CA GLU A 82 -22.51 17.74 2.31
C GLU A 82 -21.41 18.58 1.68
N HIS A 83 -20.26 17.94 1.47
CA HIS A 83 -19.07 18.62 0.95
C HIS A 83 -19.05 18.49 -0.57
N CYS A 84 -19.79 19.37 -1.23
CA CYS A 84 -19.90 19.36 -2.68
C CYS A 84 -18.89 20.26 -3.38
N GLY A 85 -18.01 20.92 -2.63
CA GLY A 85 -17.05 21.84 -3.20
C GLY A 85 -15.75 21.21 -3.65
N ALA A 86 -15.64 19.88 -3.59
CA ALA A 86 -14.42 19.19 -4.00
C ALA A 86 -14.79 18.00 -4.87
N ALA A 87 -13.78 17.48 -5.59
CA ALA A 87 -14.00 16.30 -6.42
C ALA A 87 -14.36 15.09 -5.56
N TYR A 88 -13.75 14.97 -4.39
CA TYR A 88 -14.05 13.91 -3.43
C TYR A 88 -14.81 14.51 -2.26
N GLU A 89 -15.90 13.86 -1.87
CA GLU A 89 -16.78 14.38 -0.83
C GLU A 89 -16.34 13.83 0.53
N ASP A 90 -15.97 14.74 1.44
CA ASP A 90 -15.51 14.33 2.75
C ASP A 90 -16.66 13.86 3.63
N PHE A 91 -17.80 14.55 3.58
CA PHE A 91 -18.93 14.20 4.43
C PHE A 91 -20.23 14.41 3.67
N ASN A 92 -21.27 13.70 4.12
CA ASN A 92 -22.61 13.80 3.52
C ASN A 92 -23.60 13.39 4.60
N ILE A 93 -24.29 14.36 5.19
CA ILE A 93 -25.21 14.13 6.28
C ILE A 93 -26.62 14.41 5.80
N GLN A 94 -27.53 13.45 6.02
CA GLN A 94 -28.93 13.59 5.66
C GLN A 94 -29.80 13.28 6.88
N LEU A 95 -30.93 13.96 6.96
CA LEU A 95 -31.86 13.81 8.08
C LEU A 95 -33.28 13.64 7.56
N ARG A 96 -34.08 12.89 8.32
CA ARG A 96 -35.47 12.63 7.98
CA ARG A 96 -35.47 12.63 7.98
C ARG A 96 -36.35 12.85 9.19
N ARG A 97 -37.54 13.38 8.96
CA ARG A 97 -38.50 13.68 10.02
C ARG A 97 -39.75 12.83 9.86
N SER A 98 -40.42 12.60 10.99
CA SER A 98 -41.66 11.85 11.05
C SER A 98 -42.62 12.56 11.99
N GLN A 99 -43.91 12.36 11.74
CA GLN A 99 -44.96 12.96 12.55
C GLN A 99 -45.51 11.96 13.58
N ALA A 103 -46.04 15.37 16.13
CA ALA A 103 -44.81 15.99 16.61
C ALA A 103 -43.70 15.88 15.56
N PRO A 104 -42.98 16.97 15.34
CA PRO A 104 -41.89 16.95 14.36
C PRO A 104 -40.67 16.18 14.87
N THR A 105 -40.77 14.85 14.92
CA THR A 105 -39.68 14.05 15.44
C THR A 105 -38.66 13.76 14.35
N LEU A 106 -37.42 13.50 14.77
CA LEU A 106 -36.36 13.08 13.86
C LEU A 106 -36.26 11.56 13.89
N SER A 107 -36.41 10.94 12.72
CA SER A 107 -36.46 9.48 12.65
C SER A 107 -35.14 8.85 12.24
N ARG A 108 -34.42 9.45 11.30
CA ARG A 108 -33.18 8.86 10.80
C ARG A 108 -32.18 9.96 10.48
N VAL A 109 -30.92 9.71 10.81
CA VAL A 109 -29.81 10.57 10.41
C VAL A 109 -28.77 9.70 9.72
N LEU A 110 -28.49 10.00 8.45
CA LEU A 110 -27.54 9.25 7.65
C LEU A 110 -26.29 10.08 7.43
N MET A 111 -25.14 9.53 7.79
CA MET A 111 -23.86 10.22 7.65
C MET A 111 -22.90 9.36 6.84
N LYS A 112 -22.29 9.97 5.82
CA LYS A 112 -21.20 9.36 5.06
C LYS A 112 -19.94 10.14 5.37
N VAL A 113 -19.05 9.55 6.16
CA VAL A 113 -17.83 10.21 6.61
C VAL A 113 -16.66 9.38 6.11
N ASP A 114 -16.07 9.78 4.98
CA ASP A 114 -14.85 9.19 4.45
C ASP A 114 -14.96 7.67 4.35
N GLY A 115 -16.08 7.21 3.78
CA GLY A 115 -16.32 5.79 3.60
C GLY A 115 -16.98 5.09 4.76
N VAL A 116 -17.29 5.81 5.85
CA VAL A 116 -17.97 5.22 7.00
C VAL A 116 -19.42 5.67 6.97
N VAL A 117 -20.34 4.71 7.03
CA VAL A 117 -21.78 4.99 6.98
C VAL A 117 -22.34 4.82 8.39
N ILE A 118 -22.92 5.89 8.91
CA ILE A 118 -23.50 5.90 10.25
C ILE A 118 -24.98 6.23 10.13
N GLN A 119 -25.83 5.34 10.63
CA GLN A 119 -27.27 5.53 10.66
C GLN A 119 -27.70 5.66 12.11
N LEU A 120 -28.26 6.81 12.46
CA LEU A 120 -28.73 7.09 13.82
C LEU A 120 -30.25 7.11 13.81
N THR A 121 -30.85 6.24 14.61
CA THR A 121 -32.29 6.21 14.82
C THR A 121 -32.56 6.14 16.32
N LYS A 122 -33.82 6.32 16.69
CA LYS A 122 -34.17 6.37 18.11
C LYS A 122 -33.85 5.04 18.77
N GLY A 123 -32.80 5.02 19.58
CA GLY A 123 -32.37 3.81 20.26
C GLY A 123 -31.52 2.88 19.43
N SER A 124 -30.98 3.33 18.30
CA SER A 124 -30.16 2.45 17.47
C SER A 124 -29.08 3.26 16.76
N VAL A 125 -27.87 2.71 16.76
CA VAL A 125 -26.74 3.27 16.04
C VAL A 125 -26.14 2.16 15.18
N LEU A 126 -26.14 2.36 13.86
CA LEU A 126 -25.62 1.39 12.92
C LEU A 126 -24.39 1.96 12.24
N VAL A 127 -23.32 1.17 12.15
CA VAL A 127 -22.10 1.55 11.46
C VAL A 127 -21.84 0.52 10.37
N ASN A 128 -21.90 0.96 9.12
CA ASN A 128 -21.74 0.08 7.95
C ASN A 128 -22.72 -1.08 7.98
N GLY A 129 -23.94 -0.81 8.45
CA GLY A 129 -24.98 -1.81 8.49
C GLY A 129 -24.94 -2.74 9.67
N HIS A 130 -24.05 -2.50 10.64
CA HIS A 130 -23.90 -3.37 11.79
C HIS A 130 -24.19 -2.58 13.07
N PRO A 131 -25.09 -3.07 13.93
CA PRO A 131 -25.30 -2.39 15.21
C PRO A 131 -24.04 -2.40 16.05
N VAL A 132 -23.83 -1.30 16.78
CA VAL A 132 -22.62 -1.12 17.58
C VAL A 132 -23.01 -0.72 18.99
N LEU A 133 -22.07 -0.90 19.91
CA LEU A 133 -22.23 -0.53 21.31
C LEU A 133 -21.41 0.72 21.59
N LEU A 134 -22.06 1.74 22.13
CA LEU A 134 -21.36 2.99 22.39
C LEU A 134 -20.62 2.94 23.72
N PRO A 135 -19.46 3.62 23.83
CA PRO A 135 -18.78 4.44 22.80
C PRO A 135 -18.17 3.59 21.70
N PHE A 136 -18.12 4.10 20.48
CA PHE A 136 -17.63 3.35 19.32
C PHE A 136 -16.68 4.23 18.54
N SER A 137 -15.42 3.81 18.45
CA SER A 137 -14.39 4.54 17.70
C SER A 137 -13.93 3.69 16.54
N GLN A 138 -13.93 4.27 15.34
CA GLN A 138 -13.53 3.54 14.15
C GLN A 138 -13.23 4.52 13.03
N SER A 139 -12.07 4.36 12.38
CA SER A 139 -11.69 5.12 11.19
C SER A 139 -11.76 6.63 11.44
N GLY A 140 -11.32 7.06 12.62
CA GLY A 140 -11.33 8.47 12.96
C GLY A 140 -12.68 9.03 13.30
N VAL A 141 -13.68 8.19 13.50
CA VAL A 141 -15.03 8.64 13.85
C VAL A 141 -15.37 8.07 15.22
N LEU A 142 -15.77 8.94 16.14
CA LEU A 142 -16.13 8.54 17.50
C LEU A 142 -17.59 8.87 17.75
N ILE A 143 -18.36 7.85 18.12
CA ILE A 143 -19.79 8.00 18.43
C ILE A 143 -19.98 7.69 19.90
N GLN A 144 -20.55 8.64 20.65
CA GLN A 144 -20.72 8.47 22.08
C GLN A 144 -22.06 9.07 22.52
N GLN A 145 -22.74 8.37 23.42
CA GLN A 145 -24.03 8.80 23.94
C GLN A 145 -23.87 9.32 25.36
N SER A 146 -24.53 10.45 25.64
CA SER A 146 -24.54 11.04 26.96
C SER A 146 -25.97 11.07 27.49
N SER A 147 -26.16 11.70 28.64
CA SER A 147 -27.48 11.78 29.25
C SER A 147 -28.44 12.67 28.46
N SER A 148 -27.96 13.48 27.53
CA SER A 148 -28.80 14.41 26.80
C SER A 148 -28.55 14.44 25.30
N TYR A 149 -27.56 13.70 24.79
CA TYR A 149 -27.22 13.82 23.38
C TYR A 149 -26.53 12.57 22.88
N THR A 150 -26.47 12.45 21.56
CA THR A 150 -25.61 11.51 20.85
C THR A 150 -24.67 12.33 19.99
N LYS A 151 -23.37 12.16 20.20
CA LYS A 151 -22.34 12.96 19.53
C LYS A 151 -21.53 12.07 18.60
N VAL A 152 -21.37 12.54 17.35
CA VAL A 152 -20.51 11.89 16.37
C VAL A 152 -19.44 12.90 15.98
N GLU A 153 -18.19 12.61 16.32
CA GLU A 153 -17.06 13.46 16.02
C GLU A 153 -16.20 12.81 14.95
N ALA A 154 -15.95 13.54 13.87
CA ALA A 154 -15.11 13.08 12.77
C ALA A 154 -13.84 13.92 12.73
N ARG A 155 -12.70 13.23 12.77
CA ARG A 155 -11.39 13.88 12.85
C ARG A 155 -11.09 14.75 11.64
N LEU A 156 -11.81 14.56 10.53
CA LEU A 156 -11.67 15.48 9.42
C LEU A 156 -12.23 16.86 9.75
N GLY A 157 -12.89 17.01 10.89
CA GLY A 157 -13.26 18.32 11.38
C GLY A 157 -14.75 18.60 11.52
N LEU A 158 -15.55 17.58 11.86
CA LEU A 158 -16.98 17.82 12.03
C LEU A 158 -17.46 17.24 13.35
N VAL A 159 -18.49 17.85 13.91
CA VAL A 159 -19.14 17.38 15.12
C VAL A 159 -20.65 17.45 14.90
N LEU A 160 -21.33 16.32 15.08
CA LEU A 160 -22.78 16.27 14.98
C LEU A 160 -23.38 15.90 16.33
N MET A 161 -24.43 16.63 16.72
CA MET A 161 -25.10 16.44 18.00
C MET A 161 -26.58 16.19 17.73
N TRP A 162 -27.08 15.03 18.16
CA TRP A 162 -28.50 14.74 18.12
C TRP A 162 -28.97 14.73 19.56
N ASN A 163 -29.63 15.82 19.98
CA ASN A 163 -30.02 15.97 21.37
C ASN A 163 -31.36 15.29 21.62
N HIS A 164 -31.77 15.26 22.89
CA HIS A 164 -33.01 14.59 23.28
C HIS A 164 -34.23 15.52 23.24
N ASP A 165 -34.04 16.81 22.96
CA ASP A 165 -35.16 17.68 22.60
C ASP A 165 -35.35 17.75 21.09
N ASP A 166 -34.82 16.76 20.37
CA ASP A 166 -35.00 16.62 18.92
C ASP A 166 -34.37 17.80 18.18
N SER A 167 -33.11 18.06 18.47
CA SER A 167 -32.33 19.09 17.80
C SER A 167 -31.07 18.47 17.22
N LEU A 168 -30.80 18.74 15.95
CA LEU A 168 -29.63 18.25 15.25
C LEU A 168 -28.73 19.44 14.95
N LEU A 169 -27.56 19.48 15.57
CA LEU A 169 -26.62 20.59 15.46
C LEU A 169 -25.32 20.09 14.84
N LEU A 170 -24.85 20.79 13.81
CA LEU A 170 -23.62 20.43 13.12
C LEU A 170 -22.63 21.56 13.22
N GLU A 171 -21.41 21.25 13.66
CA GLU A 171 -20.31 22.20 13.73
C GLU A 171 -19.21 21.73 12.80
N LEU A 172 -18.77 22.61 11.90
CA LEU A 172 -17.81 22.28 10.86
C LEU A 172 -16.51 23.04 11.05
N ASP A 173 -15.41 22.44 10.63
CA ASP A 173 -14.14 23.13 10.58
C ASP A 173 -14.20 24.26 9.56
N THR A 174 -13.42 25.31 9.80
CA THR A 174 -13.41 26.45 8.90
C THR A 174 -12.82 26.15 7.53
N LYS A 175 -12.14 25.02 7.37
CA LYS A 175 -11.59 24.63 6.08
C LYS A 175 -12.68 24.23 5.08
N TYR A 176 -13.90 23.97 5.54
CA TYR A 176 -15.00 23.61 4.67
C TYR A 176 -15.82 24.81 4.23
N ALA A 177 -15.41 26.02 4.59
CA ALA A 177 -16.15 27.21 4.20
C ALA A 177 -16.19 27.36 2.69
N ASN A 178 -17.33 27.83 2.17
CA ASN A 178 -17.57 28.05 0.75
C ASN A 178 -17.51 26.77 -0.06
N LYS A 179 -17.72 25.62 0.57
CA LYS A 179 -17.62 24.34 -0.12
C LYS A 179 -18.73 23.35 0.24
N THR A 180 -19.80 23.80 0.88
CA THR A 180 -20.87 22.93 1.32
C THR A 180 -22.18 23.27 0.63
N CYS A 181 -23.14 22.37 0.74
CA CYS A 181 -24.49 22.60 0.25
C CYS A 181 -25.47 21.77 1.07
N GLY A 182 -26.74 22.13 0.99
CA GLY A 182 -27.78 21.47 1.73
C GLY A 182 -28.64 22.49 2.46
N LEU A 183 -29.40 22.00 3.45
CA LEU A 183 -30.25 22.88 4.23
C LEU A 183 -29.47 23.85 5.09
N CYS A 184 -28.18 23.60 5.30
CA CYS A 184 -27.36 24.43 6.17
C CYS A 184 -26.62 25.53 5.42
N GLY A 185 -26.90 25.71 4.13
CA GLY A 185 -26.28 26.78 3.36
C GLY A 185 -24.94 26.40 2.78
N ASP A 186 -24.36 27.36 2.06
CA ASP A 186 -23.10 27.16 1.37
C ASP A 186 -21.88 27.57 2.21
N PHE A 187 -22.11 28.10 3.41
CA PHE A 187 -21.04 28.34 4.39
C PHE A 187 -19.98 29.29 3.83
N ASN A 188 -20.42 30.51 3.51
CA ASN A 188 -19.52 31.55 3.01
C ASN A 188 -19.64 32.86 3.79
N GLY A 189 -20.39 32.89 4.89
CA GLY A 189 -20.50 34.09 5.70
C GLY A 189 -21.52 35.10 5.25
N MET A 190 -22.29 34.81 4.20
CA MET A 190 -23.31 35.72 3.70
C MET A 190 -24.64 34.99 3.67
N PRO A 191 -25.69 35.55 4.28
CA PRO A 191 -26.89 34.73 4.57
C PRO A 191 -27.70 34.36 3.34
N VAL A 192 -27.96 35.31 2.45
CA VAL A 192 -28.91 35.12 1.35
C VAL A 192 -28.22 34.64 0.09
N VAL A 193 -27.07 35.22 -0.25
CA VAL A 193 -26.42 34.95 -1.52
C VAL A 193 -25.98 33.49 -1.58
N SER A 194 -26.21 32.86 -2.73
CA SER A 194 -25.81 31.49 -3.09
C SER A 194 -26.65 30.43 -2.40
N GLU A 195 -27.63 30.80 -1.58
CA GLU A 195 -28.55 29.83 -0.99
C GLU A 195 -29.99 30.08 -1.39
N LEU A 196 -30.43 31.34 -1.41
CA LEU A 196 -31.78 31.70 -1.81
C LEU A 196 -31.84 32.20 -3.25
N LEU A 197 -30.76 32.02 -4.02
CA LEU A 197 -30.69 32.44 -5.41
C LEU A 197 -30.39 31.21 -6.26
N SER A 198 -31.28 30.91 -7.21
CA SER A 198 -31.03 29.83 -8.16
C SER A 198 -30.40 30.37 -9.44
N HIS A 199 -31.12 31.25 -10.15
CA HIS A 199 -30.56 31.98 -11.29
C HIS A 199 -31.07 33.42 -11.18
N ASN A 200 -30.34 34.24 -10.42
CA ASN A 200 -30.62 35.66 -10.22
C ASN A 200 -31.97 35.92 -9.56
N THR A 201 -32.70 34.88 -9.17
CA THR A 201 -34.03 35.02 -8.59
C THR A 201 -33.95 34.85 -7.08
N LYS A 202 -35.11 34.96 -6.43
CA LYS A 202 -35.22 34.84 -4.98
C LYS A 202 -35.98 33.58 -4.63
N LEU A 203 -35.40 32.74 -3.79
CA LEU A 203 -36.00 31.47 -3.39
C LEU A 203 -36.62 31.61 -2.01
N THR A 204 -37.90 31.25 -1.90
CA THR A 204 -38.55 31.20 -0.60
C THR A 204 -37.97 30.05 0.22
N PRO A 205 -38.04 30.13 1.55
CA PRO A 205 -37.50 29.04 2.38
C PRO A 205 -38.10 27.67 2.04
N MET A 206 -39.38 27.62 1.68
CA MET A 206 -39.98 26.35 1.30
C MET A 206 -39.37 25.81 0.01
N GLU A 207 -39.17 26.67 -0.98
CA GLU A 207 -38.53 26.25 -2.23
C GLU A 207 -37.10 25.79 -1.97
N PHE A 208 -36.36 26.53 -1.14
CA PHE A 208 -34.99 26.16 -0.83
C PHE A 208 -34.94 24.82 -0.12
N GLY A 209 -35.86 24.58 0.81
CA GLY A 209 -35.90 23.29 1.48
C GLY A 209 -36.26 22.16 0.54
N ASN A 210 -37.22 22.40 -0.37
CA ASN A 210 -37.60 21.37 -1.32
C ASN A 210 -36.47 21.06 -2.30
N LEU A 211 -35.63 22.05 -2.61
CA LEU A 211 -34.52 21.83 -3.53
C LEU A 211 -33.46 20.88 -2.97
N GLN A 212 -33.46 20.64 -1.66
CA GLN A 212 -32.46 19.80 -1.03
C GLN A 212 -32.97 18.40 -0.70
N LYS A 213 -34.04 17.97 -1.36
CA LYS A 213 -34.59 16.64 -1.11
C LYS A 213 -33.71 15.57 -1.78
N MET A 214 -33.57 14.44 -1.09
CA MET A 214 -32.92 13.25 -1.63
C MET A 214 -33.77 12.05 -1.20
N ASP A 215 -34.68 11.64 -2.07
CA ASP A 215 -35.67 10.63 -1.72
C ASP A 215 -35.04 9.24 -1.67
N ASP A 216 -35.75 8.34 -1.00
CA ASP A 216 -35.37 6.93 -1.00
C ASP A 216 -35.69 6.29 -2.34
N PRO A 217 -35.07 5.14 -2.65
CA PRO A 217 -35.31 4.52 -3.96
C PRO A 217 -36.76 4.22 -4.26
N THR A 218 -37.55 3.84 -3.26
CA THR A 218 -38.95 3.51 -3.46
C THR A 218 -39.92 4.41 -2.70
N ASP A 219 -39.43 5.30 -1.84
CA ASP A 219 -40.28 6.18 -1.04
C ASP A 219 -40.24 7.58 -1.66
N GLN A 220 -41.17 7.85 -2.57
CA GLN A 220 -41.33 9.18 -3.16
C GLN A 220 -42.17 10.02 -2.21
N CYS A 221 -41.50 10.60 -1.22
CA CYS A 221 -42.18 11.41 -0.22
C CYS A 221 -42.71 12.69 -0.87
N GLN A 222 -43.96 13.03 -0.57
CA GLN A 222 -44.58 14.20 -1.18
C GLN A 222 -44.08 15.48 -0.51
N ASP A 223 -43.87 16.50 -1.33
CA ASP A 223 -43.43 17.79 -0.80
C ASP A 223 -44.53 18.43 0.03
N PRO A 224 -44.17 19.18 1.07
CA PRO A 224 -45.19 19.82 1.92
C PRO A 224 -46.00 20.84 1.13
N VAL A 225 -47.29 20.92 1.47
CA VAL A 225 -48.20 21.88 0.84
C VAL A 225 -48.23 23.14 1.68
N PRO A 226 -48.01 24.31 1.08
CA PRO A 226 -48.05 25.56 1.87
C PRO A 226 -49.42 25.77 2.50
N GLU A 227 -49.41 26.31 3.72
CA GLU A 227 -50.63 26.57 4.46
C GLU A 227 -50.82 28.06 4.67
N PRO A 228 -52.06 28.54 4.72
CA PRO A 228 -52.28 29.96 5.00
C PRO A 228 -51.84 30.29 6.41
N PRO A 229 -51.36 31.51 6.64
CA PRO A 229 -50.97 31.90 8.00
C PRO A 229 -52.18 31.92 8.92
N ARG A 230 -52.03 31.25 10.08
CA ARG A 230 -53.14 31.13 11.02
C ARG A 230 -53.48 32.46 11.69
N ASN A 231 -52.60 33.46 11.59
CA ASN A 231 -52.76 34.72 12.30
C ASN A 231 -52.92 34.48 13.80
N CYS A 232 -52.18 33.50 14.31
CA CYS A 232 -52.25 33.10 15.71
C CYS A 232 -51.49 34.07 16.61
N PHE A 236 -46.09 41.80 22.21
CA PHE A 236 -45.55 41.51 23.52
C PHE A 236 -46.29 40.34 24.16
N GLY A 237 -45.55 39.27 24.44
CA GLY A 237 -46.13 38.07 25.02
C GLY A 237 -45.14 37.39 25.94
N ILE A 238 -45.40 36.11 26.21
CA ILE A 238 -44.53 35.35 27.12
C ILE A 238 -43.15 35.15 26.51
N CYS A 239 -43.08 34.88 25.20
CA CYS A 239 -41.78 34.73 24.55
C CYS A 239 -40.96 36.00 24.65
N GLU A 240 -41.60 37.15 24.45
CA GLU A 240 -40.89 38.43 24.55
C GLU A 240 -40.38 38.67 25.96
N GLU A 241 -41.20 38.39 26.97
CA GLU A 241 -40.76 38.58 28.35
C GLU A 241 -39.61 37.63 28.70
N LEU A 242 -39.69 36.39 28.22
CA LEU A 242 -38.65 35.41 28.55
C LEU A 242 -37.33 35.76 27.88
N LEU A 243 -37.36 36.06 26.57
CA LEU A 243 -36.13 36.30 25.83
C LEU A 243 -35.54 37.67 26.10
N HIS A 244 -36.36 38.69 26.30
CA HIS A 244 -35.88 40.04 26.58
C HIS A 244 -35.68 40.29 28.06
N GLY A 245 -35.90 39.30 28.91
CA GLY A 245 -35.74 39.46 30.33
C GLY A 245 -34.28 39.38 30.76
N GLN A 246 -34.09 39.35 32.08
CA GLN A 246 -32.75 39.29 32.65
C GLN A 246 -32.13 37.89 32.59
N LEU A 247 -32.89 36.87 32.19
CA LEU A 247 -32.32 35.54 32.05
C LEU A 247 -31.22 35.51 31.00
N PHE A 248 -31.44 36.18 29.87
CA PHE A 248 -30.46 36.28 28.79
C PHE A 248 -30.03 37.74 28.71
N SER A 249 -29.02 38.11 29.49
CA SER A 249 -28.49 39.46 29.50
C SER A 249 -27.18 39.56 28.72
N GLY A 250 -26.23 38.68 29.01
CA GLY A 250 -24.99 38.63 28.25
C GLY A 250 -25.10 37.91 26.92
N CYS A 251 -26.24 37.27 26.65
CA CYS A 251 -26.44 36.55 25.40
C CYS A 251 -27.05 37.43 24.32
N VAL A 252 -27.80 38.48 24.70
CA VAL A 252 -28.42 39.34 23.71
C VAL A 252 -27.38 40.13 22.94
N ALA A 253 -26.36 40.63 23.65
CA ALA A 253 -25.33 41.43 22.99
C ALA A 253 -24.48 40.63 22.01
N LEU A 254 -24.55 39.30 22.07
CA LEU A 254 -23.77 38.45 21.18
C LEU A 254 -24.60 37.85 20.05
N VAL A 255 -25.79 37.34 20.35
CA VAL A 255 -26.67 36.72 19.37
C VAL A 255 -27.98 37.49 19.34
N ASP A 256 -28.43 37.87 18.15
CA ASP A 256 -29.69 38.59 18.00
C ASP A 256 -30.86 37.71 18.40
N VAL A 257 -31.88 38.34 18.99
CA VAL A 257 -33.00 37.64 19.60
C VAL A 257 -34.17 37.55 18.62
N GLY A 258 -34.24 38.52 17.69
CA GLY A 258 -35.43 38.66 16.87
C GLY A 258 -35.81 37.41 16.11
N SER A 259 -34.82 36.75 15.49
CA SER A 259 -35.10 35.49 14.80
C SER A 259 -35.57 34.43 15.77
N TYR A 260 -34.90 34.32 16.92
CA TYR A 260 -35.29 33.32 17.91
C TYR A 260 -36.61 33.70 18.60
N LEU A 261 -36.88 35.00 18.75
CA LEU A 261 -38.20 35.42 19.24
C LEU A 261 -39.30 35.01 18.28
N GLU A 262 -39.08 35.23 16.98
CA GLU A 262 -40.07 34.84 15.98
C GLU A 262 -40.27 33.33 15.99
N ALA A 263 -39.17 32.58 16.13
CA ALA A 263 -39.25 31.13 16.23
C ALA A 263 -40.02 30.69 17.49
N CYS A 264 -39.82 31.40 18.60
CA CYS A 264 -40.56 31.10 19.82
C CYS A 264 -42.06 31.32 19.60
N ARG A 265 -42.42 32.40 18.92
CA ARG A 265 -43.83 32.64 18.62
C ARG A 265 -44.41 31.54 17.75
N GLN A 266 -43.67 31.10 16.73
CA GLN A 266 -44.14 30.01 15.89
C GLN A 266 -44.29 28.71 16.68
N ASP A 267 -43.31 28.41 17.54
CA ASP A 267 -43.39 27.20 18.36
C ASP A 267 -44.61 27.24 19.28
N LEU A 268 -44.89 28.41 19.86
CA LEU A 268 -46.08 28.56 20.69
C LEU A 268 -47.34 28.36 19.87
N CYS A 269 -47.40 28.93 18.67
CA CYS A 269 -48.62 28.87 17.88
C CYS A 269 -48.91 27.45 17.39
N PHE A 270 -47.86 26.69 17.07
CA PHE A 270 -48.00 25.30 16.63
C PHE A 270 -47.94 24.32 17.80
N CYS A 271 -48.31 24.75 19.00
CA CYS A 271 -48.26 23.87 20.17
C CYS A 271 -49.27 22.74 20.03
N GLU A 272 -48.89 21.56 20.53
CA GLU A 272 -49.76 20.40 20.56
C GLU A 272 -50.46 20.21 21.89
N ASP A 273 -49.88 20.71 22.98
CA ASP A 273 -50.45 20.63 24.32
C ASP A 273 -51.02 22.00 24.72
N THR A 274 -51.63 22.03 25.90
CA THR A 274 -52.28 23.25 26.39
C THR A 274 -51.33 24.16 27.14
N ASP A 275 -50.39 23.59 27.91
CA ASP A 275 -49.47 24.40 28.70
C ASP A 275 -48.51 25.14 27.78
N LEU A 276 -48.56 26.47 27.82
CA LEU A 276 -47.70 27.28 26.96
C LEU A 276 -46.25 27.29 27.42
N LEU A 277 -45.99 26.95 28.70
CA LEU A 277 -44.62 26.95 29.20
C LEU A 277 -43.80 25.79 28.66
N SER A 278 -44.44 24.78 28.06
CA SER A 278 -43.72 23.61 27.56
C SER A 278 -43.33 23.73 26.11
N CYS A 279 -43.95 24.64 25.35
CA CYS A 279 -43.62 24.83 23.95
C CYS A 279 -42.47 25.81 23.72
N VAL A 280 -42.01 26.49 24.77
CA VAL A 280 -40.91 27.45 24.65
C VAL A 280 -39.58 26.84 25.04
N CYS A 281 -39.55 25.59 25.50
CA CYS A 281 -38.29 24.98 25.94
C CYS A 281 -37.32 24.81 24.78
N HIS A 282 -37.82 24.39 23.61
CA HIS A 282 -36.93 24.08 22.49
C HIS A 282 -36.21 25.33 21.99
N THR A 283 -36.97 26.41 21.76
CA THR A 283 -36.36 27.62 21.23
C THR A 283 -35.40 28.26 22.23
N LEU A 284 -35.77 28.26 23.52
CA LEU A 284 -34.89 28.81 24.54
C LEU A 284 -33.60 28.00 24.66
N ALA A 285 -33.72 26.66 24.61
CA ALA A 285 -32.53 25.81 24.64
C ALA A 285 -31.64 26.06 23.43
N GLU A 286 -32.24 26.22 22.25
CA GLU A 286 -31.46 26.50 21.05
C GLU A 286 -30.75 27.85 21.16
N TYR A 287 -31.44 28.86 21.70
CA TYR A 287 -30.81 30.16 21.89
C TYR A 287 -29.66 30.08 22.88
N SER A 288 -29.82 29.30 23.95
CA SER A 288 -28.73 29.10 24.89
C SER A 288 -27.55 28.40 24.23
N ARG A 289 -27.84 27.41 23.38
CA ARG A 289 -26.77 26.74 22.64
C ARG A 289 -26.01 27.71 21.74
N GLN A 290 -26.75 28.57 21.03
CA GLN A 290 -26.10 29.54 20.15
C GLN A 290 -25.30 30.54 20.96
N CYS A 291 -25.79 30.93 22.15
CA CYS A 291 -25.03 31.81 23.01
C CYS A 291 -23.74 31.16 23.48
N THR A 292 -23.79 29.86 23.81
CA THR A 292 -22.56 29.14 24.16
C THR A 292 -21.60 29.12 22.97
N HIS A 293 -22.11 28.92 21.76
CA HIS A 293 -21.27 28.93 20.58
C HIS A 293 -20.77 30.32 20.23
N ALA A 294 -21.34 31.36 20.84
CA ALA A 294 -20.94 32.74 20.57
C ALA A 294 -19.88 33.25 21.55
N GLY A 295 -19.40 32.41 22.45
CA GLY A 295 -18.46 32.85 23.47
C GLY A 295 -19.10 33.43 24.71
N GLY A 296 -20.41 33.30 24.88
CA GLY A 296 -21.09 33.81 26.04
C GLY A 296 -21.17 32.79 27.17
N LEU A 297 -21.71 33.25 28.30
CA LEU A 297 -21.83 32.44 29.52
C LEU A 297 -23.28 32.47 29.96
N PRO A 298 -24.14 31.66 29.33
CA PRO A 298 -25.55 31.64 29.71
C PRO A 298 -25.74 31.19 31.15
N GLN A 299 -26.74 31.78 31.81
CA GLN A 299 -27.10 31.41 33.17
C GLN A 299 -28.28 30.45 33.15
N ASP A 300 -28.34 29.60 34.17
CA ASP A 300 -29.40 28.59 34.23
C ASP A 300 -30.77 29.26 34.30
N TRP A 301 -31.69 28.78 33.47
CA TRP A 301 -33.03 29.31 33.41
C TRP A 301 -34.11 28.26 33.62
N ARG A 302 -33.76 26.98 33.63
CA ARG A 302 -34.73 25.92 33.84
C ARG A 302 -35.13 25.84 35.30
N GLY A 303 -36.04 24.93 35.62
CA GLY A 303 -36.51 24.75 36.97
C GLY A 303 -37.29 23.45 37.13
N PRO A 304 -37.79 23.21 38.34
CA PRO A 304 -38.60 21.99 38.55
C PRO A 304 -39.84 21.93 37.68
N ASP A 305 -40.44 23.08 37.36
CA ASP A 305 -41.61 23.13 36.51
C ASP A 305 -41.40 23.87 35.20
N PHE A 306 -40.36 24.69 35.09
CA PHE A 306 -40.05 25.42 33.86
C PHE A 306 -38.99 24.62 33.10
N CYS A 307 -39.45 23.79 32.15
CA CYS A 307 -38.61 22.93 31.34
C CYS A 307 -37.70 22.10 32.23
N PRO A 308 -38.24 21.11 32.95
CA PRO A 308 -37.40 20.34 33.88
C PRO A 308 -36.52 19.34 33.16
N GLN A 309 -35.28 19.25 33.63
CA GLN A 309 -34.29 18.32 33.08
C GLN A 309 -33.81 17.40 34.19
N LYS A 310 -33.76 16.10 33.91
CA LYS A 310 -33.33 15.11 34.87
C LYS A 310 -31.92 14.66 34.56
N CYS A 311 -31.15 14.39 35.61
CA CYS A 311 -29.76 13.96 35.46
C CYS A 311 -29.53 12.68 36.26
N PRO A 312 -28.65 11.81 35.78
CA PRO A 312 -28.36 10.58 36.53
C PRO A 312 -27.62 10.85 37.82
N ASN A 313 -27.84 9.97 38.80
CA ASN A 313 -27.15 10.01 40.10
C ASN A 313 -27.41 11.37 40.74
N ASN A 314 -26.39 12.05 41.28
CA ASN A 314 -26.56 13.35 41.91
C ASN A 314 -26.10 14.49 41.03
N MET A 315 -25.93 14.24 39.73
CA MET A 315 -25.53 15.30 38.81
C MET A 315 -26.63 16.33 38.67
N GLN A 316 -26.23 17.56 38.34
CA GLN A 316 -27.17 18.65 38.14
C GLN A 316 -27.04 19.18 36.72
N TYR A 317 -28.16 19.63 36.18
CA TYR A 317 -28.20 20.18 34.82
C TYR A 317 -27.83 21.65 34.84
N HIS A 318 -26.82 22.01 34.04
CA HIS A 318 -26.36 23.39 33.94
C HIS A 318 -26.30 23.80 32.48
N GLU A 319 -26.50 25.09 32.24
CA GLU A 319 -26.51 25.61 30.88
C GLU A 319 -25.13 25.93 30.34
N CYS A 320 -24.15 26.16 31.21
CA CYS A 320 -22.81 26.55 30.75
C CYS A 320 -21.78 26.03 31.76
N ARG A 321 -21.19 24.88 31.45
CA ARG A 321 -20.06 24.35 32.20
C ARG A 321 -19.10 23.67 31.22
N SER A 322 -17.87 23.47 31.67
CA SER A 322 -16.84 22.91 30.80
C SER A 322 -17.18 21.47 30.44
N PRO A 323 -17.12 21.10 29.16
CA PRO A 323 -17.37 19.70 28.79
C PRO A 323 -16.32 18.73 29.29
N CYS A 324 -15.12 19.22 29.62
CA CYS A 324 -14.05 18.38 30.13
C CYS A 324 -14.35 18.10 31.61
N ALA A 325 -15.04 16.99 31.86
CA ALA A 325 -15.46 16.66 33.21
C ALA A 325 -14.35 15.93 33.95
N ASP A 326 -14.05 16.37 35.16
CA ASP A 326 -13.04 15.73 35.98
C ASP A 326 -13.58 14.41 36.53
N THR A 327 -12.76 13.36 36.44
CA THR A 327 -13.09 12.05 36.95
C THR A 327 -12.01 11.60 37.94
N CYS A 328 -12.18 10.38 38.46
CA CYS A 328 -11.17 9.83 39.36
C CYS A 328 -9.84 9.62 38.63
N SER A 329 -9.90 9.14 37.38
CA SER A 329 -8.69 8.91 36.61
C SER A 329 -8.01 10.23 36.24
N ASN A 330 -8.79 11.19 35.74
CA ASN A 330 -8.28 12.50 35.35
C ASN A 330 -9.04 13.55 36.16
N GLN A 331 -8.44 13.99 37.26
CA GLN A 331 -9.07 14.92 38.19
C GLN A 331 -8.77 16.37 37.87
N GLU A 332 -8.01 16.64 36.80
CA GLU A 332 -7.72 18.01 36.38
C GLU A 332 -8.08 18.22 34.92
N HIS A 333 -9.08 17.48 34.42
CA HIS A 333 -9.45 17.59 33.02
C HIS A 333 -10.07 18.94 32.70
N SER A 334 -10.82 19.54 33.64
CA SER A 334 -11.46 20.82 33.39
C SER A 334 -10.43 21.92 33.16
N ARG A 335 -9.33 21.90 33.91
CA ARG A 335 -8.29 22.90 33.72
C ARG A 335 -7.64 22.76 32.35
N ALA A 336 -7.39 21.53 31.91
CA ALA A 336 -6.81 21.27 30.60
C ALA A 336 -7.91 20.99 29.58
N CYS A 337 -8.67 22.05 29.27
CA CYS A 337 -9.77 21.97 28.33
C CYS A 337 -9.62 23.05 27.27
N GLU A 338 -9.91 22.68 26.02
CA GLU A 338 -9.82 23.61 24.90
C GLU A 338 -11.16 24.02 24.33
N ASP A 339 -12.24 23.30 24.64
CA ASP A 339 -13.56 23.61 24.14
C ASP A 339 -14.23 24.65 25.04
N HIS A 340 -15.27 25.28 24.50
CA HIS A 340 -16.05 26.24 25.26
C HIS A 340 -17.09 25.51 26.10
N CYS A 341 -17.73 26.26 27.00
CA CYS A 341 -18.72 25.68 27.90
C CYS A 341 -19.94 25.19 27.12
N VAL A 342 -20.58 24.16 27.66
CA VAL A 342 -21.76 23.56 27.06
C VAL A 342 -22.80 23.32 28.15
N ALA A 343 -23.98 22.88 27.71
CA ALA A 343 -25.08 22.57 28.62
C ALA A 343 -25.23 21.06 28.77
N GLY A 344 -25.47 20.62 29.99
CA GLY A 344 -25.64 19.20 30.24
C GLY A 344 -25.59 18.90 31.72
N CYS A 345 -25.45 17.61 32.02
CA CYS A 345 -25.37 17.13 33.39
C CYS A 345 -23.92 17.17 33.86
N PHE A 346 -23.68 17.80 35.00
CA PHE A 346 -22.35 17.94 35.56
C PHE A 346 -22.37 17.62 37.05
N CYS A 347 -21.23 17.18 37.55
CA CYS A 347 -21.11 16.86 38.96
C CYS A 347 -21.18 18.12 39.82
N PRO A 348 -21.72 18.03 41.02
CA PRO A 348 -21.71 19.19 41.92
C PRO A 348 -20.30 19.60 42.28
N GLU A 349 -20.13 20.90 42.55
CA GLU A 349 -18.80 21.44 42.83
C GLU A 349 -18.20 20.75 44.04
N GLY A 350 -16.90 20.46 43.95
CA GLY A 350 -16.19 19.74 44.98
C GLY A 350 -16.16 18.23 44.81
N THR A 351 -16.83 17.70 43.79
CA THR A 351 -16.85 16.27 43.52
C THR A 351 -16.46 16.02 42.08
N VAL A 352 -15.96 14.82 41.83
CA VAL A 352 -15.57 14.39 40.48
C VAL A 352 -16.27 13.07 40.17
N LEU A 353 -16.43 12.80 38.88
CA LEU A 353 -17.14 11.59 38.46
C LEU A 353 -16.32 10.34 38.81
N ASP A 354 -17.03 9.28 39.14
CA ASP A 354 -16.42 7.99 39.47
C ASP A 354 -16.54 7.09 38.25
N ASP A 355 -15.53 7.15 37.37
CA ASP A 355 -15.51 6.29 36.20
C ASP A 355 -15.04 4.87 36.52
N ILE A 356 -14.32 4.69 37.62
CA ILE A 356 -13.82 3.36 37.98
C ILE A 356 -14.97 2.46 38.43
N GLY A 357 -15.86 2.99 39.28
CA GLY A 357 -16.92 2.18 39.84
C GLY A 357 -18.31 2.50 39.33
N GLN A 358 -18.44 3.59 38.56
CA GLN A 358 -19.72 4.04 38.03
C GLN A 358 -20.75 4.24 39.14
N THR A 359 -20.31 4.89 40.22
CA THR A 359 -21.15 5.17 41.38
C THR A 359 -21.48 6.65 41.49
N GLY A 360 -21.68 7.31 40.37
CA GLY A 360 -22.03 8.72 40.38
C GLY A 360 -20.85 9.61 40.70
N CYS A 361 -21.16 10.81 41.17
CA CYS A 361 -20.14 11.79 41.52
C CYS A 361 -19.73 11.58 42.98
N VAL A 362 -18.43 11.43 43.20
CA VAL A 362 -17.89 11.16 44.53
C VAL A 362 -16.83 12.22 44.83
N PRO A 363 -16.55 12.48 46.10
CA PRO A 363 -15.47 13.41 46.43
C PRO A 363 -14.12 12.86 46.02
N VAL A 364 -13.16 13.78 45.90
CA VAL A 364 -11.81 13.41 45.47
C VAL A 364 -11.18 12.44 46.47
N SER A 365 -11.45 12.63 47.76
CA SER A 365 -10.90 11.76 48.78
C SER A 365 -11.44 10.34 48.69
N LYS A 366 -12.61 10.15 48.10
CA LYS A 366 -13.23 8.83 47.97
C LYS A 366 -12.91 8.14 46.67
N CYS A 367 -12.13 8.77 45.79
CA CYS A 367 -11.81 8.17 44.49
C CYS A 367 -10.92 6.95 44.68
N ALA A 368 -11.23 5.89 43.93
CA ALA A 368 -10.44 4.67 43.97
C ALA A 368 -9.24 4.79 43.02
N CYS A 369 -8.42 3.74 43.01
CA CYS A 369 -7.26 3.66 42.13
C CYS A 369 -7.26 2.34 41.38
N VAL A 370 -6.66 2.33 40.21
CA VAL A 370 -6.63 1.17 39.33
C VAL A 370 -5.17 0.78 39.09
N TYR A 371 -4.86 -0.49 39.32
CA TYR A 371 -3.53 -1.03 39.06
C TYR A 371 -3.68 -2.42 38.47
N ASN A 372 -3.07 -2.65 37.30
CA ASN A 372 -3.11 -3.93 36.62
C ASN A 372 -4.53 -4.39 36.32
N GLY A 373 -5.44 -3.43 36.11
CA GLY A 373 -6.82 -3.75 35.80
C GLY A 373 -7.69 -4.08 36.98
N ALA A 374 -7.16 -4.03 38.20
CA ALA A 374 -7.91 -4.34 39.41
C ALA A 374 -8.11 -3.06 40.20
N ALA A 375 -9.37 -2.73 40.48
CA ALA A 375 -9.69 -1.52 41.22
C ALA A 375 -9.34 -1.70 42.69
N TYR A 376 -8.66 -0.70 43.27
CA TYR A 376 -8.30 -0.70 44.67
C TYR A 376 -9.25 0.21 45.45
N ALA A 377 -8.92 0.47 46.71
CA ALA A 377 -9.73 1.29 47.59
C ALA A 377 -8.87 2.38 48.21
N PRO A 378 -9.46 3.51 48.59
CA PRO A 378 -8.69 4.55 49.28
C PRO A 378 -8.03 4.01 50.54
N GLY A 379 -6.70 4.08 50.58
CA GLY A 379 -5.92 3.53 51.65
C GLY A 379 -5.33 2.17 51.39
N ALA A 380 -5.79 1.47 50.35
CA ALA A 380 -5.21 0.18 49.99
C ALA A 380 -3.82 0.36 49.41
N THR A 381 -3.00 -0.67 49.59
CA THR A 381 -1.59 -0.63 49.18
C THR A 381 -1.25 -1.84 48.34
N TYR A 382 -0.30 -1.67 47.43
CA TYR A 382 0.33 -2.78 46.72
C TYR A 382 1.83 -2.59 46.77
N SER A 383 2.55 -3.67 46.47
CA SER A 383 4.01 -3.65 46.54
C SER A 383 4.60 -4.44 45.40
N THR A 384 5.67 -3.89 44.81
CA THR A 384 6.49 -4.60 43.85
C THR A 384 7.80 -4.99 44.53
N ASP A 385 8.70 -5.60 43.75
CA ASP A 385 10.02 -5.93 44.30
C ASP A 385 10.84 -4.68 44.60
N CYS A 386 10.54 -3.57 43.95
CA CYS A 386 11.36 -2.36 44.06
C CYS A 386 10.65 -1.17 44.69
N THR A 387 9.34 -1.24 44.90
CA THR A 387 8.60 -0.08 45.39
C THR A 387 7.35 -0.53 46.15
N ASN A 388 6.77 0.40 46.90
CA ASN A 388 5.57 0.15 47.70
C ASN A 388 4.66 1.36 47.54
N CYS A 389 3.48 1.14 46.95
CA CYS A 389 2.57 2.23 46.61
C CYS A 389 1.26 2.11 47.38
N THR A 390 0.67 3.26 47.67
CA THR A 390 -0.60 3.35 48.37
C THR A 390 -1.54 4.30 47.65
N CYS A 391 -2.82 3.95 47.61
CA CYS A 391 -3.83 4.76 46.94
C CYS A 391 -4.35 5.85 47.87
N SER A 392 -4.49 7.07 47.34
CA SER A 392 -5.01 8.19 48.10
C SER A 392 -5.48 9.25 47.13
N GLY A 393 -6.73 9.71 47.31
CA GLY A 393 -7.27 10.74 46.44
C GLY A 393 -7.30 10.35 44.98
N GLY A 394 -7.38 9.06 44.68
CA GLY A 394 -7.34 8.60 43.31
C GLY A 394 -5.97 8.54 42.68
N ARG A 395 -4.91 8.78 43.45
N ARG A 395 -4.91 8.80 43.45
CA ARG A 395 -3.55 8.77 42.93
CA ARG A 395 -3.54 8.80 42.94
C ARG A 395 -2.67 7.87 43.77
C ARG A 395 -2.69 7.85 43.77
N TRP A 396 -1.64 7.33 43.15
CA TRP A 396 -0.72 6.41 43.80
C TRP A 396 0.48 7.18 44.36
N SER A 397 0.74 7.01 45.65
CA SER A 397 1.93 7.55 46.29
C SER A 397 2.88 6.39 46.57
N CYS A 398 4.08 6.45 46.01
CA CYS A 398 5.00 5.32 46.00
C CYS A 398 6.28 5.67 46.75
N GLN A 399 6.76 4.73 47.56
CA GLN A 399 8.01 4.85 48.28
C GLN A 399 8.97 3.76 47.81
N GLU A 400 10.22 4.15 47.60
CA GLU A 400 11.23 3.20 47.17
C GLU A 400 11.68 2.32 48.33
N VAL A 401 12.02 1.07 48.01
CA VAL A 401 12.51 0.11 48.99
C VAL A 401 13.82 -0.47 48.47
N PRO A 402 14.65 -1.00 49.36
CA PRO A 402 15.89 -1.66 48.90
C PRO A 402 15.59 -2.74 47.88
N CYS A 403 16.43 -2.80 46.85
CA CYS A 403 16.13 -3.63 45.69
C CYS A 403 17.42 -4.18 45.07
N PRO A 404 17.67 -5.48 45.17
CA PRO A 404 18.86 -6.05 44.54
C PRO A 404 18.75 -6.02 43.03
N GLY A 405 19.91 -5.95 42.37
CA GLY A 405 19.97 -5.92 40.93
C GLY A 405 20.36 -7.27 40.36
N THR A 406 20.01 -7.49 39.09
CA THR A 406 20.24 -8.76 38.43
C THR A 406 20.85 -8.52 37.05
N CYS A 407 22.02 -9.11 36.81
CA CYS A 407 22.63 -9.19 35.50
C CYS A 407 22.50 -10.62 34.99
N SER A 408 22.42 -10.78 33.67
CA SER A 408 22.20 -12.09 33.08
C SER A 408 23.00 -12.22 31.79
N VAL A 409 23.69 -13.35 31.65
CA VAL A 409 24.35 -13.74 30.42
C VAL A 409 23.71 -15.05 29.97
N LEU A 410 22.92 -14.97 28.90
CA LEU A 410 22.12 -16.09 28.42
C LEU A 410 22.47 -16.41 26.98
N GLY A 411 22.56 -17.70 26.67
CA GLY A 411 22.89 -18.16 25.35
C GLY A 411 24.31 -17.89 24.91
N GLY A 412 25.16 -17.39 25.81
CA GLY A 412 26.52 -17.03 25.47
C GLY A 412 26.67 -15.71 24.75
N ALA A 413 25.58 -15.06 24.36
CA ALA A 413 25.66 -13.81 23.63
C ALA A 413 24.67 -12.75 24.10
N HIS A 414 23.64 -13.07 24.86
CA HIS A 414 22.61 -12.12 25.23
C HIS A 414 22.89 -11.61 26.65
N PHE A 415 23.12 -10.31 26.77
CA PHE A 415 23.46 -9.68 28.04
C PHE A 415 22.33 -8.76 28.49
N SER A 416 22.01 -8.84 29.77
CA SER A 416 21.06 -7.92 30.40
C SER A 416 21.72 -7.37 31.66
N THR A 417 21.97 -6.07 31.69
CA THR A 417 22.77 -5.46 32.74
C THR A 417 21.96 -5.29 34.02
N PHE A 418 22.60 -4.72 35.04
CA PHE A 418 21.93 -4.50 36.32
C PHE A 418 20.80 -3.48 36.20
N ASP A 419 20.94 -2.52 35.28
CA ASP A 419 19.94 -1.47 35.10
C ASP A 419 18.88 -1.83 34.07
N GLY A 420 18.90 -3.07 33.57
CA GLY A 420 17.90 -3.53 32.63
C GLY A 420 18.26 -3.38 31.17
N LYS A 421 19.39 -2.76 30.85
CA LYS A 421 19.80 -2.62 29.46
C LYS A 421 20.14 -3.98 28.88
N GLN A 422 19.65 -4.23 27.65
CA GLN A 422 19.83 -5.51 26.98
C GLN A 422 20.59 -5.30 25.68
N TYR A 423 21.51 -6.22 25.39
CA TYR A 423 22.27 -6.19 24.15
C TYR A 423 22.72 -7.60 23.80
N THR A 424 23.36 -7.73 22.64
CA THR A 424 23.76 -9.04 22.14
C THR A 424 25.04 -8.89 21.34
N VAL A 425 26.16 -9.33 21.92
CA VAL A 425 27.45 -9.32 21.25
C VAL A 425 28.06 -10.71 21.35
N HIS A 426 28.58 -11.22 20.23
CA HIS A 426 29.19 -12.55 20.17
C HIS A 426 30.69 -12.39 20.34
N GLY A 427 31.16 -12.47 21.59
CA GLY A 427 32.57 -12.30 21.87
C GLY A 427 33.39 -13.56 21.65
N ASP A 428 34.71 -13.37 21.61
CA ASP A 428 35.67 -14.45 21.42
C ASP A 428 36.85 -14.29 22.36
N CYS A 429 36.59 -13.96 23.62
CA CYS A 429 37.65 -13.69 24.58
C CYS A 429 37.09 -13.82 25.99
N SER A 430 37.89 -13.45 26.98
CA SER A 430 37.48 -13.39 28.37
C SER A 430 37.22 -11.93 28.74
N TYR A 431 36.04 -11.66 29.28
CA TYR A 431 35.57 -10.30 29.46
C TYR A 431 35.23 -10.04 30.93
N VAL A 432 35.34 -8.78 31.33
CA VAL A 432 35.06 -8.36 32.70
C VAL A 432 33.56 -8.09 32.83
N LEU A 433 32.87 -8.94 33.59
CA LEU A 433 31.43 -8.77 33.74
C LEU A 433 31.10 -7.70 34.78
N THR A 434 31.52 -7.91 36.03
CA THR A 434 31.28 -6.94 37.08
C THR A 434 32.53 -6.81 37.94
N LYS A 435 32.76 -5.59 38.41
CA LYS A 435 33.92 -5.23 39.21
C LYS A 435 33.75 -3.83 39.78
N PRO A 436 34.09 -3.60 41.05
CA PRO A 436 34.17 -2.22 41.54
C PRO A 436 35.25 -1.46 40.81
N CYS A 437 34.95 -0.19 40.51
CA CYS A 437 35.90 0.61 39.72
C CYS A 437 37.10 1.02 40.55
N ASP A 438 36.86 1.41 41.81
CA ASP A 438 37.91 1.95 42.68
C ASP A 438 38.58 0.90 43.55
N SER A 439 38.23 -0.37 43.39
CA SER A 439 38.80 -1.42 44.23
C SER A 439 38.82 -2.73 43.44
N SER A 440 39.32 -3.78 44.09
CA SER A 440 39.36 -5.11 43.51
C SER A 440 38.87 -6.13 44.53
N ALA A 441 37.83 -5.76 45.30
CA ALA A 441 37.28 -6.67 46.29
C ALA A 441 36.70 -7.93 45.64
N PHE A 442 36.02 -7.75 44.51
CA PHE A 442 35.52 -8.88 43.74
C PHE A 442 35.62 -8.55 42.26
N THR A 443 35.62 -9.60 41.43
CA THR A 443 35.68 -9.43 39.99
C THR A 443 35.13 -10.70 39.35
N VAL A 444 34.21 -10.54 38.40
CA VAL A 444 33.62 -11.66 37.70
C VAL A 444 34.00 -11.59 36.23
N LEU A 445 34.56 -12.68 35.71
CA LEU A 445 34.96 -12.77 34.31
C LEU A 445 34.17 -13.88 33.62
N ALA A 446 33.94 -13.69 32.33
CA ALA A 446 33.22 -14.67 31.51
C ALA A 446 34.07 -15.01 30.30
N GLU A 447 34.21 -16.31 30.03
CA GLU A 447 34.99 -16.79 28.89
C GLU A 447 34.01 -17.12 27.77
N LEU A 448 33.68 -16.11 26.97
CA LEU A 448 32.80 -16.27 25.82
C LEU A 448 33.65 -16.56 24.59
N ARG A 449 33.52 -17.76 24.04
CA ARG A 449 34.37 -18.20 22.94
C ARG A 449 33.52 -18.72 21.79
N ARG A 450 33.98 -18.47 20.57
CA ARG A 450 33.30 -18.99 19.39
C ARG A 450 33.37 -20.51 19.38
N CYS A 451 32.21 -21.16 19.37
CA CYS A 451 32.12 -22.62 19.47
C CYS A 451 31.48 -23.22 18.22
N GLY A 452 31.70 -22.60 17.06
CA GLY A 452 31.13 -23.09 15.82
C GLY A 452 31.95 -22.66 14.63
N LEU A 453 31.50 -23.10 13.45
CA LEU A 453 32.20 -22.74 12.22
C LEU A 453 32.12 -21.23 11.95
N THR A 454 30.97 -20.63 12.23
CA THR A 454 30.78 -19.21 12.00
C THR A 454 31.22 -18.40 13.21
N ASP A 455 31.18 -17.08 13.07
CA ASP A 455 31.60 -16.16 14.13
C ASP A 455 30.45 -15.72 15.03
N SER A 456 29.24 -16.26 14.83
CA SER A 456 28.08 -15.84 15.60
C SER A 456 27.52 -16.98 16.46
N GLU A 457 28.34 -17.98 16.77
CA GLU A 457 27.94 -19.08 17.65
C GLU A 457 28.90 -19.06 18.84
N THR A 458 28.48 -18.42 19.92
CA THR A 458 29.33 -18.19 21.08
C THR A 458 28.84 -19.04 22.25
N CYS A 459 29.79 -19.67 22.94
CA CYS A 459 29.52 -20.47 24.12
C CYS A 459 30.22 -19.86 25.33
N LEU A 460 29.56 -19.92 26.47
CA LEU A 460 30.15 -19.51 27.74
C LEU A 460 30.86 -20.72 28.33
N LYS A 461 32.20 -20.73 28.23
CA LYS A 461 32.97 -21.91 28.61
C LYS A 461 33.35 -21.90 30.09
N SER A 462 33.51 -20.74 30.70
CA SER A 462 33.89 -20.68 32.10
C SER A 462 33.50 -19.33 32.68
N VAL A 463 33.40 -19.31 34.01
CA VAL A 463 33.13 -18.09 34.77
C VAL A 463 34.14 -18.02 35.90
N THR A 464 34.81 -16.88 36.03
CA THR A 464 35.86 -16.69 37.03
C THR A 464 35.41 -15.67 38.07
N LEU A 465 35.47 -16.06 39.34
CA LEU A 465 35.16 -15.18 40.46
C LEU A 465 36.45 -14.93 41.23
N SER A 466 36.93 -13.69 41.20
CA SER A 466 38.16 -13.29 41.86
C SER A 466 37.81 -12.44 43.07
N LEU A 467 38.45 -12.75 44.20
CA LEU A 467 38.15 -12.11 45.48
C LEU A 467 39.43 -11.61 46.12
N ASP A 468 39.38 -10.36 46.61
CA ASP A 468 40.44 -9.73 47.39
C ASP A 468 41.75 -9.66 46.60
N GLY A 469 41.69 -8.95 45.48
CA GLY A 469 42.88 -8.77 44.67
C GLY A 469 43.45 -10.06 44.13
N ALA A 470 42.61 -10.94 43.60
CA ALA A 470 43.00 -12.24 43.04
C ALA A 470 43.62 -13.16 44.09
N GLN A 471 43.35 -12.91 45.38
CA GLN A 471 43.81 -13.83 46.41
C GLN A 471 42.90 -15.04 46.57
N THR A 472 41.69 -15.01 46.03
CA THR A 472 40.81 -16.18 46.01
C THR A 472 40.15 -16.26 44.64
N VAL A 473 40.62 -17.16 43.79
CA VAL A 473 40.14 -17.28 42.42
C VAL A 473 39.40 -18.61 42.29
N VAL A 474 38.14 -18.54 41.87
CA VAL A 474 37.32 -19.73 41.63
C VAL A 474 36.93 -19.72 40.16
N VAL A 475 37.33 -20.76 39.44
CA VAL A 475 37.00 -20.92 38.03
C VAL A 475 36.02 -22.07 37.89
N ILE A 476 34.83 -21.76 37.38
CA ILE A 476 33.79 -22.77 37.17
C ILE A 476 33.65 -22.97 35.67
N LYS A 477 33.92 -24.18 35.22
CA LYS A 477 33.91 -24.50 33.79
C LYS A 477 32.52 -24.95 33.35
N ALA A 478 32.32 -24.99 32.03
CA ALA A 478 31.04 -25.41 31.49
C ALA A 478 30.77 -26.89 31.68
N SER A 479 31.80 -27.66 32.03
CA SER A 479 31.65 -29.10 32.27
C SER A 479 31.32 -29.42 33.73
N GLY A 480 31.14 -28.40 34.57
CA GLY A 480 30.85 -28.60 35.97
C GLY A 480 32.04 -28.65 36.88
N GLU A 481 33.25 -28.66 36.34
CA GLU A 481 34.45 -28.67 37.17
C GLU A 481 34.66 -27.34 37.86
N VAL A 482 35.09 -27.38 39.11
CA VAL A 482 35.36 -26.18 39.90
C VAL A 482 36.82 -26.21 40.32
N PHE A 483 37.54 -25.12 40.04
CA PHE A 483 38.94 -24.98 40.41
C PHE A 483 39.06 -23.84 41.40
N LEU A 484 39.44 -24.17 42.63
CA LEU A 484 39.74 -23.18 43.66
C LEU A 484 41.25 -23.00 43.73
N ASN A 485 41.72 -21.78 43.44
CA ASN A 485 43.14 -21.45 43.49
C ASN A 485 43.97 -22.44 42.67
N GLN A 486 43.50 -22.70 41.45
CA GLN A 486 44.14 -23.59 40.48
C GLN A 486 44.16 -25.05 40.94
N ILE A 487 43.30 -25.41 41.89
CA ILE A 487 43.21 -26.78 42.39
C ILE A 487 41.80 -27.29 42.13
N TYR A 488 41.68 -28.40 41.41
CA TYR A 488 40.38 -28.99 41.11
C TYR A 488 39.76 -29.49 42.40
N THR A 489 38.73 -28.80 42.88
CA THR A 489 38.11 -29.12 44.16
C THR A 489 36.78 -29.83 43.94
N GLN A 490 36.14 -30.19 45.05
CA GLN A 490 34.84 -30.85 45.04
C GLN A 490 33.86 -30.02 45.84
N LEU A 491 32.69 -29.76 45.24
CA LEU A 491 31.67 -28.98 45.93
C LEU A 491 31.07 -29.79 47.08
N PRO A 492 30.60 -29.13 48.14
CA PRO A 492 30.62 -27.67 48.39
C PRO A 492 31.93 -27.18 48.95
N ILE A 493 32.27 -25.91 48.73
CA ILE A 493 33.47 -25.28 49.27
C ILE A 493 33.06 -24.09 50.11
N SER A 494 33.63 -23.99 51.30
CA SER A 494 33.46 -22.81 52.16
C SER A 494 34.83 -22.16 52.27
N ALA A 495 35.16 -21.33 51.28
CA ALA A 495 36.46 -20.69 51.23
C ALA A 495 36.39 -19.33 51.90
N ALA A 496 37.43 -18.53 51.74
CA ALA A 496 37.45 -17.19 52.34
C ALA A 496 36.42 -16.31 51.67
N ASN A 497 35.41 -15.90 52.43
CA ASN A 497 34.38 -14.95 52.00
C ASN A 497 33.49 -15.49 50.89
N VAL A 498 33.46 -16.80 50.65
CA VAL A 498 32.66 -17.35 49.57
C VAL A 498 32.24 -18.78 49.95
N THR A 499 31.03 -19.15 49.53
CA THR A 499 30.53 -20.51 49.67
C THR A 499 29.90 -20.94 48.35
N ILE A 500 30.37 -22.07 47.81
CA ILE A 500 29.94 -22.57 46.52
C ILE A 500 29.34 -23.96 46.73
N PHE A 501 28.15 -24.17 46.20
CA PHE A 501 27.46 -25.45 46.36
C PHE A 501 26.68 -25.78 45.09
N ARG A 502 26.11 -26.99 45.08
CA ARG A 502 25.36 -27.52 43.95
C ARG A 502 23.96 -27.87 44.43
N PRO A 503 22.99 -26.97 44.28
CA PRO A 503 21.61 -27.31 44.67
C PRO A 503 21.03 -28.50 43.92
N SER A 504 21.44 -28.69 42.67
CA SER A 504 21.00 -29.82 41.86
C SER A 504 22.09 -30.15 40.87
N THR A 505 21.82 -31.11 40.00
CA THR A 505 22.76 -31.47 38.94
C THR A 505 22.80 -30.45 37.82
N PHE A 506 21.87 -29.49 37.81
CA PHE A 506 21.77 -28.51 36.74
C PHE A 506 22.40 -27.16 37.07
N PHE A 507 22.58 -26.84 38.36
CA PHE A 507 22.97 -25.51 38.77
C PHE A 507 24.11 -25.56 39.77
N ILE A 508 24.94 -24.51 39.74
CA ILE A 508 25.96 -24.26 40.74
C ILE A 508 25.76 -22.84 41.26
N ILE A 509 25.70 -22.69 42.59
CA ILE A 509 25.42 -21.40 43.21
C ILE A 509 26.60 -21.02 44.08
N ALA A 510 27.13 -19.80 43.86
CA ALA A 510 28.25 -19.28 44.62
C ALA A 510 27.84 -17.96 45.25
N GLN A 511 27.85 -17.92 46.58
CA GLN A 511 27.44 -16.74 47.34
C GLN A 511 28.64 -16.18 48.09
N THR A 512 28.90 -14.89 47.91
CA THR A 512 29.97 -14.21 48.62
C THR A 512 29.39 -13.33 49.72
N SER A 513 30.26 -12.94 50.66
CA SER A 513 29.86 -12.07 51.76
C SER A 513 29.85 -10.61 51.39
N LEU A 514 30.22 -10.27 50.15
CA LEU A 514 30.25 -8.90 49.68
C LEU A 514 28.94 -8.46 49.03
N GLY A 515 27.90 -9.31 49.09
CA GLY A 515 26.64 -9.01 48.46
C GLY A 515 26.47 -9.53 47.05
N LEU A 516 27.31 -10.46 46.63
CA LEU A 516 27.29 -10.98 45.26
C LEU A 516 26.85 -12.45 45.27
N GLN A 517 26.01 -12.82 44.32
CA GLN A 517 25.55 -14.19 44.19
C GLN A 517 25.56 -14.59 42.72
N LEU A 518 26.01 -15.80 42.44
CA LEU A 518 26.12 -16.32 41.08
C LEU A 518 25.32 -17.61 40.98
N ASN A 519 24.39 -17.65 40.02
CA ASN A 519 23.69 -18.87 39.64
C ASN A 519 24.20 -19.28 38.27
N LEU A 520 24.69 -20.51 38.15
CA LEU A 520 25.32 -20.99 36.93
C LEU A 520 24.58 -22.24 36.47
N GLN A 521 23.84 -22.12 35.37
CA GLN A 521 23.14 -23.24 34.78
C GLN A 521 24.07 -23.98 33.83
N LEU A 522 24.23 -25.28 34.05
CA LEU A 522 25.16 -26.09 33.28
C LEU A 522 24.47 -27.01 32.27
N VAL A 523 23.16 -27.21 32.39
CA VAL A 523 22.40 -28.08 31.51
C VAL A 523 21.29 -27.27 30.88
N PRO A 524 21.17 -27.23 29.55
CA PRO A 524 22.04 -27.90 28.56
C PRO A 524 23.27 -27.07 28.21
N THR A 525 23.20 -25.75 28.39
CA THR A 525 24.31 -24.86 28.12
C THR A 525 24.55 -23.97 29.33
N MET A 526 25.77 -23.44 29.42
CA MET A 526 26.18 -22.64 30.56
C MET A 526 25.59 -21.23 30.46
N GLN A 527 24.79 -20.85 31.45
CA GLN A 527 24.19 -19.53 31.52
C GLN A 527 24.38 -18.96 32.92
N LEU A 528 24.49 -17.64 33.02
CA LEU A 528 24.84 -16.99 34.28
C LEU A 528 23.78 -15.98 34.69
N PHE A 529 23.42 -16.02 35.98
CA PHE A 529 22.55 -15.02 36.60
C PHE A 529 23.28 -14.47 37.83
N MET A 530 23.69 -13.22 37.78
CA MET A 530 24.35 -12.57 38.89
C MET A 530 23.38 -11.66 39.62
N GLN A 531 23.36 -11.75 40.95
CA GLN A 531 22.54 -10.90 41.79
C GLN A 531 23.43 -10.08 42.70
N LEU A 532 23.16 -8.78 42.78
CA LEU A 532 23.97 -7.84 43.52
C LEU A 532 23.12 -7.12 44.56
N ALA A 533 23.69 -6.95 45.75
CA ALA A 533 23.00 -6.29 46.84
C ALA A 533 22.85 -4.79 46.55
N PRO A 534 21.83 -4.15 47.11
CA PRO A 534 21.65 -2.71 46.86
C PRO A 534 22.78 -1.84 47.39
N LYS A 535 23.61 -2.34 48.30
CA LYS A 535 24.70 -1.56 48.85
C LYS A 535 25.77 -1.21 47.82
N LEU A 536 25.78 -1.89 46.68
CA LEU A 536 26.78 -1.67 45.63
C LEU A 536 26.24 -0.84 44.47
N ARG A 537 25.14 -0.12 44.68
CA ARG A 537 24.56 0.68 43.60
C ARG A 537 25.46 1.86 43.28
N GLY A 538 25.75 2.04 41.99
CA GLY A 538 26.59 3.14 41.54
C GLY A 538 28.07 2.92 41.72
N GLN A 539 28.50 1.75 42.19
CA GLN A 539 29.91 1.50 42.47
C GLN A 539 30.57 0.50 41.54
N THR A 540 29.82 -0.49 41.05
CA THR A 540 30.41 -1.48 40.15
C THR A 540 30.51 -0.91 38.73
N CYS A 541 31.25 -1.63 37.88
CA CYS A 541 31.39 -1.28 36.48
C CYS A 541 32.03 -2.41 35.67
N GLY A 542 31.48 -2.68 34.51
CA GLY A 542 31.88 -3.81 33.69
C GLY A 542 30.90 -3.99 32.54
N LEU A 543 30.76 -5.24 32.11
CA LEU A 543 29.77 -5.55 31.09
C LEU A 543 28.34 -5.51 31.63
N CYS A 544 28.17 -5.42 32.94
CA CYS A 544 26.85 -5.41 33.55
C CYS A 544 26.41 -4.02 34.00
N GLY A 545 27.12 -2.98 33.58
CA GLY A 545 26.74 -1.63 33.91
C GLY A 545 27.24 -1.20 35.28
N ASN A 546 26.88 0.04 35.64
CA ASN A 546 27.32 0.63 36.89
C ASN A 546 26.27 0.56 38.00
N PHE A 547 25.13 -0.09 37.74
CA PHE A 547 24.12 -0.35 38.76
C PHE A 547 23.62 0.93 39.42
N ASN A 548 23.38 1.96 38.61
CA ASN A 548 22.92 3.25 39.12
C ASN A 548 21.53 3.61 38.57
N SER A 549 20.75 2.59 38.20
CA SER A 549 19.36 2.73 37.76
C SER A 549 19.20 3.53 36.48
N ILE A 550 20.29 3.82 35.78
CA ILE A 550 20.25 4.57 34.52
C ILE A 550 20.77 3.68 33.42
N GLN A 551 19.96 3.49 32.38
CA GLN A 551 20.37 2.67 31.24
C GLN A 551 21.25 3.43 30.25
N ALA A 552 21.18 4.77 30.25
CA ALA A 552 21.91 5.55 29.27
C ALA A 552 23.42 5.38 29.42
N ASP A 553 23.92 5.36 30.65
CA ASP A 553 25.35 5.31 30.91
C ASP A 553 25.86 3.88 31.08
N ASP A 554 25.05 2.87 30.75
CA ASP A 554 25.52 1.49 30.87
C ASP A 554 26.51 1.11 29.78
N PHE A 555 26.60 1.90 28.72
CA PHE A 555 27.59 1.71 27.67
C PHE A 555 28.79 2.62 27.83
N ARG A 556 29.02 3.13 29.03
CA ARG A 556 30.16 4.02 29.28
CA ARG A 556 30.16 4.02 29.28
C ARG A 556 31.41 3.20 29.53
N THR A 557 32.44 3.44 28.74
CA THR A 557 33.69 2.70 28.89
C THR A 557 34.53 3.33 30.01
N LEU A 558 35.68 2.71 30.28
CA LEU A 558 36.58 3.24 31.29
C LEU A 558 37.23 4.55 30.85
N SER A 559 37.20 4.86 29.56
CA SER A 559 37.71 6.15 29.09
C SER A 559 36.89 7.30 29.64
N GLY A 560 35.56 7.17 29.66
CA GLY A 560 34.73 8.18 30.26
C GLY A 560 33.51 8.58 29.43
N VAL A 561 33.42 8.07 28.21
CA VAL A 561 32.33 8.43 27.31
C VAL A 561 31.43 7.22 27.10
N VAL A 562 30.19 7.51 26.73
CA VAL A 562 29.18 6.48 26.47
C VAL A 562 29.22 6.13 24.99
N GLU A 563 29.43 4.85 24.69
CA GLU A 563 29.46 4.40 23.31
C GLU A 563 28.05 4.28 22.74
N ALA A 564 27.97 4.24 21.41
CA ALA A 564 26.70 4.18 20.72
C ALA A 564 26.26 2.77 20.37
N THR A 565 27.20 1.85 20.18
CA THR A 565 26.89 0.48 19.81
C THR A 565 27.34 -0.47 20.91
N ALA A 566 26.65 -1.61 21.02
CA ALA A 566 27.01 -2.59 22.02
C ALA A 566 28.39 -3.20 21.76
N ALA A 567 28.75 -3.38 20.49
CA ALA A 567 30.02 -4.03 20.16
C ALA A 567 31.21 -3.15 20.56
N ALA A 568 31.11 -1.85 20.33
CA ALA A 568 32.23 -0.96 20.64
C ALA A 568 32.52 -0.93 22.14
N PHE A 569 31.47 -0.84 22.97
CA PHE A 569 31.66 -0.87 24.41
C PHE A 569 32.06 -2.27 24.89
N PHE A 570 31.55 -3.31 24.21
CA PHE A 570 31.86 -4.69 24.58
C PHE A 570 33.34 -4.99 24.37
N ASN A 571 33.91 -4.50 23.26
CA ASN A 571 35.31 -4.80 22.94
C ASN A 571 36.30 -4.11 23.86
N THR A 572 35.86 -3.12 24.64
CA THR A 572 36.77 -2.42 25.53
C THR A 572 36.98 -3.16 26.85
N PHE A 573 36.25 -4.24 27.10
CA PHE A 573 36.40 -5.02 28.32
C PHE A 573 37.09 -6.37 28.06
N LYS A 574 37.86 -6.47 26.98
CA LYS A 574 38.69 -7.63 26.79
C LYS A 574 39.80 -7.65 27.84
N THR A 575 40.35 -8.85 28.07
CA THR A 575 41.45 -9.03 28.99
C THR A 575 42.78 -9.28 28.31
N GLN A 576 42.78 -9.65 27.03
CA GLN A 576 44.00 -9.95 26.30
C GLN A 576 44.01 -9.20 24.98
N ALA A 577 45.21 -8.85 24.52
CA ALA A 577 45.34 -8.07 23.29
C ALA A 577 45.02 -8.89 22.05
N ALA A 578 45.34 -10.19 22.05
CA ALA A 578 45.17 -11.01 20.86
C ALA A 578 43.71 -11.31 20.54
N CYS A 579 42.79 -11.01 21.45
CA CYS A 579 41.39 -11.33 21.21
C CYS A 579 40.83 -10.43 20.11
N PRO A 580 39.98 -10.96 19.23
CA PRO A 580 39.45 -10.16 18.13
C PRO A 580 38.49 -9.08 18.62
N ASN A 581 38.37 -8.04 17.80
CA ASN A 581 37.42 -6.96 18.04
C ASN A 581 36.10 -7.33 17.35
N ILE A 582 35.05 -7.49 18.13
CA ILE A 582 33.77 -7.94 17.61
C ILE A 582 33.03 -6.76 16.99
N ARG A 583 32.60 -6.93 15.75
CA ARG A 583 31.78 -5.94 15.06
C ARG A 583 30.40 -6.55 14.83
N ASN A 584 29.37 -5.85 15.29
CA ASN A 584 28.01 -6.38 15.25
C ASN A 584 27.40 -6.14 13.88
N SER A 585 27.11 -7.23 13.17
CA SER A 585 26.45 -7.15 11.88
C SER A 585 24.94 -7.24 12.08
N PHE A 586 24.19 -7.39 10.99
CA PHE A 586 22.74 -7.43 11.06
C PHE A 586 22.19 -8.73 10.49
N GLU A 587 22.81 -9.86 10.86
CA GLU A 587 22.39 -11.15 10.33
C GLU A 587 21.04 -11.56 10.91
N ASP A 588 20.32 -12.38 10.15
CA ASP A 588 19.07 -12.99 10.58
C ASP A 588 19.15 -14.48 10.28
N PRO A 589 19.60 -15.28 11.25
CA PRO A 589 19.80 -16.72 10.98
C PRO A 589 18.53 -17.44 10.55
N CYS A 590 17.37 -17.05 11.07
CA CYS A 590 16.13 -17.74 10.74
C CYS A 590 15.81 -17.63 9.26
N SER A 591 16.29 -16.57 8.60
CA SER A 591 16.08 -16.40 7.17
C SER A 591 16.97 -17.31 6.33
N LEU A 592 17.98 -17.94 6.91
CA LEU A 592 18.91 -18.75 6.15
C LEU A 592 18.46 -20.20 5.99
N SER A 593 17.42 -20.63 6.69
CA SER A 593 16.97 -22.02 6.60
C SER A 593 15.48 -22.08 6.84
N VAL A 594 14.77 -22.75 5.93
CA VAL A 594 13.31 -22.89 6.08
C VAL A 594 12.98 -23.81 7.25
N GLU A 595 13.63 -24.98 7.32
CA GLU A 595 13.33 -25.93 8.37
C GLU A 595 13.71 -25.40 9.75
N ASN A 596 14.87 -24.74 9.85
CA ASN A 596 15.28 -24.17 11.13
C ASN A 596 14.31 -23.09 11.58
N GLU A 597 13.87 -22.23 10.66
CA GLU A 597 12.90 -21.19 11.02
C GLU A 597 11.58 -21.80 11.45
N LYS A 598 11.13 -22.85 10.75
CA LYS A 598 9.88 -23.51 11.13
C LYS A 598 9.99 -24.11 12.52
N TYR A 599 11.09 -24.81 12.80
CA TYR A 599 11.28 -25.41 14.11
C TYR A 599 11.32 -24.35 15.21
N ALA A 600 12.08 -23.27 14.97
CA ALA A 600 12.20 -22.21 15.96
C ALA A 600 10.85 -21.53 16.22
N GLN A 601 10.10 -21.26 15.16
CA GLN A 601 8.79 -20.64 15.32
C GLN A 601 7.83 -21.56 16.06
N HIS A 602 7.86 -22.87 15.74
CA HIS A 602 6.93 -23.79 16.37
C HIS A 602 7.23 -23.97 17.85
N TRP A 603 8.51 -24.05 18.23
CA TRP A 603 8.85 -24.39 19.60
C TRP A 603 9.16 -23.19 20.48
N CYS A 604 9.46 -22.03 19.91
CA CYS A 604 9.75 -20.83 20.70
C CYS A 604 8.53 -19.94 20.91
N SER A 605 7.49 -20.10 20.09
CA SER A 605 6.28 -19.29 20.25
C SER A 605 5.51 -19.62 21.52
N GLN A 606 5.84 -20.74 22.18
CA GLN A 606 5.20 -21.06 23.45
C GLN A 606 5.53 -20.04 24.53
N LEU A 607 6.65 -19.31 24.38
CA LEU A 607 6.99 -18.27 25.34
C LEU A 607 5.96 -17.15 25.32
N THR A 608 5.52 -16.76 24.12
CA THR A 608 4.55 -15.67 23.96
C THR A 608 3.11 -16.15 23.89
N ASP A 609 2.87 -17.45 24.04
CA ASP A 609 1.52 -17.99 24.00
C ASP A 609 0.88 -17.80 25.38
N ALA A 610 -0.17 -16.98 25.44
CA ALA A 610 -0.79 -16.65 26.72
C ALA A 610 -1.48 -17.86 27.33
N ASP A 611 -1.91 -18.83 26.52
CA ASP A 611 -2.60 -20.01 27.00
C ASP A 611 -1.73 -21.26 26.92
N GLY A 612 -0.43 -21.11 27.10
CA GLY A 612 0.49 -22.22 27.04
C GLY A 612 1.09 -22.54 28.39
N PRO A 613 2.15 -23.36 28.39
CA PRO A 613 2.81 -23.71 29.67
C PRO A 613 3.44 -22.51 30.37
N PHE A 614 3.76 -21.45 29.65
CA PHE A 614 4.40 -20.27 30.22
C PHE A 614 3.45 -19.10 30.36
N GLY A 615 2.14 -19.33 30.23
CA GLY A 615 1.18 -18.25 30.28
C GLY A 615 0.99 -17.63 31.64
N ARG A 616 1.31 -18.37 32.71
CA ARG A 616 1.15 -17.87 34.06
C ARG A 616 2.25 -16.91 34.48
N CYS A 617 3.10 -16.47 33.55
CA CYS A 617 4.22 -15.60 33.87
C CYS A 617 4.25 -14.30 33.06
N HIS A 618 3.34 -14.12 32.10
CA HIS A 618 3.39 -12.95 31.24
C HIS A 618 3.20 -11.65 32.03
N ALA A 619 2.50 -11.73 33.16
CA ALA A 619 2.34 -10.54 34.00
C ALA A 619 3.60 -10.23 34.80
N ALA A 620 4.38 -11.26 35.14
CA ALA A 620 5.59 -11.03 35.93
C ALA A 620 6.78 -10.67 35.05
N VAL A 621 7.05 -11.47 34.03
CA VAL A 621 8.20 -11.27 33.14
C VAL A 621 7.69 -11.15 31.71
N LYS A 622 8.14 -10.11 31.02
CA LYS A 622 7.79 -9.94 29.62
C LYS A 622 8.57 -10.94 28.77
N PRO A 623 7.91 -11.78 27.99
CA PRO A 623 8.62 -12.83 27.23
C PRO A 623 9.15 -12.41 25.87
N GLY A 624 9.06 -11.13 25.48
CA GLY A 624 9.49 -10.72 24.16
C GLY A 624 10.98 -10.92 23.95
N THR A 625 11.79 -10.47 24.91
CA THR A 625 13.23 -10.64 24.80
C THR A 625 13.62 -12.11 24.81
N TYR A 626 12.96 -12.91 25.66
CA TYR A 626 13.23 -14.34 25.69
C TYR A 626 12.80 -15.01 24.40
N TYR A 627 11.69 -14.56 23.80
CA TYR A 627 11.29 -15.09 22.50
C TYR A 627 12.32 -14.77 21.42
N SER A 628 12.84 -13.54 21.42
CA SER A 628 13.86 -13.18 20.44
C SER A 628 15.13 -14.01 20.63
N ASN A 629 15.55 -14.18 21.89
CA ASN A 629 16.71 -15.02 22.17
C ASN A 629 16.47 -16.46 21.72
N CYS A 630 15.28 -16.99 21.98
CA CYS A 630 14.95 -18.35 21.55
C CYS A 630 15.05 -18.48 20.04
N MET A 631 14.45 -17.54 19.30
CA MET A 631 14.48 -17.61 17.85
C MET A 631 15.91 -17.54 17.32
N PHE A 632 16.68 -16.55 17.79
CA PHE A 632 18.04 -16.37 17.31
C PHE A 632 18.90 -17.59 17.62
N ASP A 633 18.85 -18.08 18.87
CA ASP A 633 19.68 -19.20 19.26
C ASP A 633 19.28 -20.47 18.53
N THR A 634 17.99 -20.75 18.41
CA THR A 634 17.55 -21.96 17.71
C THR A 634 17.93 -21.93 16.25
N CYS A 635 17.79 -20.77 15.60
CA CYS A 635 18.12 -20.70 14.18
C CYS A 635 19.62 -20.68 13.94
N ASN A 636 20.40 -20.22 14.90
CA ASN A 636 21.83 -20.00 14.67
C ASN A 636 22.68 -21.22 15.02
N CYS A 637 22.55 -21.74 16.24
CA CYS A 637 23.44 -22.79 16.71
C CYS A 637 23.12 -24.13 16.05
N GLU A 638 24.15 -24.97 15.94
CA GLU A 638 23.99 -26.27 15.28
C GLU A 638 23.05 -27.18 16.05
N ARG A 639 23.19 -27.23 17.38
CA ARG A 639 22.31 -28.04 18.23
C ARG A 639 21.11 -27.20 18.61
N SER A 640 20.11 -27.19 17.72
CA SER A 640 18.97 -26.31 17.88
C SER A 640 18.18 -26.61 19.15
N GLU A 641 18.00 -27.90 19.45
CA GLU A 641 17.24 -28.28 20.64
C GLU A 641 17.92 -27.78 21.90
N ASP A 642 19.26 -27.82 21.95
CA ASP A 642 19.98 -27.35 23.13
C ASP A 642 19.73 -25.88 23.38
N CYS A 643 19.81 -25.06 22.32
CA CYS A 643 19.62 -23.62 22.47
C CYS A 643 18.17 -23.28 22.79
N LEU A 644 17.22 -24.00 22.18
CA LEU A 644 15.81 -23.80 22.51
C LEU A 644 15.55 -24.13 23.97
N CYS A 645 16.10 -25.25 24.46
CA CYS A 645 15.94 -25.62 25.86
C CYS A 645 16.59 -24.60 26.78
N ALA A 646 17.75 -24.07 26.36
CA ALA A 646 18.42 -23.05 27.17
C ALA A 646 17.56 -21.80 27.30
N ALA A 647 16.96 -21.35 26.20
CA ALA A 647 16.11 -20.16 26.25
C ALA A 647 14.87 -20.41 27.12
N LEU A 648 14.24 -21.57 26.96
CA LEU A 648 13.07 -21.89 27.78
C LEU A 648 13.44 -21.96 29.26
N SER A 649 14.58 -22.57 29.57
CA SER A 649 15.01 -22.68 30.95
C SER A 649 15.36 -21.31 31.53
N SER A 650 15.95 -20.43 30.71
CA SER A 650 16.23 -19.08 31.18
C SER A 650 14.95 -18.33 31.53
N TYR A 651 13.93 -18.44 30.67
CA TYR A 651 12.65 -17.82 30.99
C TYR A 651 12.04 -18.41 32.26
N VAL A 652 12.11 -19.74 32.40
CA VAL A 652 11.56 -20.40 33.58
C VAL A 652 12.29 -19.94 34.84
N HIS A 653 13.61 -19.79 34.76
CA HIS A 653 14.38 -19.34 35.91
C HIS A 653 14.04 -17.89 36.27
N ALA A 654 13.85 -17.04 35.25
CA ALA A 654 13.41 -15.67 35.53
C ALA A 654 12.06 -15.66 36.22
N CYS A 655 11.13 -16.49 35.75
CA CYS A 655 9.81 -16.58 36.39
C CYS A 655 9.92 -17.06 37.83
N ALA A 656 10.76 -18.07 38.07
CA ALA A 656 10.97 -18.55 39.43
C ALA A 656 11.58 -17.48 40.32
N ALA A 657 12.48 -16.67 39.77
CA ALA A 657 13.03 -15.54 40.51
C ALA A 657 11.94 -14.54 40.85
N LYS A 658 11.00 -14.30 39.93
CA LYS A 658 9.86 -13.44 40.22
C LYS A 658 8.83 -14.09 41.14
N GLY A 659 8.98 -15.39 41.44
CA GLY A 659 8.07 -16.06 42.34
C GLY A 659 7.00 -16.90 41.68
N VAL A 660 7.06 -17.09 40.36
CA VAL A 660 6.06 -17.87 39.63
C VAL A 660 6.67 -19.22 39.29
N GLN A 661 5.92 -20.29 39.54
CA GLN A 661 6.35 -21.65 39.25
C GLN A 661 5.63 -22.15 38.01
N LEU A 662 6.39 -22.71 37.08
CA LEU A 662 5.83 -23.22 35.83
C LEU A 662 6.12 -24.70 35.67
N GLY A 663 5.90 -25.48 36.73
CA GLY A 663 6.18 -26.90 36.65
C GLY A 663 5.36 -27.59 35.58
N GLY A 664 5.95 -28.62 34.98
CA GLY A 664 5.32 -29.30 33.87
C GLY A 664 5.49 -28.63 32.54
N TRP A 665 6.51 -27.79 32.38
CA TRP A 665 6.74 -27.08 31.12
C TRP A 665 7.59 -27.88 30.13
N ARG A 666 8.15 -29.00 30.55
CA ARG A 666 9.00 -29.81 29.70
C ARG A 666 8.24 -30.89 28.93
N ASP A 667 6.91 -30.88 28.99
CA ASP A 667 6.10 -31.83 28.23
C ASP A 667 6.00 -31.34 26.79
N GLY A 668 6.51 -32.15 25.86
CA GLY A 668 6.49 -31.78 24.45
C GLY A 668 7.87 -31.53 23.89
N VAL A 669 8.73 -30.88 24.68
CA VAL A 669 10.11 -30.59 24.28
C VAL A 669 10.96 -30.49 25.53
N CYS A 670 12.27 -30.69 25.36
CA CYS A 670 13.22 -30.73 26.48
C CYS A 670 12.91 -31.85 27.45
N THR A 671 12.40 -32.98 26.95
CA THR A 671 12.11 -34.13 27.79
C THR A 671 13.38 -34.90 28.17
N LYS A 672 14.40 -34.85 27.33
CA LYS A 672 15.59 -35.67 27.55
C LYS A 672 16.28 -35.43 28.88
N PRO A 673 16.55 -34.19 29.31
CA PRO A 673 17.25 -33.99 30.59
C PRO A 673 16.51 -34.58 31.78
N MET A 674 15.19 -34.75 31.69
CA MET A 674 14.44 -35.35 32.78
C MET A 674 14.77 -36.82 32.98
N THR A 675 15.33 -37.48 31.96
CA THR A 675 15.64 -38.91 32.01
C THR A 675 17.12 -39.17 31.77
N THR A 676 17.98 -38.40 32.43
CA THR A 676 19.42 -38.57 32.24
C THR A 676 20.24 -38.53 33.52
N CYS A 677 19.65 -38.24 34.67
CA CYS A 677 20.40 -38.15 35.92
C CYS A 677 20.79 -39.54 36.42
N PRO A 678 21.74 -39.61 37.36
CA PRO A 678 22.19 -40.92 37.86
C PRO A 678 21.06 -41.76 38.44
N LYS A 679 21.43 -43.00 38.78
CA LYS A 679 20.45 -44.03 39.10
C LYS A 679 19.57 -43.63 40.28
N SER A 680 20.17 -43.10 41.34
CA SER A 680 19.44 -42.81 42.56
C SER A 680 18.85 -41.40 42.60
N MET A 681 19.00 -40.63 41.54
CA MET A 681 18.47 -39.27 41.47
C MET A 681 17.19 -39.23 40.65
N THR A 682 16.31 -38.29 40.98
CA THR A 682 15.08 -38.09 40.25
C THR A 682 14.88 -36.59 40.01
N TYR A 683 14.15 -36.27 38.95
CA TYR A 683 13.99 -34.88 38.54
C TYR A 683 13.01 -34.14 39.44
N HIS A 684 13.18 -32.83 39.53
CA HIS A 684 12.29 -31.95 40.27
C HIS A 684 12.25 -30.60 39.57
N TYR A 685 11.03 -30.09 39.37
CA TYR A 685 10.86 -28.79 38.74
C TYR A 685 11.19 -27.65 39.70
N HIS A 686 10.99 -27.88 41.00
CA HIS A 686 11.19 -26.85 42.02
C HIS A 686 12.16 -27.38 43.06
N VAL A 687 13.33 -26.76 43.16
CA VAL A 687 14.34 -27.11 44.15
C VAL A 687 14.71 -25.81 44.87
N SER A 688 14.01 -25.52 45.97
CA SER A 688 14.26 -24.32 46.75
C SER A 688 15.06 -24.59 48.01
N THR A 689 15.48 -25.83 48.24
CA THR A 689 16.22 -26.22 49.43
C THR A 689 17.59 -26.74 49.01
N CYS A 690 18.34 -27.25 49.98
CA CYS A 690 19.68 -27.76 49.77
C CYS A 690 19.69 -29.28 49.86
N GLN A 691 20.63 -29.90 49.17
CA GLN A 691 20.70 -31.36 49.12
C GLN A 691 21.09 -31.92 50.48
N PRO A 692 20.28 -32.78 51.09
CA PRO A 692 20.69 -33.44 52.33
C PRO A 692 21.70 -34.55 52.06
N THR A 693 22.69 -34.64 52.94
CA THR A 693 23.76 -35.61 52.81
C THR A 693 23.96 -36.36 54.12
N CYS A 694 24.70 -37.47 54.05
CA CYS A 694 25.05 -38.20 55.26
C CYS A 694 25.89 -37.33 56.20
N ARG A 695 26.82 -36.55 55.64
CA ARG A 695 27.60 -35.62 56.45
C ARG A 695 26.71 -34.55 57.07
N SER A 696 25.66 -34.12 56.34
CA SER A 696 24.71 -33.18 56.92
C SER A 696 23.93 -33.81 58.06
N LEU A 697 23.59 -35.10 57.94
CA LEU A 697 22.92 -35.79 59.03
C LEU A 697 23.82 -35.91 60.25
N SER A 698 25.10 -36.23 60.04
CA SER A 698 26.02 -36.44 61.16
C SER A 698 26.37 -35.12 61.82
N GLU A 699 26.97 -34.19 61.08
CA GLU A 699 27.40 -32.92 61.65
C GLU A 699 26.22 -32.08 62.10
N GLY A 700 25.14 -32.08 61.32
CA GLY A 700 23.95 -31.30 61.62
C GLY A 700 23.82 -30.02 60.83
N ASP A 701 24.90 -29.54 60.23
CA ASP A 701 24.90 -28.32 59.44
C ASP A 701 25.29 -28.63 58.00
N ILE A 702 24.53 -28.07 57.06
CA ILE A 702 24.76 -28.28 55.64
C ILE A 702 25.34 -27.00 55.05
N THR A 703 26.39 -27.14 54.24
CA THR A 703 27.05 -26.01 53.61
C THR A 703 26.15 -25.47 52.50
N CYS A 704 25.47 -24.36 52.77
CA CYS A 704 24.52 -23.79 51.81
C CYS A 704 24.32 -22.32 52.13
N SER A 705 23.73 -21.62 51.17
CA SER A 705 23.39 -20.20 51.34
C SER A 705 21.96 -19.99 51.82
N VAL A 706 21.25 -21.08 52.15
CA VAL A 706 19.90 -21.04 52.69
C VAL A 706 18.93 -20.41 51.70
N GLY A 707 19.13 -19.13 51.38
CA GLY A 707 18.21 -18.42 50.52
C GLY A 707 18.75 -18.15 49.13
N PHE A 708 18.16 -18.78 48.12
CA PHE A 708 18.54 -18.57 46.74
C PHE A 708 17.32 -18.71 45.85
N ILE A 709 17.45 -18.20 44.62
CA ILE A 709 16.35 -18.33 43.66
C ILE A 709 16.10 -19.80 43.36
N PRO A 710 14.87 -20.29 43.46
CA PRO A 710 14.62 -21.73 43.25
C PRO A 710 15.04 -22.18 41.86
N VAL A 711 15.60 -23.38 41.78
CA VAL A 711 16.10 -23.94 40.53
C VAL A 711 15.43 -25.28 40.28
N ASP A 712 15.77 -25.91 39.16
CA ASP A 712 15.23 -27.20 38.78
C ASP A 712 16.39 -28.15 38.47
N GLY A 713 16.09 -29.45 38.46
CA GLY A 713 17.10 -30.42 38.11
C GLY A 713 16.88 -31.71 38.85
N CYS A 714 17.84 -32.63 38.72
CA CYS A 714 17.73 -33.95 39.33
C CYS A 714 18.43 -33.95 40.68
N ILE A 715 17.68 -34.30 41.73
CA ILE A 715 18.19 -34.33 43.09
C ILE A 715 17.82 -35.68 43.71
N CYS A 716 18.31 -35.88 44.93
CA CYS A 716 17.93 -37.07 45.68
C CYS A 716 16.44 -37.00 46.04
N PRO A 717 15.73 -38.12 45.97
CA PRO A 717 14.30 -38.11 46.32
C PRO A 717 14.10 -37.80 47.80
N LYS A 718 12.86 -37.43 48.13
CA LYS A 718 12.54 -37.07 49.50
C LYS A 718 12.75 -38.24 50.44
N GLY A 719 13.31 -37.96 51.62
CA GLY A 719 13.65 -38.99 52.58
C GLY A 719 14.94 -39.71 52.29
N THR A 720 15.67 -39.32 51.25
CA THR A 720 16.89 -39.98 50.83
C THR A 720 18.04 -38.97 50.84
N PHE A 721 19.19 -39.39 51.36
CA PHE A 721 20.33 -38.50 51.58
C PHE A 721 21.46 -38.86 50.63
N LEU A 722 22.15 -37.84 50.13
CA LEU A 722 23.23 -38.04 49.16
C LEU A 722 24.48 -38.53 49.87
N ASP A 723 24.92 -39.74 49.52
CA ASP A 723 26.13 -40.31 50.09
C ASP A 723 27.36 -39.72 49.38
N ASP A 724 28.52 -39.84 50.05
CA ASP A 724 29.74 -39.24 49.54
C ASP A 724 30.16 -39.79 48.18
N THR A 725 29.66 -40.96 47.80
CA THR A 725 29.96 -41.55 46.50
C THR A 725 28.95 -41.15 45.42
N GLY A 726 28.26 -40.04 45.61
CA GLY A 726 27.28 -39.58 44.63
C GLY A 726 26.08 -40.49 44.48
N LYS A 727 25.63 -41.11 45.57
CA LYS A 727 24.49 -42.01 45.54
C LYS A 727 23.50 -41.61 46.62
N CYS A 728 22.21 -41.68 46.29
CA CYS A 728 21.15 -41.38 47.25
C CYS A 728 20.80 -42.65 48.00
N VAL A 729 21.00 -42.65 49.31
CA VAL A 729 20.75 -43.81 50.16
C VAL A 729 19.82 -43.41 51.29
N GLN A 730 19.16 -44.41 51.86
CA GLN A 730 18.25 -44.19 52.97
CA GLN A 730 18.25 -44.19 52.97
C GLN A 730 19.03 -43.85 54.24
N ALA A 731 18.30 -43.34 55.24
CA ALA A 731 18.92 -42.96 56.50
C ALA A 731 19.57 -44.14 57.20
N SER A 732 19.11 -45.36 56.93
CA SER A 732 19.69 -46.55 57.55
C SER A 732 21.01 -46.97 56.90
N ASN A 733 21.39 -46.36 55.77
CA ASN A 733 22.63 -46.69 55.09
C ASN A 733 23.64 -45.56 55.13
N CYS A 734 23.31 -44.42 55.72
CA CYS A 734 24.24 -43.31 55.81
C CYS A 734 25.31 -43.64 56.85
N PRO A 735 26.60 -43.61 56.49
CA PRO A 735 27.71 -43.90 57.42
C PRO A 735 27.71 -43.00 58.64
N VAL B 41 23.56 1.33 -20.37
CA VAL B 41 23.42 0.34 -21.44
C VAL B 41 24.56 -0.67 -21.37
N VAL B 42 24.20 -1.93 -21.21
CA VAL B 42 25.16 -3.03 -21.13
C VAL B 42 25.05 -3.86 -22.40
N ARG B 43 26.19 -4.11 -23.04
CA ARG B 43 26.24 -4.87 -24.28
C ARG B 43 26.84 -6.24 -24.03
N ALA B 44 26.24 -7.26 -24.65
CA ALA B 44 26.73 -8.64 -24.53
C ALA B 44 26.41 -9.36 -25.82
N SER B 45 27.45 -9.73 -26.57
CA SER B 45 27.29 -10.39 -27.86
C SER B 45 27.98 -11.73 -27.93
N ASN B 46 28.48 -12.25 -26.81
CA ASN B 46 29.15 -13.54 -26.80
C ASN B 46 28.21 -14.61 -26.28
N PRO B 47 27.75 -15.55 -27.11
CA PRO B 47 26.81 -16.57 -26.62
C PRO B 47 27.40 -17.50 -25.57
N ALA B 48 28.72 -17.65 -25.51
CA ALA B 48 29.35 -18.53 -24.53
C ALA B 48 29.14 -17.94 -23.14
N HIS B 49 28.32 -18.61 -22.33
CA HIS B 49 27.94 -18.10 -21.02
C HIS B 49 27.99 -19.21 -19.98
N ASN B 50 29.03 -20.05 -20.03
CA ASN B 50 29.22 -21.05 -18.99
C ASN B 50 29.57 -20.42 -17.65
N GLY B 51 29.98 -19.14 -17.64
CA GLY B 51 30.28 -18.46 -16.40
C GLY B 51 29.07 -18.17 -15.54
N ARG B 52 27.88 -18.17 -16.12
CA ARG B 52 26.65 -17.92 -15.39
C ARG B 52 25.91 -19.20 -15.05
N VAL B 53 26.54 -20.36 -15.23
CA VAL B 53 25.90 -21.66 -15.04
C VAL B 53 26.70 -22.46 -14.03
N CYS B 54 26.03 -23.01 -13.03
CA CYS B 54 26.61 -23.95 -12.09
C CYS B 54 25.74 -25.20 -12.06
N SER B 55 26.38 -26.35 -11.91
CA SER B 55 25.65 -27.61 -12.01
C SER B 55 26.32 -28.68 -11.15
N THR B 56 25.53 -29.69 -10.81
CA THR B 56 26.02 -30.89 -10.14
C THR B 56 25.47 -32.10 -10.89
N TRP B 57 26.28 -33.16 -10.98
CA TRP B 57 25.89 -34.32 -11.76
C TRP B 57 26.74 -35.52 -11.35
N GLY B 58 26.25 -36.70 -11.71
CA GLY B 58 27.03 -37.92 -11.56
C GLY B 58 27.36 -38.23 -10.11
N SER B 59 28.58 -38.73 -9.89
CA SER B 59 29.03 -39.11 -8.56
C SER B 59 29.65 -37.88 -7.87
N PHE B 60 28.75 -36.97 -7.48
CA PHE B 60 29.12 -35.78 -6.71
C PHE B 60 30.14 -34.91 -7.45
N HIS B 61 29.82 -34.56 -8.68
CA HIS B 61 30.64 -33.64 -9.47
C HIS B 61 29.98 -32.27 -9.47
N TYR B 62 30.72 -31.25 -9.05
CA TYR B 62 30.21 -29.89 -8.96
C TYR B 62 31.03 -29.00 -9.87
N LYS B 63 30.34 -28.17 -10.66
CA LYS B 63 30.97 -27.13 -11.47
C LYS B 63 30.48 -25.78 -10.97
N THR B 64 31.40 -24.93 -10.53
CA THR B 64 31.03 -23.64 -10.00
C THR B 64 30.75 -22.66 -11.14
N PHE B 65 30.28 -21.47 -10.78
CA PHE B 65 30.02 -20.44 -11.79
C PHE B 65 31.29 -20.02 -12.50
N ASP B 66 32.43 -20.07 -11.81
CA ASP B 66 33.69 -19.61 -12.38
C ASP B 66 34.42 -20.68 -13.18
N GLY B 67 33.83 -21.86 -13.34
CA GLY B 67 34.40 -22.92 -14.14
C GLY B 67 35.15 -23.98 -13.35
N ASP B 68 35.30 -23.80 -12.04
CA ASP B 68 36.00 -24.79 -11.23
C ASP B 68 35.19 -26.07 -11.14
N VAL B 69 35.83 -27.20 -11.43
CA VAL B 69 35.18 -28.51 -11.38
C VAL B 69 35.89 -29.33 -10.32
N PHE B 70 35.12 -29.82 -9.34
CA PHE B 70 35.66 -30.62 -8.26
C PHE B 70 34.67 -31.72 -7.92
N ARG B 71 35.06 -32.60 -7.00
CA ARG B 71 34.21 -33.67 -6.52
C ARG B 71 34.10 -33.58 -5.01
N PHE B 72 32.86 -33.53 -4.52
CA PHE B 72 32.59 -33.45 -3.08
C PHE B 72 31.51 -34.46 -2.74
N PRO B 73 31.88 -35.66 -2.28
CA PRO B 73 30.89 -36.71 -1.96
C PRO B 73 30.23 -36.50 -0.61
N GLY B 74 29.46 -35.43 -0.49
CA GLY B 74 28.73 -35.12 0.73
C GLY B 74 27.26 -35.44 0.58
N LEU B 75 26.72 -36.16 1.57
CA LEU B 75 25.33 -36.59 1.57
C LEU B 75 24.46 -35.75 2.49
N CYS B 76 24.98 -34.62 2.98
CA CYS B 76 24.25 -33.78 3.92
C CYS B 76 23.46 -32.72 3.15
N ASN B 77 22.90 -31.75 3.88
CA ASN B 77 22.19 -30.63 3.28
C ASN B 77 23.16 -29.47 3.14
N TYR B 78 23.34 -29.00 1.90
CA TYR B 78 24.32 -27.97 1.61
C TYR B 78 23.67 -26.83 0.86
N VAL B 79 24.25 -25.64 0.99
CA VAL B 79 23.75 -24.45 0.29
C VAL B 79 24.27 -24.51 -1.15
N PHE B 80 23.38 -24.79 -2.09
CA PHE B 80 23.77 -24.82 -3.50
C PHE B 80 24.19 -23.44 -3.98
N SER B 81 23.36 -22.43 -3.73
CA SER B 81 23.68 -21.05 -4.08
C SER B 81 22.71 -20.10 -3.39
N GLU B 82 23.24 -19.03 -2.79
CA GLU B 82 22.40 -18.05 -2.11
C GLU B 82 22.98 -16.66 -2.37
N HIS B 83 22.10 -15.65 -2.27
CA HIS B 83 22.47 -14.27 -2.57
C HIS B 83 22.90 -13.57 -1.29
N CYS B 84 24.18 -13.73 -0.95
CA CYS B 84 24.74 -13.13 0.24
C CYS B 84 25.40 -11.79 -0.03
N GLY B 85 25.37 -11.30 -1.27
CA GLY B 85 26.01 -10.04 -1.60
C GLY B 85 25.22 -8.79 -1.31
N ALA B 86 24.02 -8.92 -0.75
CA ALA B 86 23.17 -7.78 -0.44
C ALA B 86 22.51 -8.00 0.92
N ALA B 87 21.94 -6.92 1.46
CA ALA B 87 21.24 -7.00 2.73
C ALA B 87 20.03 -7.91 2.64
N TYR B 88 19.30 -7.84 1.53
CA TYR B 88 18.13 -8.68 1.30
C TYR B 88 18.48 -9.76 0.29
N GLU B 89 18.18 -11.01 0.64
CA GLU B 89 18.54 -12.17 -0.18
C GLU B 89 17.43 -12.45 -1.18
N ASP B 90 17.75 -12.35 -2.47
CA ASP B 90 16.76 -12.59 -3.51
C ASP B 90 16.44 -14.08 -3.65
N PHE B 91 17.45 -14.93 -3.50
CA PHE B 91 17.25 -16.36 -3.71
C PHE B 91 18.12 -17.14 -2.74
N ASN B 92 17.71 -18.39 -2.48
CA ASN B 92 18.46 -19.28 -1.61
C ASN B 92 18.09 -20.72 -2.00
N ILE B 93 19.03 -21.44 -2.60
CA ILE B 93 18.80 -22.79 -3.08
C ILE B 93 19.70 -23.75 -2.32
N GLN B 94 19.11 -24.80 -1.76
CA GLN B 94 19.84 -25.84 -1.06
C GLN B 94 19.48 -27.20 -1.63
N LEU B 95 20.47 -28.09 -1.70
CA LEU B 95 20.28 -29.43 -2.24
C LEU B 95 20.75 -30.47 -1.23
N ARG B 96 20.06 -31.62 -1.25
CA ARG B 96 20.37 -32.72 -0.35
CA ARG B 96 20.37 -32.72 -0.35
C ARG B 96 20.38 -34.02 -1.13
N ARG B 97 21.36 -34.87 -0.85
CA ARG B 97 21.52 -36.16 -1.51
C ARG B 97 21.09 -37.28 -0.57
N SER B 98 21.10 -38.51 -1.08
CA SER B 98 20.70 -39.68 -0.32
C SER B 98 21.47 -40.88 -0.83
N GLN B 99 21.19 -42.04 -0.24
CA GLN B 99 21.84 -43.29 -0.64
C GLN B 99 20.82 -44.43 -0.69
N ALA B 103 24.45 -44.63 -4.71
CA ALA B 103 23.46 -43.93 -5.50
C ALA B 103 23.44 -42.44 -5.17
N PRO B 104 24.30 -41.66 -5.83
CA PRO B 104 24.34 -40.22 -5.58
C PRO B 104 23.13 -39.49 -6.16
N THR B 105 21.94 -39.85 -5.69
CA THR B 105 20.71 -39.27 -6.20
C THR B 105 20.20 -38.17 -5.27
N LEU B 106 19.81 -37.04 -5.85
CA LEU B 106 19.23 -35.96 -5.08
C LEU B 106 17.89 -36.37 -4.50
N SER B 107 17.63 -35.99 -3.26
CA SER B 107 16.40 -36.33 -2.58
C SER B 107 15.51 -35.12 -2.30
N ARG B 108 16.09 -33.93 -2.12
CA ARG B 108 15.30 -32.74 -1.84
C ARG B 108 16.05 -31.51 -2.33
N VAL B 109 15.33 -30.58 -2.92
CA VAL B 109 15.86 -29.28 -3.31
C VAL B 109 14.96 -28.22 -2.69
N LEU B 110 15.56 -27.31 -1.92
CA LEU B 110 14.83 -26.26 -1.21
C LEU B 110 15.19 -24.91 -1.81
N MET B 111 14.17 -24.14 -2.19
CA MET B 111 14.36 -22.85 -2.82
C MET B 111 13.59 -21.80 -2.05
N LYS B 112 14.23 -20.66 -1.80
CA LYS B 112 13.59 -19.48 -1.22
C LYS B 112 13.73 -18.34 -2.22
N VAL B 113 12.65 -18.03 -2.93
CA VAL B 113 12.68 -17.03 -4.00
C VAL B 113 11.70 -15.93 -3.64
N ASP B 114 12.19 -14.89 -2.99
CA ASP B 114 11.43 -13.68 -2.68
C ASP B 114 10.12 -14.01 -1.96
N GLY B 115 10.27 -14.64 -0.80
CA GLY B 115 9.13 -14.99 0.02
C GLY B 115 8.40 -16.25 -0.38
N VAL B 116 8.86 -16.94 -1.42
CA VAL B 116 8.24 -18.19 -1.87
C VAL B 116 9.20 -19.33 -1.54
N VAL B 117 8.68 -20.36 -0.88
CA VAL B 117 9.46 -21.53 -0.50
C VAL B 117 9.04 -22.68 -1.40
N ILE B 118 9.97 -23.17 -2.22
CA ILE B 118 9.71 -24.26 -3.16
C ILE B 118 10.56 -25.44 -2.75
N GLN B 119 9.91 -26.57 -2.48
CA GLN B 119 10.57 -27.81 -2.12
C GLN B 119 10.30 -28.84 -3.20
N LEU B 120 11.35 -29.41 -3.77
CA LEU B 120 11.23 -30.39 -4.85
C LEU B 120 11.71 -31.74 -4.34
N THR B 121 10.79 -32.70 -4.25
CA THR B 121 11.11 -34.08 -3.94
C THR B 121 10.71 -34.95 -5.10
N LYS B 122 11.15 -36.22 -5.07
CA LYS B 122 10.87 -37.14 -6.17
C LYS B 122 9.38 -37.30 -6.37
N GLY B 123 8.86 -36.77 -7.48
CA GLY B 123 7.44 -36.82 -7.75
C GLY B 123 6.58 -35.89 -6.93
N SER B 124 7.15 -34.82 -6.37
CA SER B 124 6.37 -33.91 -5.56
C SER B 124 6.98 -32.51 -5.60
N VAL B 125 6.12 -31.50 -5.72
CA VAL B 125 6.52 -30.10 -5.67
C VAL B 125 5.64 -29.40 -4.66
N LEU B 126 6.26 -28.76 -3.67
CA LEU B 126 5.54 -28.04 -2.62
C LEU B 126 5.88 -26.55 -2.73
N VAL B 127 4.84 -25.72 -2.77
CA VAL B 127 5.00 -24.27 -2.79
C VAL B 127 4.37 -23.72 -1.52
N ASN B 128 5.18 -23.09 -0.67
CA ASN B 128 4.75 -22.57 0.63
C ASN B 128 4.13 -23.65 1.50
N GLY B 129 4.64 -24.88 1.38
CA GLY B 129 4.20 -25.99 2.21
C GLY B 129 3.00 -26.76 1.67
N HIS B 130 2.40 -26.33 0.56
CA HIS B 130 1.25 -27.03 0.04
C HIS B 130 1.57 -27.71 -1.29
N PRO B 131 1.03 -28.89 -1.54
CA PRO B 131 1.26 -29.55 -2.84
C PRO B 131 0.54 -28.82 -3.95
N VAL B 132 1.21 -28.75 -5.11
CA VAL B 132 0.68 -28.05 -6.27
C VAL B 132 0.74 -28.97 -7.48
N LEU B 133 -0.07 -28.66 -8.49
CA LEU B 133 -0.13 -29.42 -9.72
C LEU B 133 0.53 -28.61 -10.83
N LEU B 134 1.55 -29.19 -11.45
CA LEU B 134 2.29 -28.50 -12.49
C LEU B 134 1.52 -28.49 -13.80
N PRO B 135 1.66 -27.42 -14.61
CA PRO B 135 2.48 -26.22 -14.39
C PRO B 135 1.88 -25.31 -13.32
N PHE B 136 2.72 -24.58 -12.59
CA PHE B 136 2.27 -23.74 -11.48
C PHE B 136 2.97 -22.39 -11.57
N SER B 137 2.19 -21.32 -11.65
CA SER B 137 2.73 -19.96 -11.73
C SER B 137 2.22 -19.16 -10.55
N GLN B 138 3.15 -18.53 -9.82
CA GLN B 138 2.79 -17.73 -8.66
C GLN B 138 3.96 -16.85 -8.27
N SER B 139 3.67 -15.56 -8.02
CA SER B 139 4.66 -14.62 -7.50
C SER B 139 5.91 -14.55 -8.37
N GLY B 140 5.71 -14.56 -9.68
CA GLY B 140 6.83 -14.48 -10.61
C GLY B 140 7.66 -15.74 -10.68
N VAL B 141 7.15 -16.86 -10.19
CA VAL B 141 7.85 -18.14 -10.20
C VAL B 141 7.00 -19.13 -10.99
N LEU B 142 7.61 -19.76 -12.00
CA LEU B 142 6.92 -20.72 -12.85
C LEU B 142 7.62 -22.07 -12.75
N ILE B 143 6.86 -23.09 -12.35
CA ILE B 143 7.37 -24.45 -12.22
C ILE B 143 6.68 -25.32 -13.25
N GLN B 144 7.46 -26.03 -14.06
CA GLN B 144 6.92 -26.86 -15.11
C GLN B 144 7.70 -28.17 -15.21
N GLN B 145 6.98 -29.26 -15.45
CA GLN B 145 7.58 -30.59 -15.57
C GLN B 145 7.56 -31.03 -17.03
N SER B 146 8.64 -31.69 -17.44
CA SER B 146 8.74 -32.23 -18.79
C SER B 146 9.09 -33.72 -18.72
N SER B 147 9.35 -34.33 -19.87
CA SER B 147 9.70 -35.74 -19.90
C SER B 147 11.09 -36.03 -19.33
N SER B 148 11.91 -35.00 -19.10
CA SER B 148 13.27 -35.21 -18.63
C SER B 148 13.70 -34.30 -17.50
N TYR B 149 12.94 -33.25 -17.17
CA TYR B 149 13.39 -32.32 -16.16
C TYR B 149 12.20 -31.65 -15.47
N THR B 150 12.49 -31.04 -14.33
CA THR B 150 11.58 -30.12 -13.66
C THR B 150 12.27 -28.76 -13.60
N LYS B 151 11.63 -27.74 -14.15
CA LYS B 151 12.24 -26.43 -14.30
C LYS B 151 11.49 -25.39 -13.49
N VAL B 152 12.23 -24.60 -12.72
CA VAL B 152 11.70 -23.48 -11.95
C VAL B 152 12.36 -22.21 -12.47
N GLU B 153 11.56 -21.29 -13.00
CA GLU B 153 12.04 -20.03 -13.53
C GLU B 153 11.53 -18.90 -12.67
N ALA B 154 12.46 -18.07 -12.19
CA ALA B 154 12.14 -16.90 -11.38
C ALA B 154 12.52 -15.64 -12.14
N ARG B 155 11.55 -14.73 -12.27
CA ARG B 155 11.67 -13.53 -13.08
C ARG B 155 12.72 -12.56 -12.56
N LEU B 156 13.21 -12.75 -11.34
CA LEU B 156 14.37 -11.99 -10.90
C LEU B 156 15.63 -12.38 -11.67
N GLY B 157 15.57 -13.44 -12.47
CA GLY B 157 16.67 -13.82 -13.31
C GLY B 157 17.36 -15.11 -12.92
N LEU B 158 16.61 -16.11 -12.45
CA LEU B 158 17.21 -17.39 -12.11
C LEU B 158 16.42 -18.51 -12.76
N VAL B 159 17.15 -19.56 -13.16
CA VAL B 159 16.56 -20.78 -13.70
C VAL B 159 17.19 -21.97 -13.00
N LEU B 160 16.36 -22.86 -12.45
CA LEU B 160 16.83 -24.11 -11.87
C LEU B 160 16.23 -25.26 -12.67
N MET B 161 17.06 -26.26 -12.97
CA MET B 161 16.64 -27.43 -13.73
C MET B 161 17.08 -28.68 -12.99
N TRP B 162 16.13 -29.45 -12.49
CA TRP B 162 16.41 -30.75 -11.87
C TRP B 162 16.11 -31.80 -12.93
N ASN B 163 17.16 -32.35 -13.53
CA ASN B 163 17.01 -33.30 -14.62
C ASN B 163 16.75 -34.70 -14.09
N HIS B 164 16.25 -35.56 -14.97
CA HIS B 164 15.97 -36.94 -14.59
C HIS B 164 17.23 -37.78 -14.45
N ASP B 165 18.39 -37.27 -14.89
CA ASP B 165 19.67 -37.89 -14.64
C ASP B 165 20.21 -37.59 -13.25
N ASP B 166 19.35 -37.10 -12.35
CA ASP B 166 19.74 -36.70 -11.01
C ASP B 166 20.84 -35.63 -11.04
N SER B 167 20.69 -34.68 -11.95
CA SER B 167 21.62 -33.57 -12.11
C SER B 167 20.87 -32.26 -11.92
N LEU B 168 21.45 -31.35 -11.15
CA LEU B 168 20.86 -30.05 -10.87
C LEU B 168 21.68 -28.96 -11.54
N LEU B 169 21.01 -28.10 -12.30
CA LEU B 169 21.66 -27.03 -13.03
C LEU B 169 21.02 -25.70 -12.66
N LEU B 170 21.83 -24.64 -12.65
CA LEU B 170 21.39 -23.33 -12.21
C LEU B 170 21.97 -22.25 -13.12
N GLU B 171 21.09 -21.53 -13.82
CA GLU B 171 21.46 -20.35 -14.58
C GLU B 171 21.13 -19.11 -13.75
N LEU B 172 22.10 -18.22 -13.61
CA LEU B 172 21.95 -16.99 -12.85
C LEU B 172 22.17 -15.79 -13.76
N ASP B 173 21.47 -14.70 -13.46
CA ASP B 173 21.65 -13.46 -14.19
C ASP B 173 23.01 -12.85 -13.87
N THR B 174 23.50 -12.02 -14.81
CA THR B 174 24.79 -11.37 -14.61
C THR B 174 24.74 -10.34 -13.50
N LYS B 175 23.55 -9.89 -13.11
CA LYS B 175 23.41 -8.94 -12.02
C LYS B 175 23.79 -9.52 -10.67
N TYR B 176 23.95 -10.83 -10.57
CA TYR B 176 24.32 -11.49 -9.32
C TYR B 176 25.82 -11.80 -9.25
N ALA B 177 26.61 -11.25 -10.15
CA ALA B 177 28.04 -11.53 -10.17
C ALA B 177 28.71 -10.97 -8.93
N ASN B 178 29.63 -11.75 -8.36
CA ASN B 178 30.41 -11.36 -7.18
C ASN B 178 29.51 -11.06 -5.98
N LYS B 179 28.34 -11.70 -5.93
CA LYS B 179 27.39 -11.46 -4.84
C LYS B 179 26.73 -12.74 -4.34
N THR B 180 27.23 -13.91 -4.70
CA THR B 180 26.64 -15.17 -4.30
C THR B 180 27.64 -16.00 -3.50
N CYS B 181 27.15 -17.04 -2.86
CA CYS B 181 27.98 -17.98 -2.13
C CYS B 181 27.29 -19.34 -2.11
N GLY B 182 28.07 -20.38 -1.83
CA GLY B 182 27.61 -21.75 -1.82
C GLY B 182 28.52 -22.62 -2.62
N LEU B 183 28.04 -23.82 -2.96
CA LEU B 183 28.84 -24.78 -3.71
C LEU B 183 29.13 -24.32 -5.13
N CYS B 184 28.44 -23.30 -5.63
CA CYS B 184 28.62 -22.82 -6.99
C CYS B 184 29.61 -21.66 -7.08
N GLY B 185 30.30 -21.34 -5.98
CA GLY B 185 31.29 -20.28 -6.01
C GLY B 185 30.69 -18.91 -5.77
N ASP B 186 31.57 -17.92 -5.81
CA ASP B 186 31.19 -16.53 -5.58
C ASP B 186 30.79 -15.80 -6.85
N PHE B 187 30.91 -16.44 -8.01
CA PHE B 187 30.42 -15.90 -9.28
C PHE B 187 31.13 -14.58 -9.61
N ASN B 188 32.46 -14.62 -9.69
CA ASN B 188 33.24 -13.44 -10.03
C ASN B 188 34.20 -13.65 -11.20
N GLY B 189 34.36 -14.88 -11.68
CA GLY B 189 35.22 -15.13 -12.82
C GLY B 189 36.48 -15.91 -12.48
N MET B 190 37.07 -15.64 -11.32
CA MET B 190 38.27 -16.33 -10.90
C MET B 190 37.91 -17.69 -10.32
N PRO B 191 38.41 -18.80 -10.87
CA PRO B 191 37.97 -20.12 -10.40
C PRO B 191 38.30 -20.42 -8.95
N VAL B 192 39.42 -19.92 -8.44
CA VAL B 192 39.92 -20.30 -7.13
C VAL B 192 39.78 -19.17 -6.12
N VAL B 193 39.99 -17.93 -6.56
CA VAL B 193 40.04 -16.80 -5.63
C VAL B 193 38.70 -16.63 -4.94
N SER B 194 38.75 -16.44 -3.61
CA SER B 194 37.62 -16.14 -2.73
C SER B 194 36.66 -17.30 -2.57
N GLU B 195 37.00 -18.49 -3.07
CA GLU B 195 36.22 -19.70 -2.80
C GLU B 195 37.02 -20.74 -2.06
N LEU B 196 38.24 -21.03 -2.52
CA LEU B 196 39.13 -21.97 -1.87
C LEU B 196 40.17 -21.28 -1.00
N LEU B 197 39.99 -20.00 -0.71
CA LEU B 197 40.91 -19.22 0.11
C LEU B 197 40.12 -18.66 1.29
N SER B 198 40.19 -19.35 2.44
CA SER B 198 39.55 -18.83 3.65
C SER B 198 40.29 -17.61 4.15
N HIS B 199 41.56 -17.77 4.51
CA HIS B 199 42.44 -16.65 4.84
C HIS B 199 43.85 -17.05 4.37
N ASN B 200 44.17 -16.70 3.12
CA ASN B 200 45.46 -17.02 2.51
C ASN B 200 45.78 -18.51 2.63
N THR B 201 44.75 -19.35 2.63
CA THR B 201 44.91 -20.79 2.78
C THR B 201 44.17 -21.49 1.65
N LYS B 202 44.87 -22.38 0.96
CA LYS B 202 44.30 -23.09 -0.19
C LYS B 202 43.39 -24.20 0.32
N LEU B 203 42.08 -24.00 0.20
CA LEU B 203 41.12 -24.99 0.66
C LEU B 203 40.98 -26.12 -0.34
N THR B 204 40.82 -27.33 0.17
CA THR B 204 40.50 -28.48 -0.66
C THR B 204 39.01 -28.52 -0.96
N PRO B 205 38.61 -29.22 -2.03
CA PRO B 205 37.17 -29.34 -2.31
C PRO B 205 36.38 -29.94 -1.16
N MET B 206 36.97 -30.88 -0.41
CA MET B 206 36.29 -31.42 0.77
C MET B 206 36.02 -30.33 1.80
N GLU B 207 37.04 -29.52 2.10
CA GLU B 207 36.87 -28.47 3.10
C GLU B 207 35.84 -27.44 2.64
N PHE B 208 35.88 -27.04 1.37
CA PHE B 208 34.93 -26.07 0.86
C PHE B 208 33.51 -26.61 0.92
N GLY B 209 33.31 -27.86 0.48
CA GLY B 209 31.99 -28.45 0.52
C GLY B 209 31.45 -28.58 1.94
N ASN B 210 32.32 -28.94 2.88
CA ASN B 210 31.91 -29.00 4.28
C ASN B 210 31.60 -27.60 4.83
N LEU B 211 32.32 -26.59 4.35
CA LEU B 211 32.03 -25.22 4.76
C LEU B 211 30.68 -24.74 4.25
N GLN B 212 30.24 -25.26 3.11
CA GLN B 212 28.94 -24.88 2.55
C GLN B 212 27.79 -25.71 3.11
N LYS B 213 27.94 -26.27 4.31
CA LYS B 213 26.89 -27.09 4.90
C LYS B 213 25.86 -26.23 5.63
N MET B 214 24.59 -26.66 5.56
CA MET B 214 23.49 -26.02 6.28
C MET B 214 22.56 -27.14 6.74
N ASP B 215 22.68 -27.52 8.01
CA ASP B 215 22.01 -28.71 8.50
C ASP B 215 20.58 -28.41 8.96
N ASP B 216 19.80 -29.49 9.11
CA ASP B 216 18.45 -29.43 9.65
C ASP B 216 18.48 -29.28 11.17
N PRO B 217 17.37 -28.81 11.78
CA PRO B 217 17.37 -28.62 13.23
C PRO B 217 17.66 -29.88 14.03
N THR B 218 16.86 -30.92 13.84
CA THR B 218 16.99 -32.16 14.59
C THR B 218 17.85 -33.21 13.89
N ASP B 219 18.34 -32.92 12.69
CA ASP B 219 19.13 -33.86 11.91
C ASP B 219 20.58 -33.41 11.91
N GLN B 220 21.38 -34.03 12.78
CA GLN B 220 22.82 -33.80 12.79
C GLN B 220 23.50 -34.71 11.78
N CYS B 221 24.37 -34.14 10.98
CA CYS B 221 24.99 -34.85 9.87
C CYS B 221 26.50 -34.94 10.08
N GLN B 222 27.06 -36.08 9.69
CA GLN B 222 28.48 -36.33 9.77
C GLN B 222 29.15 -36.00 8.44
N ASP B 223 30.22 -35.23 8.48
CA ASP B 223 30.92 -34.88 7.27
C ASP B 223 31.52 -36.14 6.63
N PRO B 224 31.56 -36.21 5.30
CA PRO B 224 32.09 -37.42 4.65
C PRO B 224 33.56 -37.64 5.00
N VAL B 225 33.91 -38.90 5.16
CA VAL B 225 35.28 -39.27 5.51
C VAL B 225 36.14 -39.25 4.24
N PRO B 226 37.25 -38.51 4.22
CA PRO B 226 38.11 -38.52 3.04
C PRO B 226 38.77 -39.89 2.85
N GLU B 227 38.43 -40.57 1.75
CA GLU B 227 38.93 -41.91 1.55
C GLU B 227 40.14 -41.90 0.63
N PRO B 228 41.09 -42.81 0.86
CA PRO B 228 42.24 -42.91 -0.04
C PRO B 228 41.82 -43.40 -1.41
N PRO B 229 42.56 -43.06 -2.46
CA PRO B 229 42.16 -43.50 -3.81
C PRO B 229 42.18 -45.02 -3.93
N ARG B 230 41.29 -45.53 -4.77
CA ARG B 230 41.14 -46.96 -4.98
C ARG B 230 42.11 -47.50 -6.02
N ASN B 231 42.94 -46.65 -6.64
CA ASN B 231 43.91 -47.06 -7.65
C ASN B 231 43.21 -47.76 -8.82
N CYS B 232 42.29 -47.04 -9.45
CA CYS B 232 41.54 -47.57 -10.59
C CYS B 232 41.87 -46.80 -11.86
N GLY B 237 40.40 -46.92 -21.15
CA GLY B 237 39.85 -45.58 -21.18
C GLY B 237 38.70 -45.43 -22.16
N ILE B 238 37.50 -45.81 -21.71
CA ILE B 238 36.32 -45.73 -22.57
C ILE B 238 36.02 -44.27 -22.94
N CYS B 239 36.05 -43.37 -21.96
CA CYS B 239 35.70 -41.98 -22.22
C CYS B 239 36.66 -41.31 -23.19
N GLU B 240 37.89 -41.80 -23.29
CA GLU B 240 38.87 -41.19 -24.18
C GLU B 240 38.43 -41.28 -25.64
N GLU B 241 37.77 -42.37 -26.02
CA GLU B 241 37.35 -42.53 -27.42
C GLU B 241 36.25 -41.54 -27.78
N LEU B 242 35.20 -41.45 -26.97
CA LEU B 242 34.07 -40.60 -27.33
C LEU B 242 34.37 -39.13 -27.09
N LEU B 243 34.98 -38.79 -25.95
CA LEU B 243 35.22 -37.38 -25.64
C LEU B 243 36.20 -36.75 -26.61
N HIS B 244 37.25 -37.46 -26.99
CA HIS B 244 38.23 -36.97 -27.95
C HIS B 244 37.86 -37.31 -29.39
N GLY B 245 36.79 -38.06 -29.61
CA GLY B 245 36.38 -38.43 -30.96
C GLY B 245 35.67 -37.30 -31.68
N GLN B 246 35.37 -37.56 -32.95
CA GLN B 246 34.66 -36.59 -33.77
C GLN B 246 33.24 -36.35 -33.26
N LEU B 247 32.67 -37.31 -32.54
CA LEU B 247 31.29 -37.19 -32.07
C LEU B 247 31.10 -35.96 -31.20
N PHE B 248 32.14 -35.55 -30.45
CA PHE B 248 32.10 -34.33 -29.66
C PHE B 248 33.07 -33.28 -30.19
N SER B 249 33.55 -33.44 -31.43
CA SER B 249 34.56 -32.53 -31.96
C SER B 249 34.07 -31.09 -31.95
N GLY B 250 32.87 -30.85 -32.48
CA GLY B 250 32.30 -29.52 -32.54
C GLY B 250 32.03 -28.91 -31.17
N CYS B 251 32.36 -29.66 -30.12
CA CYS B 251 32.25 -29.17 -28.75
C CYS B 251 33.58 -28.98 -28.05
N VAL B 252 34.67 -29.53 -28.58
CA VAL B 252 35.96 -29.42 -27.90
C VAL B 252 36.45 -27.98 -27.93
N ALA B 253 36.21 -27.26 -29.03
CA ALA B 253 36.76 -25.92 -29.19
C ALA B 253 36.17 -24.91 -28.23
N LEU B 254 35.02 -25.22 -27.61
CA LEU B 254 34.35 -24.29 -26.72
C LEU B 254 34.49 -24.64 -25.24
N VAL B 255 34.38 -25.91 -24.89
CA VAL B 255 34.48 -26.37 -23.50
C VAL B 255 35.64 -27.33 -23.40
N ASP B 256 36.56 -27.06 -22.49
CA ASP B 256 37.70 -27.95 -22.27
C ASP B 256 37.21 -29.29 -21.70
N VAL B 257 37.84 -30.37 -22.15
CA VAL B 257 37.37 -31.72 -21.83
C VAL B 257 38.17 -32.40 -20.74
N GLY B 258 39.27 -31.81 -20.28
CA GLY B 258 40.09 -32.48 -19.28
C GLY B 258 39.35 -32.72 -17.97
N SER B 259 38.66 -31.69 -17.47
CA SER B 259 37.88 -31.85 -16.25
C SER B 259 36.78 -32.88 -16.44
N TYR B 260 36.09 -32.84 -17.58
CA TYR B 260 35.03 -33.81 -17.82
C TYR B 260 35.60 -35.19 -18.14
N LEU B 261 36.81 -35.27 -18.69
CA LEU B 261 37.48 -36.56 -18.84
C LEU B 261 37.75 -37.18 -17.47
N GLU B 262 38.27 -36.39 -16.54
CA GLU B 262 38.50 -36.90 -15.19
C GLU B 262 37.19 -37.27 -14.51
N ALA B 263 36.13 -36.47 -14.72
CA ALA B 263 34.84 -36.79 -14.15
C ALA B 263 34.28 -38.10 -14.70
N CYS B 264 34.44 -38.33 -16.02
CA CYS B 264 33.98 -39.57 -16.61
C CYS B 264 34.78 -40.76 -16.08
N ARG B 265 36.10 -40.61 -15.92
CA ARG B 265 36.89 -41.67 -15.33
C ARG B 265 36.42 -41.99 -13.92
N GLN B 266 36.16 -40.96 -13.11
CA GLN B 266 35.68 -41.17 -11.75
C GLN B 266 34.33 -41.87 -11.75
N ASP B 267 33.41 -41.44 -12.62
CA ASP B 267 32.08 -42.05 -12.68
C ASP B 267 32.17 -43.51 -13.10
N LEU B 268 33.01 -43.81 -14.10
CA LEU B 268 33.17 -45.19 -14.54
C LEU B 268 33.77 -46.06 -13.45
N CYS B 269 34.73 -45.52 -12.71
CA CYS B 269 35.38 -46.30 -11.66
C CYS B 269 34.51 -46.43 -10.42
N PHE B 270 33.70 -45.42 -10.09
CA PHE B 270 32.99 -45.39 -8.82
C PHE B 270 31.60 -46.01 -8.88
N CYS B 271 31.10 -46.39 -10.05
CA CYS B 271 29.73 -46.86 -10.14
C CYS B 271 29.67 -48.38 -9.93
N GLU B 272 28.53 -48.83 -9.41
CA GLU B 272 28.42 -50.13 -8.75
C GLU B 272 27.91 -51.26 -9.63
N ASP B 273 27.79 -51.04 -10.94
CA ASP B 273 27.41 -52.12 -11.84
C ASP B 273 28.35 -52.13 -13.03
N THR B 274 28.52 -53.32 -13.61
CA THR B 274 29.42 -53.48 -14.76
C THR B 274 28.71 -53.19 -16.07
N ASP B 275 27.96 -52.09 -16.10
CA ASP B 275 27.44 -51.54 -17.34
C ASP B 275 28.34 -50.39 -17.82
N LEU B 276 29.62 -50.74 -18.01
CA LEU B 276 30.64 -49.73 -18.23
C LEU B 276 30.33 -48.85 -19.43
N LEU B 277 29.74 -49.43 -20.48
CA LEU B 277 29.33 -48.63 -21.62
C LEU B 277 28.19 -47.69 -21.26
N SER B 278 27.27 -48.14 -20.40
CA SER B 278 26.10 -47.37 -20.03
C SER B 278 26.20 -46.72 -18.66
N CYS B 279 27.38 -46.73 -18.05
CA CYS B 279 27.56 -46.12 -16.73
C CYS B 279 28.28 -44.77 -16.82
N VAL B 280 28.45 -44.24 -18.03
CA VAL B 280 29.11 -42.95 -18.24
C VAL B 280 28.17 -41.96 -18.93
N CYS B 281 26.87 -42.24 -18.92
CA CYS B 281 25.92 -41.37 -19.60
C CYS B 281 25.81 -40.01 -18.93
N HIS B 282 25.94 -39.96 -17.60
CA HIS B 282 25.73 -38.71 -16.87
C HIS B 282 26.79 -37.67 -17.23
N THR B 283 28.06 -38.07 -17.25
CA THR B 283 29.12 -37.13 -17.56
C THR B 283 29.02 -36.64 -19.01
N LEU B 284 28.68 -37.53 -19.94
CA LEU B 284 28.52 -37.12 -21.33
C LEU B 284 27.35 -36.16 -21.49
N ALA B 285 26.24 -36.43 -20.78
CA ALA B 285 25.10 -35.53 -20.82
C ALA B 285 25.46 -34.16 -20.25
N GLU B 286 26.22 -34.14 -19.16
CA GLU B 286 26.64 -32.86 -18.60
C GLU B 286 27.55 -32.09 -19.55
N TYR B 287 28.47 -32.80 -20.21
CA TYR B 287 29.34 -32.15 -21.18
C TYR B 287 28.54 -31.59 -22.35
N SER B 288 27.52 -32.33 -22.81
CA SER B 288 26.65 -31.83 -23.86
C SER B 288 25.89 -30.59 -23.40
N ARG B 289 25.41 -30.60 -22.15
CA ARG B 289 24.72 -29.44 -21.60
C ARG B 289 25.63 -28.22 -21.56
N GLN B 290 26.88 -28.41 -21.12
CA GLN B 290 27.82 -27.31 -21.08
C GLN B 290 28.16 -26.80 -22.48
N CYS B 291 28.24 -27.71 -23.45
CA CYS B 291 28.47 -27.32 -24.83
C CYS B 291 27.31 -26.48 -25.35
N THR B 292 26.07 -26.88 -25.05
CA THR B 292 24.92 -26.07 -25.44
C THR B 292 24.94 -24.70 -24.76
N HIS B 293 25.34 -24.66 -23.49
CA HIS B 293 25.43 -23.38 -22.78
C HIS B 293 26.58 -22.52 -23.29
N ALA B 294 27.54 -23.10 -23.99
CA ALA B 294 28.69 -22.38 -24.51
C ALA B 294 28.49 -21.87 -25.93
N GLY B 295 27.29 -22.02 -26.48
CA GLY B 295 27.03 -21.63 -27.86
C GLY B 295 27.34 -22.67 -28.90
N GLY B 296 27.73 -23.87 -28.51
CA GLY B 296 27.99 -24.94 -29.44
C GLY B 296 26.73 -25.65 -29.88
N LEU B 297 26.89 -26.58 -30.82
CA LEU B 297 25.80 -27.36 -31.38
C LEU B 297 26.18 -28.83 -31.32
N PRO B 298 26.00 -29.48 -30.17
CA PRO B 298 26.32 -30.91 -30.06
C PRO B 298 25.43 -31.74 -30.97
N GLN B 299 26.01 -32.82 -31.50
CA GLN B 299 25.28 -33.78 -32.31
C GLN B 299 24.95 -35.02 -31.48
N ASP B 300 23.94 -35.75 -31.93
CA ASP B 300 23.43 -36.87 -31.15
C ASP B 300 24.50 -37.94 -30.96
N TRP B 301 24.66 -38.40 -29.72
CA TRP B 301 25.62 -39.42 -29.38
C TRP B 301 25.01 -40.65 -28.72
N ARG B 302 23.70 -40.65 -28.50
CA ARG B 302 23.03 -41.76 -27.84
C ARG B 302 22.63 -42.82 -28.88
N GLY B 303 21.92 -43.84 -28.43
CA GLY B 303 21.49 -44.91 -29.30
C GLY B 303 20.59 -45.90 -28.58
N PRO B 304 20.06 -46.87 -29.32
CA PRO B 304 19.20 -47.89 -28.68
C PRO B 304 19.92 -48.69 -27.61
N ASP B 305 21.22 -48.92 -27.77
CA ASP B 305 21.99 -49.70 -26.80
C ASP B 305 22.96 -48.86 -25.97
N PHE B 306 23.30 -47.65 -26.43
CA PHE B 306 24.24 -46.78 -25.73
C PHE B 306 23.47 -45.59 -25.17
N CYS B 307 23.19 -45.64 -23.86
CA CYS B 307 22.48 -44.59 -23.14
C CYS B 307 21.18 -44.24 -23.85
N PRO B 308 20.18 -45.12 -23.84
CA PRO B 308 18.94 -44.84 -24.56
C PRO B 308 17.99 -43.96 -23.75
N GLN B 309 17.28 -43.09 -24.47
CA GLN B 309 16.29 -42.20 -23.87
C GLN B 309 14.93 -42.49 -24.48
N LYS B 310 13.90 -42.49 -23.64
CA LYS B 310 12.53 -42.79 -24.06
C LYS B 310 11.74 -41.50 -24.12
N CYS B 311 11.03 -41.29 -25.23
CA CYS B 311 10.25 -40.08 -25.42
C CYS B 311 8.77 -40.42 -25.59
N PRO B 312 7.87 -39.62 -25.04
CA PRO B 312 6.44 -39.90 -25.16
C PRO B 312 5.95 -39.74 -26.59
N ASN B 313 4.91 -40.51 -26.92
CA ASN B 313 4.23 -40.44 -28.22
C ASN B 313 5.25 -40.75 -29.31
N ASN B 314 5.33 -39.97 -30.40
CA ASN B 314 6.25 -40.22 -31.48
C ASN B 314 7.46 -39.28 -31.45
N MET B 315 7.67 -38.59 -30.34
CA MET B 315 8.79 -37.67 -30.23
C MET B 315 10.12 -38.44 -30.21
N GLN B 316 11.18 -37.72 -30.57
CA GLN B 316 12.52 -38.28 -30.59
C GLN B 316 13.44 -37.45 -29.71
N TYR B 317 14.40 -38.11 -29.07
CA TYR B 317 15.36 -37.42 -28.22
C TYR B 317 16.49 -36.84 -29.07
N HIS B 318 16.81 -35.57 -28.83
CA HIS B 318 17.86 -34.89 -29.56
C HIS B 318 18.72 -34.08 -28.59
N GLU B 319 19.95 -33.81 -29.01
CA GLU B 319 20.91 -33.14 -28.14
C GLU B 319 20.93 -31.63 -28.30
N CYS B 320 20.56 -31.11 -29.47
CA CYS B 320 20.64 -29.66 -29.70
C CYS B 320 19.50 -29.27 -30.65
N ARG B 321 18.38 -28.85 -30.06
CA ARG B 321 17.26 -28.29 -30.81
C ARG B 321 16.67 -27.15 -30.01
N SER B 322 15.92 -26.29 -30.71
CA SER B 322 15.36 -25.12 -30.07
C SER B 322 14.34 -25.53 -29.01
N PRO B 323 14.37 -24.92 -27.82
CA PRO B 323 13.40 -25.29 -26.78
C PRO B 323 12.00 -24.74 -27.02
N CYS B 324 11.84 -23.82 -27.98
CA CYS B 324 10.54 -23.24 -28.29
C CYS B 324 9.83 -24.18 -29.25
N ALA B 325 9.15 -25.18 -28.70
CA ALA B 325 8.47 -26.17 -29.53
C ALA B 325 7.28 -25.55 -30.24
N ASP B 326 7.11 -25.91 -31.52
CA ASP B 326 5.98 -25.43 -32.30
C ASP B 326 4.75 -26.30 -32.02
N THR B 327 3.63 -25.65 -31.72
CA THR B 327 2.37 -26.33 -31.46
C THR B 327 1.33 -25.88 -32.49
N CYS B 328 0.13 -26.45 -32.39
CA CYS B 328 -0.94 -26.04 -33.29
C CYS B 328 -1.31 -24.59 -33.07
N SER B 329 -1.37 -24.15 -31.81
CA SER B 329 -1.70 -22.76 -31.52
C SER B 329 -0.57 -21.83 -31.96
N ASN B 330 0.67 -22.21 -31.72
CA ASN B 330 1.85 -21.41 -32.05
C ASN B 330 2.74 -22.23 -32.98
N GLN B 331 2.51 -22.10 -34.29
CA GLN B 331 3.26 -22.84 -35.28
C GLN B 331 4.52 -22.12 -35.74
N GLU B 332 4.77 -20.90 -35.25
CA GLU B 332 5.98 -20.15 -35.58
C GLU B 332 6.83 -19.87 -34.33
N HIS B 333 6.67 -20.68 -33.28
CA HIS B 333 7.38 -20.42 -32.04
C HIS B 333 8.88 -20.61 -32.18
N SER B 334 9.30 -21.65 -32.92
CA SER B 334 10.73 -21.93 -33.05
C SER B 334 11.46 -20.81 -33.79
N ARG B 335 10.81 -20.18 -34.77
CA ARG B 335 11.43 -19.09 -35.51
C ARG B 335 11.53 -17.81 -34.69
N ALA B 336 10.91 -17.75 -33.52
CA ALA B 336 10.94 -16.60 -32.64
C ALA B 336 11.41 -17.00 -31.24
N CYS B 337 12.48 -17.79 -31.20
CA CYS B 337 13.05 -18.27 -29.94
C CYS B 337 14.36 -17.55 -29.66
N GLU B 338 14.54 -17.14 -28.40
CA GLU B 338 15.71 -16.40 -27.99
C GLU B 338 16.73 -17.23 -27.22
N ASP B 339 16.34 -18.39 -26.72
CA ASP B 339 17.24 -19.25 -25.96
C ASP B 339 18.00 -20.18 -26.90
N HIS B 340 19.17 -20.63 -26.44
CA HIS B 340 19.99 -21.52 -27.23
C HIS B 340 19.37 -22.91 -27.27
N CYS B 341 19.90 -23.76 -28.16
CA CYS B 341 19.39 -25.11 -28.32
C CYS B 341 19.61 -25.94 -27.06
N VAL B 342 18.66 -26.84 -26.78
CA VAL B 342 18.71 -27.69 -25.61
C VAL B 342 18.52 -29.14 -26.04
N ALA B 343 18.70 -30.05 -25.10
CA ALA B 343 18.54 -31.47 -25.33
C ALA B 343 17.25 -31.96 -24.69
N GLY B 344 16.48 -32.75 -25.42
CA GLY B 344 15.23 -33.27 -24.90
C GLY B 344 14.42 -33.94 -26.00
N CYS B 345 13.16 -34.19 -25.66
CA CYS B 345 12.23 -34.81 -26.60
C CYS B 345 11.61 -33.75 -27.49
N PHE B 346 11.66 -33.98 -28.80
CA PHE B 346 11.18 -33.01 -29.78
C PHE B 346 10.37 -33.74 -30.85
N CYS B 347 9.46 -33.00 -31.48
CA CYS B 347 8.63 -33.56 -32.53
C CYS B 347 9.48 -33.81 -33.79
N PRO B 348 9.12 -34.82 -34.57
CA PRO B 348 9.81 -35.05 -35.84
C PRO B 348 9.62 -33.87 -36.79
N GLU B 349 10.63 -33.63 -37.62
CA GLU B 349 10.60 -32.49 -38.53
C GLU B 349 9.43 -32.62 -39.50
N GLY B 350 8.74 -31.50 -39.72
CA GLY B 350 7.58 -31.46 -40.57
C GLY B 350 6.25 -31.50 -39.83
N THR B 351 6.27 -31.66 -38.52
CA THR B 351 5.06 -31.72 -37.71
C THR B 351 5.18 -30.73 -36.55
N VAL B 352 4.07 -30.52 -35.86
CA VAL B 352 4.01 -29.66 -34.69
C VAL B 352 3.26 -30.39 -33.58
N LEU B 353 3.52 -29.97 -32.35
CA LEU B 353 2.89 -30.61 -31.20
C LEU B 353 1.40 -30.27 -31.16
N ASP B 354 0.60 -31.21 -30.70
CA ASP B 354 -0.85 -31.03 -30.55
C ASP B 354 -1.12 -30.66 -29.09
N ASP B 355 -1.32 -29.37 -28.84
CA ASP B 355 -1.66 -28.89 -27.50
C ASP B 355 -3.16 -28.81 -27.27
N ILE B 356 -3.97 -29.17 -28.26
CA ILE B 356 -5.42 -29.13 -28.15
C ILE B 356 -5.98 -30.49 -27.77
N GLY B 357 -5.61 -31.54 -28.51
CA GLY B 357 -6.10 -32.88 -28.23
C GLY B 357 -5.13 -33.73 -27.46
N GLN B 358 -3.91 -33.23 -27.24
CA GLN B 358 -2.85 -33.96 -26.56
C GLN B 358 -2.65 -35.34 -27.17
N THR B 359 -2.53 -35.38 -28.49
CA THR B 359 -2.37 -36.62 -29.24
C THR B 359 -1.01 -36.69 -29.93
N GLY B 360 0.02 -36.17 -29.27
CA GLY B 360 1.36 -36.24 -29.84
C GLY B 360 1.54 -35.27 -30.98
N CYS B 361 2.62 -35.49 -31.73
CA CYS B 361 2.96 -34.62 -32.85
C CYS B 361 2.09 -34.95 -34.06
N VAL B 362 1.51 -33.91 -34.66
CA VAL B 362 0.64 -34.07 -35.82
C VAL B 362 1.09 -33.09 -36.89
N PRO B 363 0.80 -33.38 -38.16
CA PRO B 363 1.12 -32.42 -39.22
C PRO B 363 0.29 -31.15 -39.09
N VAL B 364 0.84 -30.07 -39.66
CA VAL B 364 0.18 -28.77 -39.55
C VAL B 364 -1.20 -28.81 -40.19
N SER B 365 -1.33 -29.51 -41.32
CA SER B 365 -2.61 -29.56 -42.03
C SER B 365 -3.71 -30.24 -41.23
N LYS B 366 -3.36 -31.04 -40.22
CA LYS B 366 -4.34 -31.74 -39.41
C LYS B 366 -4.51 -31.12 -38.02
N CYS B 367 -3.97 -29.92 -37.80
CA CYS B 367 -4.12 -29.27 -36.51
C CYS B 367 -5.54 -28.76 -36.33
N ALA B 368 -6.06 -28.89 -35.11
CA ALA B 368 -7.40 -28.42 -34.78
C ALA B 368 -7.38 -26.92 -34.50
N CYS B 369 -8.58 -26.35 -34.37
CA CYS B 369 -8.76 -24.94 -34.07
C CYS B 369 -9.68 -24.78 -32.87
N VAL B 370 -9.46 -23.72 -32.10
CA VAL B 370 -10.20 -23.45 -30.88
C VAL B 370 -10.92 -22.12 -31.03
N TYR B 371 -12.21 -22.12 -30.73
CA TYR B 371 -13.01 -20.89 -30.74
C TYR B 371 -13.97 -20.92 -29.56
N ASN B 372 -13.85 -19.93 -28.68
CA ASN B 372 -14.72 -19.80 -27.50
C ASN B 372 -14.66 -21.05 -26.62
N GLY B 373 -13.47 -21.61 -26.47
CA GLY B 373 -13.26 -22.73 -25.58
C GLY B 373 -13.66 -24.08 -26.12
N ALA B 374 -14.13 -24.16 -27.35
CA ALA B 374 -14.54 -25.42 -27.97
C ALA B 374 -13.59 -25.76 -29.10
N ALA B 375 -13.04 -26.98 -29.07
CA ALA B 375 -12.11 -27.40 -30.09
C ALA B 375 -12.86 -27.82 -31.34
N TYR B 376 -12.43 -27.29 -32.49
CA TYR B 376 -13.03 -27.61 -33.78
C TYR B 376 -12.15 -28.62 -34.52
N ALA B 377 -12.48 -28.87 -35.78
CA ALA B 377 -11.76 -29.83 -36.61
C ALA B 377 -11.32 -29.16 -37.89
N PRO B 378 -10.26 -29.66 -38.53
CA PRO B 378 -9.85 -29.11 -39.83
C PRO B 378 -10.99 -29.20 -40.84
N GLY B 379 -11.44 -28.02 -41.28
CA GLY B 379 -12.58 -27.91 -42.16
C GLY B 379 -13.87 -27.49 -41.49
N ALA B 380 -13.93 -27.51 -40.16
CA ALA B 380 -15.11 -27.05 -39.46
C ALA B 380 -15.26 -25.54 -39.59
N THR B 381 -16.50 -25.06 -39.50
CA THR B 381 -16.81 -23.66 -39.70
C THR B 381 -17.68 -23.14 -38.56
N TYR B 382 -17.54 -21.86 -38.26
CA TYR B 382 -18.45 -21.15 -37.39
C TYR B 382 -18.84 -19.82 -38.04
N SER B 383 -19.94 -19.26 -37.56
CA SER B 383 -20.47 -18.02 -38.13
C SER B 383 -21.03 -17.14 -37.03
N THR B 384 -20.91 -15.83 -37.23
CA THR B 384 -21.55 -14.82 -36.42
C THR B 384 -22.48 -14.01 -37.31
N ASP B 385 -22.97 -12.88 -36.80
CA ASP B 385 -23.87 -12.04 -37.57
C ASP B 385 -23.22 -11.63 -38.90
N CYS B 386 -21.96 -11.19 -38.87
CA CYS B 386 -21.29 -10.75 -40.09
C CYS B 386 -19.84 -11.22 -40.12
N THR B 387 -19.60 -12.50 -39.84
CA THR B 387 -18.34 -13.13 -40.21
C THR B 387 -18.60 -14.62 -40.40
N ASN B 388 -17.71 -15.26 -41.17
CA ASN B 388 -17.85 -16.67 -41.50
C ASN B 388 -16.45 -17.28 -41.56
N CYS B 389 -16.08 -18.06 -40.55
CA CYS B 389 -14.72 -18.54 -40.41
C CYS B 389 -14.66 -20.05 -40.54
N THR B 390 -13.59 -20.53 -41.15
CA THR B 390 -13.33 -21.96 -41.33
C THR B 390 -11.96 -22.30 -40.78
N CYS B 391 -11.84 -23.51 -40.22
CA CYS B 391 -10.60 -23.97 -39.62
C CYS B 391 -9.74 -24.64 -40.69
N SER B 392 -8.53 -24.11 -40.90
CA SER B 392 -7.60 -24.66 -41.87
C SER B 392 -6.18 -24.56 -41.31
N GLY B 393 -5.49 -25.70 -41.28
CA GLY B 393 -4.10 -25.72 -40.85
C GLY B 393 -3.86 -25.21 -39.45
N GLY B 394 -4.84 -25.35 -38.57
CA GLY B 394 -4.74 -24.84 -37.22
C GLY B 394 -5.06 -23.37 -37.07
N ARG B 395 -5.39 -22.67 -38.15
N ARG B 395 -5.38 -22.67 -38.16
CA ARG B 395 -5.73 -21.26 -38.11
CA ARG B 395 -5.71 -21.26 -38.14
C ARG B 395 -7.15 -21.07 -38.61
C ARG B 395 -7.15 -21.07 -38.60
N TRP B 396 -7.62 -19.82 -38.52
CA TRP B 396 -8.97 -19.46 -38.91
C TRP B 396 -8.92 -18.58 -40.16
N SER B 397 -9.64 -18.98 -41.20
CA SER B 397 -9.81 -18.17 -42.39
C SER B 397 -11.23 -17.60 -42.36
N CYS B 398 -11.32 -16.28 -42.22
CA CYS B 398 -12.59 -15.60 -41.99
C CYS B 398 -12.95 -14.74 -43.19
N GLN B 399 -14.20 -14.83 -43.64
CA GLN B 399 -14.72 -14.02 -44.71
C GLN B 399 -15.86 -13.15 -44.18
N GLU B 400 -16.04 -12.00 -44.83
CA GLU B 400 -17.03 -11.01 -44.40
C GLU B 400 -18.36 -11.22 -45.11
N VAL B 401 -19.43 -11.01 -44.38
CA VAL B 401 -20.79 -11.04 -44.94
C VAL B 401 -21.51 -9.79 -44.47
N PRO B 402 -22.58 -9.38 -45.17
CA PRO B 402 -23.22 -8.10 -44.85
C PRO B 402 -23.66 -8.01 -43.39
N CYS B 403 -23.51 -6.83 -42.82
CA CYS B 403 -23.75 -6.60 -41.39
C CYS B 403 -24.64 -5.38 -41.22
N PRO B 404 -25.91 -5.57 -40.82
CA PRO B 404 -26.72 -4.41 -40.44
C PRO B 404 -26.19 -3.77 -39.17
N GLY B 405 -26.32 -2.44 -39.09
CA GLY B 405 -25.86 -1.69 -37.94
C GLY B 405 -26.98 -1.38 -36.98
N THR B 406 -26.62 -1.19 -35.71
CA THR B 406 -27.60 -0.95 -34.66
C THR B 406 -27.14 0.21 -33.79
N CYS B 407 -27.89 1.30 -33.82
CA CYS B 407 -27.74 2.41 -32.90
C CYS B 407 -28.76 2.26 -31.78
N SER B 408 -28.44 2.80 -30.60
CA SER B 408 -29.30 2.64 -29.45
C SER B 408 -29.23 3.86 -28.56
N VAL B 409 -30.40 4.38 -28.17
CA VAL B 409 -30.52 5.44 -27.18
C VAL B 409 -31.29 4.85 -26.00
N LEU B 410 -30.61 4.68 -24.87
CA LEU B 410 -31.15 4.01 -23.71
C LEU B 410 -31.09 4.94 -22.50
N GLY B 411 -32.16 4.93 -21.72
CA GLY B 411 -32.25 5.77 -20.54
C GLY B 411 -32.35 7.25 -20.82
N GLY B 412 -32.47 7.64 -22.09
CA GLY B 412 -32.48 9.03 -22.48
C GLY B 412 -31.12 9.70 -22.50
N ALA B 413 -30.08 9.02 -22.06
CA ALA B 413 -28.75 9.62 -21.97
C ALA B 413 -27.62 8.75 -22.52
N HIS B 414 -27.80 7.44 -22.63
CA HIS B 414 -26.73 6.54 -23.04
C HIS B 414 -26.88 6.22 -24.52
N PHE B 415 -25.86 6.56 -25.30
CA PHE B 415 -25.88 6.37 -26.75
C PHE B 415 -24.85 5.34 -27.15
N SER B 416 -25.23 4.45 -28.06
CA SER B 416 -24.33 3.50 -28.70
C SER B 416 -24.51 3.61 -30.20
N THR B 417 -23.45 3.98 -30.91
CA THR B 417 -23.55 4.31 -32.32
C THR B 417 -23.53 3.05 -33.17
N PHE B 418 -23.60 3.25 -34.50
CA PHE B 418 -23.59 2.13 -35.42
C PHE B 418 -22.27 1.37 -35.39
N ASP B 419 -21.16 2.07 -35.14
CA ASP B 419 -19.83 1.47 -35.12
C ASP B 419 -19.45 0.94 -33.75
N GLY B 420 -20.36 0.98 -32.78
CA GLY B 420 -20.10 0.46 -31.45
C GLY B 420 -19.57 1.47 -30.46
N LYS B 421 -19.33 2.71 -30.87
CA LYS B 421 -18.89 3.72 -29.92
C LYS B 421 -20.01 4.04 -28.95
N GLN B 422 -19.67 4.11 -27.67
CA GLN B 422 -20.65 4.31 -26.60
C GLN B 422 -20.27 5.53 -25.78
N TYR B 423 -21.25 6.39 -25.52
CA TYR B 423 -21.04 7.60 -24.73
C TYR B 423 -22.30 7.91 -23.95
N THR B 424 -22.25 8.95 -23.13
CA THR B 424 -23.37 9.33 -22.28
C THR B 424 -23.38 10.84 -22.13
N VAL B 425 -24.34 11.50 -22.78
CA VAL B 425 -24.51 12.94 -22.69
C VAL B 425 -25.96 13.23 -22.31
N HIS B 426 -26.14 14.22 -21.44
CA HIS B 426 -27.46 14.59 -20.94
C HIS B 426 -27.89 15.89 -21.64
N GLY B 427 -28.56 15.74 -22.79
CA GLY B 427 -28.98 16.88 -23.57
C GLY B 427 -30.31 17.47 -23.10
N ASP B 428 -30.59 18.67 -23.62
CA ASP B 428 -31.82 19.40 -23.30
C ASP B 428 -32.38 20.04 -24.57
N CYS B 429 -32.41 19.29 -25.67
CA CYS B 429 -32.86 19.82 -26.94
C CYS B 429 -33.30 18.67 -27.83
N SER B 430 -33.55 18.98 -29.10
CA SER B 430 -33.84 18.00 -30.13
C SER B 430 -32.61 17.85 -31.01
N TYR B 431 -32.11 16.62 -31.14
CA TYR B 431 -30.83 16.36 -31.77
C TYR B 431 -31.01 15.46 -32.98
N VAL B 432 -30.09 15.59 -33.94
CA VAL B 432 -30.15 14.81 -35.17
C VAL B 432 -29.49 13.46 -34.89
N LEU B 433 -30.31 12.42 -34.73
CA LEU B 433 -29.75 11.09 -34.45
C LEU B 433 -29.11 10.49 -35.69
N THR B 434 -29.78 10.58 -36.84
CA THR B 434 -29.19 10.02 -38.06
C THR B 434 -29.75 10.73 -39.28
N LYS B 435 -28.91 10.82 -40.30
CA LYS B 435 -29.23 11.50 -41.56
C LYS B 435 -28.14 11.23 -42.59
N PRO B 436 -28.49 10.99 -43.86
CA PRO B 436 -27.48 11.02 -44.91
C PRO B 436 -26.85 12.41 -44.99
N CYS B 437 -25.54 12.45 -45.21
CA CYS B 437 -24.82 13.72 -45.15
C CYS B 437 -25.19 14.61 -46.32
N ASP B 438 -25.17 14.07 -47.55
CA ASP B 438 -25.35 14.86 -48.75
C ASP B 438 -26.80 14.91 -49.22
N SER B 439 -27.69 14.12 -48.63
CA SER B 439 -29.08 14.04 -49.08
C SER B 439 -30.02 14.17 -47.88
N SER B 440 -31.31 14.15 -48.17
CA SER B 440 -32.35 14.22 -47.16
C SER B 440 -33.40 13.14 -47.41
N ALA B 441 -32.95 11.94 -47.80
CA ALA B 441 -33.87 10.83 -48.03
C ALA B 441 -34.59 10.45 -46.74
N PHE B 442 -33.88 10.46 -45.62
CA PHE B 442 -34.49 10.22 -44.33
C PHE B 442 -33.76 11.04 -43.27
N THR B 443 -34.40 11.20 -42.12
CA THR B 443 -33.80 11.92 -41.00
C THR B 443 -34.51 11.49 -39.72
N VAL B 444 -33.73 11.06 -38.74
CA VAL B 444 -34.26 10.64 -37.44
C VAL B 444 -33.69 11.57 -36.38
N LEU B 445 -34.58 12.21 -35.63
CA LEU B 445 -34.24 13.10 -34.53
C LEU B 445 -34.81 12.55 -33.23
N ALA B 446 -34.20 12.95 -32.11
CA ALA B 446 -34.68 12.59 -30.79
C ALA B 446 -34.85 13.85 -29.96
N GLU B 447 -35.92 13.89 -29.15
CA GLU B 447 -36.20 15.01 -28.26
C GLU B 447 -35.78 14.61 -26.86
N LEU B 448 -34.52 14.85 -26.53
CA LEU B 448 -33.96 14.53 -25.23
C LEU B 448 -34.05 15.78 -24.37
N ARG B 449 -34.99 15.79 -23.43
CA ARG B 449 -35.24 16.94 -22.58
C ARG B 449 -35.07 16.53 -21.11
N ARG B 450 -34.88 17.52 -20.25
CA ARG B 450 -34.74 17.26 -18.82
C ARG B 450 -36.13 17.13 -18.20
N CYS B 451 -36.50 15.93 -17.79
CA CYS B 451 -37.76 15.70 -17.09
C CYS B 451 -37.51 15.40 -15.61
N GLY B 452 -36.51 16.09 -15.04
CA GLY B 452 -36.22 16.00 -13.62
C GLY B 452 -35.83 17.35 -13.07
N LEU B 453 -35.54 17.37 -11.77
CA LEU B 453 -35.23 18.62 -11.08
C LEU B 453 -33.80 19.08 -11.27
N THR B 454 -32.92 18.24 -11.81
CA THR B 454 -31.51 18.59 -12.02
C THR B 454 -31.19 18.58 -13.52
N ASP B 455 -29.95 18.92 -13.84
CA ASP B 455 -29.48 18.96 -15.21
C ASP B 455 -28.96 17.61 -15.70
N SER B 456 -28.97 16.60 -14.84
CA SER B 456 -28.39 15.29 -15.18
C SER B 456 -29.45 14.20 -15.29
N GLU B 457 -30.73 14.55 -15.37
CA GLU B 457 -31.81 13.60 -15.57
C GLU B 457 -32.44 13.90 -16.92
N THR B 458 -31.87 13.30 -17.97
CA THR B 458 -32.36 13.51 -19.32
C THR B 458 -33.31 12.37 -19.70
N CYS B 459 -34.19 12.65 -20.65
CA CYS B 459 -35.48 12.00 -20.71
C CYS B 459 -35.96 12.08 -22.15
N LEU B 460 -36.21 10.94 -22.78
CA LEU B 460 -36.60 10.90 -24.18
C LEU B 460 -38.10 11.13 -24.29
N LYS B 461 -38.48 12.27 -24.88
CA LYS B 461 -39.89 12.63 -24.98
C LYS B 461 -40.52 12.21 -26.30
N SER B 462 -39.78 12.36 -27.40
CA SER B 462 -40.34 12.02 -28.71
C SER B 462 -39.20 11.69 -29.67
N VAL B 463 -39.55 10.94 -30.71
CA VAL B 463 -38.65 10.60 -31.81
C VAL B 463 -39.32 11.01 -33.11
N THR B 464 -38.59 11.75 -33.94
CA THR B 464 -39.10 12.26 -35.20
C THR B 464 -38.39 11.58 -36.36
N LEU B 465 -39.18 11.01 -37.27
CA LEU B 465 -38.68 10.38 -38.48
C LEU B 465 -39.15 11.22 -39.67
N SER B 466 -38.21 11.89 -40.34
CA SER B 466 -38.50 12.71 -41.51
C SER B 466 -38.06 11.97 -42.76
N LEU B 467 -38.93 11.96 -43.77
CA LEU B 467 -38.72 11.16 -44.97
C LEU B 467 -38.90 12.02 -46.21
N ASP B 468 -37.92 11.95 -47.11
CA ASP B 468 -37.96 12.54 -48.45
C ASP B 468 -38.19 14.05 -48.36
N GLY B 469 -37.15 14.72 -47.86
CA GLY B 469 -37.17 16.18 -47.78
C GLY B 469 -38.27 16.73 -46.91
N ALA B 470 -38.49 16.12 -45.75
CA ALA B 470 -39.52 16.52 -44.80
C ALA B 470 -40.93 16.44 -45.39
N GLN B 471 -41.12 15.63 -46.42
CA GLN B 471 -42.45 15.43 -46.98
C GLN B 471 -43.24 14.36 -46.25
N THR B 472 -42.60 13.57 -45.37
CA THR B 472 -43.32 12.62 -44.53
C THR B 472 -42.71 12.66 -43.14
N VAL B 473 -43.37 13.35 -42.21
CA VAL B 473 -42.87 13.52 -40.85
C VAL B 473 -43.73 12.71 -39.92
N VAL B 474 -43.11 11.80 -39.17
CA VAL B 474 -43.80 10.96 -38.19
C VAL B 474 -43.18 11.24 -36.83
N VAL B 475 -44.01 11.62 -35.87
CA VAL B 475 -43.57 11.94 -34.52
C VAL B 475 -44.17 10.93 -33.57
N ILE B 476 -43.32 10.21 -32.85
CA ILE B 476 -43.76 9.23 -31.86
C ILE B 476 -43.39 9.78 -30.49
N LYS B 477 -44.40 10.01 -29.65
CA LYS B 477 -44.22 10.61 -28.34
C LYS B 477 -44.11 9.55 -27.26
N ALA B 478 -43.66 9.99 -26.08
CA ALA B 478 -43.49 9.08 -24.95
C ALA B 478 -44.80 8.48 -24.48
N SER B 479 -45.93 9.13 -24.76
CA SER B 479 -47.23 8.64 -24.36
C SER B 479 -47.79 7.61 -25.33
N GLY B 480 -47.02 7.20 -26.33
CA GLY B 480 -47.48 6.22 -27.30
C GLY B 480 -48.28 6.80 -28.44
N GLU B 481 -48.39 8.12 -28.54
CA GLU B 481 -49.16 8.76 -29.59
C GLU B 481 -48.29 8.99 -30.82
N VAL B 482 -48.85 8.66 -31.99
CA VAL B 482 -48.14 8.76 -33.26
C VAL B 482 -48.84 9.82 -34.10
N PHE B 483 -48.08 10.82 -34.55
CA PHE B 483 -48.58 11.89 -35.40
C PHE B 483 -47.96 11.73 -36.79
N LEU B 484 -48.80 11.62 -37.81
CA LEU B 484 -48.37 11.55 -39.20
C LEU B 484 -48.76 12.85 -39.89
N ASN B 485 -47.75 13.66 -40.21
CA ASN B 485 -47.97 14.97 -40.85
C ASN B 485 -48.89 15.84 -40.01
N GLN B 486 -48.51 16.05 -38.75
CA GLN B 486 -49.23 16.87 -37.80
C GLN B 486 -50.67 16.41 -37.58
N ILE B 487 -50.96 15.14 -37.85
CA ILE B 487 -52.29 14.57 -37.66
C ILE B 487 -52.16 13.37 -36.73
N TYR B 488 -52.92 13.39 -35.64
CA TYR B 488 -52.93 12.27 -34.69
C TYR B 488 -53.61 11.09 -35.37
N THR B 489 -52.81 10.13 -35.82
CA THR B 489 -53.30 8.96 -36.53
C THR B 489 -53.45 7.78 -35.58
N GLN B 490 -53.76 6.61 -36.14
CA GLN B 490 -54.00 5.40 -35.36
C GLN B 490 -53.24 4.24 -35.99
N LEU B 491 -52.36 3.63 -35.21
CA LEU B 491 -51.60 2.49 -35.70
C LEU B 491 -52.52 1.29 -35.91
N PRO B 492 -52.21 0.42 -36.89
CA PRO B 492 -51.06 0.45 -37.80
C PRO B 492 -51.30 1.35 -39.02
N ILE B 493 -50.23 1.85 -39.63
CA ILE B 493 -50.31 2.72 -40.80
C ILE B 493 -49.41 2.16 -41.90
N SER B 494 -49.86 2.28 -43.14
CA SER B 494 -49.05 2.00 -44.32
C SER B 494 -48.96 3.31 -45.10
N ALA B 495 -48.00 4.15 -44.71
CA ALA B 495 -47.84 5.48 -45.29
C ALA B 495 -46.85 5.41 -46.45
N ALA B 496 -46.42 6.57 -46.93
CA ALA B 496 -45.46 6.66 -48.02
C ALA B 496 -44.12 6.11 -47.56
N ASN B 497 -43.76 4.92 -48.06
CA ASN B 497 -42.47 4.26 -47.86
C ASN B 497 -42.25 3.79 -46.42
N VAL B 498 -43.17 4.04 -45.49
CA VAL B 498 -42.98 3.71 -44.09
C VAL B 498 -44.24 3.02 -43.56
N THR B 499 -44.04 1.97 -42.75
CA THR B 499 -45.13 1.27 -42.09
C THR B 499 -44.85 1.21 -40.60
N ILE B 500 -45.80 1.66 -39.80
CA ILE B 500 -45.66 1.73 -38.35
C ILE B 500 -46.75 0.88 -37.71
N PHE B 501 -46.38 0.07 -36.73
CA PHE B 501 -47.33 -0.82 -36.09
C PHE B 501 -46.90 -1.09 -34.65
N ARG B 502 -47.77 -1.80 -33.93
CA ARG B 502 -47.54 -2.15 -32.53
CA ARG B 502 -47.54 -2.15 -32.53
C ARG B 502 -47.43 -3.66 -32.38
N PRO B 503 -46.22 -4.23 -32.25
CA PRO B 503 -46.13 -5.67 -31.97
C PRO B 503 -46.79 -6.05 -30.67
N SER B 504 -46.75 -5.16 -29.68
CA SER B 504 -47.42 -5.36 -28.40
C SER B 504 -47.81 -4.00 -27.84
N THR B 505 -48.20 -3.96 -26.58
CA THR B 505 -48.51 -2.70 -25.93
C THR B 505 -47.28 -1.98 -25.38
N PHE B 506 -46.10 -2.59 -25.51
CA PHE B 506 -44.87 -1.99 -25.01
C PHE B 506 -44.02 -1.36 -26.10
N PHE B 507 -44.21 -1.75 -27.36
CA PHE B 507 -43.28 -1.39 -28.42
C PHE B 507 -44.02 -0.83 -29.62
N ILE B 508 -43.35 0.08 -30.33
CA ILE B 508 -43.80 0.59 -31.62
C ILE B 508 -42.67 0.38 -32.62
N ILE B 509 -42.99 -0.23 -33.77
CA ILE B 509 -42.00 -0.55 -34.78
C ILE B 509 -42.34 0.19 -36.05
N ALA B 510 -41.36 0.94 -36.58
CA ALA B 510 -41.51 1.70 -37.82
C ALA B 510 -40.46 1.23 -38.81
N GLN B 511 -40.89 0.66 -39.92
CA GLN B 511 -40.00 0.13 -40.95
C GLN B 511 -40.13 0.94 -42.22
N THR B 512 -38.99 1.35 -42.79
CA THR B 512 -38.98 2.10 -44.02
C THR B 512 -38.42 1.24 -45.15
N SER B 513 -38.72 1.65 -46.38
CA SER B 513 -38.20 0.97 -47.56
C SER B 513 -36.76 1.37 -47.88
N LEU B 514 -36.21 2.35 -47.18
CA LEU B 514 -34.84 2.80 -47.39
C LEU B 514 -33.82 1.98 -46.61
N GLY B 515 -34.27 0.98 -45.85
CA GLY B 515 -33.36 0.19 -45.04
C GLY B 515 -33.20 0.69 -43.63
N LEU B 516 -34.22 1.34 -43.07
CA LEU B 516 -34.15 1.90 -41.72
C LEU B 516 -35.33 1.40 -40.91
N GLN B 517 -35.03 0.83 -39.74
CA GLN B 517 -36.05 0.32 -38.83
C GLN B 517 -35.88 0.97 -37.46
N LEU B 518 -37.00 1.28 -36.81
CA LEU B 518 -37.01 1.89 -35.50
C LEU B 518 -37.83 1.02 -34.57
N ASN B 519 -37.24 0.59 -33.46
CA ASN B 519 -37.93 -0.07 -32.37
C ASN B 519 -38.00 0.90 -31.21
N LEU B 520 -39.21 1.17 -30.72
CA LEU B 520 -39.43 2.19 -29.70
C LEU B 520 -40.09 1.53 -28.51
N GLN B 521 -39.37 1.49 -27.38
CA GLN B 521 -39.89 0.96 -26.14
C GLN B 521 -40.55 2.08 -25.37
N LEU B 522 -41.83 1.90 -25.04
CA LEU B 522 -42.61 2.90 -24.34
C LEU B 522 -42.86 2.57 -22.88
N VAL B 523 -42.64 1.33 -22.47
CA VAL B 523 -42.87 0.89 -21.10
C VAL B 523 -41.57 0.34 -20.56
N PRO B 524 -41.04 0.85 -19.43
CA PRO B 524 -41.60 1.93 -18.62
C PRO B 524 -41.24 3.31 -19.16
N THR B 525 -40.07 3.45 -19.79
CA THR B 525 -39.62 4.70 -20.36
C THR B 525 -39.24 4.50 -21.81
N MET B 526 -39.23 5.60 -22.57
CA MET B 526 -38.93 5.52 -23.99
C MET B 526 -37.45 5.20 -24.21
N GLN B 527 -37.20 4.19 -25.04
CA GLN B 527 -35.86 3.85 -25.49
C GLN B 527 -35.93 3.53 -26.97
N LEU B 528 -34.84 3.78 -27.69
CA LEU B 528 -34.82 3.63 -29.14
C LEU B 528 -33.74 2.65 -29.56
N PHE B 529 -34.11 1.74 -30.46
CA PHE B 529 -33.18 0.81 -31.11
C PHE B 529 -33.35 1.01 -32.62
N MET B 530 -32.39 1.68 -33.25
CA MET B 530 -32.41 1.92 -34.68
C MET B 530 -31.54 0.91 -35.39
N GLN B 531 -32.04 0.38 -36.51
CA GLN B 531 -31.31 -0.60 -37.29
C GLN B 531 -31.19 -0.10 -38.73
N LEU B 532 -29.99 -0.19 -39.28
CA LEU B 532 -29.66 0.32 -40.60
C LEU B 532 -29.16 -0.82 -41.48
N ALA B 533 -29.59 -0.82 -42.74
CA ALA B 533 -29.18 -1.85 -43.67
C ALA B 533 -27.70 -1.66 -44.04
N PRO B 534 -27.03 -2.75 -44.44
CA PRO B 534 -25.60 -2.62 -44.81
C PRO B 534 -25.35 -1.73 -46.01
N LYS B 535 -26.36 -1.47 -46.85
CA LYS B 535 -26.17 -0.63 -48.02
C LYS B 535 -25.86 0.82 -47.68
N LEU B 536 -26.10 1.25 -46.44
CA LEU B 536 -25.87 2.63 -46.02
C LEU B 536 -24.59 2.80 -45.22
N ARG B 537 -23.57 1.99 -45.50
CA ARG B 537 -22.31 2.06 -44.77
C ARG B 537 -21.46 3.21 -45.32
N GLY B 538 -20.99 4.07 -44.43
CA GLY B 538 -20.21 5.21 -44.83
C GLY B 538 -20.99 6.36 -45.41
N GLN B 539 -22.31 6.31 -45.35
CA GLN B 539 -23.17 7.32 -45.98
C GLN B 539 -23.89 8.21 -44.99
N THR B 540 -24.27 7.69 -43.83
CA THR B 540 -25.01 8.47 -42.86
C THR B 540 -24.06 9.27 -41.97
N CYS B 541 -24.65 10.15 -41.15
CA CYS B 541 -23.90 10.95 -40.18
C CYS B 541 -24.88 11.68 -39.28
N GLY B 542 -24.49 11.81 -38.02
CA GLY B 542 -25.31 12.33 -36.96
C GLY B 542 -24.78 11.87 -35.62
N LEU B 543 -25.69 11.74 -34.65
CA LEU B 543 -25.30 11.24 -33.34
C LEU B 543 -25.00 9.75 -33.34
N CYS B 544 -25.37 9.03 -34.39
CA CYS B 544 -25.16 7.59 -34.48
C CYS B 544 -23.94 7.23 -35.30
N GLY B 545 -23.09 8.20 -35.63
CA GLY B 545 -21.88 7.93 -36.38
C GLY B 545 -22.12 7.85 -37.88
N ASN B 546 -21.04 7.53 -38.59
CA ASN B 546 -21.07 7.47 -40.05
C ASN B 546 -21.08 6.04 -40.58
N PHE B 547 -21.19 5.05 -39.71
CA PHE B 547 -21.47 3.66 -40.12
C PHE B 547 -20.39 3.12 -41.07
N ASN B 548 -19.13 3.38 -40.75
CA ASN B 548 -18.03 2.89 -41.57
C ASN B 548 -17.07 1.99 -40.77
N SER B 549 -17.58 1.38 -39.70
CA SER B 549 -16.89 0.40 -38.87
C SER B 549 -15.75 1.01 -38.06
N ILE B 550 -15.49 2.31 -38.17
CA ILE B 550 -14.42 2.97 -37.46
C ILE B 550 -15.01 3.76 -36.31
N GLN B 551 -14.59 3.46 -35.09
CA GLN B 551 -15.08 4.18 -33.91
C GLN B 551 -14.42 5.54 -33.75
N ALA B 552 -13.21 5.71 -34.28
CA ALA B 552 -12.45 6.93 -34.02
C ALA B 552 -13.13 8.16 -34.60
N ASP B 553 -13.67 8.03 -35.81
CA ASP B 553 -14.26 9.18 -36.51
C ASP B 553 -15.74 9.37 -36.22
N ASP B 554 -16.29 8.64 -35.25
CA ASP B 554 -17.70 8.81 -34.91
C ASP B 554 -17.97 10.13 -34.20
N PHE B 555 -16.94 10.74 -33.60
CA PHE B 555 -17.07 12.04 -32.97
C PHE B 555 -16.70 13.19 -33.90
N ARG B 556 -16.77 12.96 -35.20
CA ARG B 556 -16.44 13.98 -36.19
CA ARG B 556 -16.44 13.98 -36.19
C ARG B 556 -17.67 14.82 -36.49
N THR B 557 -17.56 16.14 -36.29
CA THR B 557 -18.67 17.05 -36.54
C THR B 557 -18.76 17.36 -38.03
N LEU B 558 -19.75 18.20 -38.38
CA LEU B 558 -19.93 18.59 -39.76
C LEU B 558 -18.86 19.57 -40.24
N SER B 559 -18.04 20.10 -39.32
CA SER B 559 -16.95 21.00 -39.70
C SER B 559 -15.72 20.25 -40.22
N GLY B 560 -15.64 18.95 -40.00
CA GLY B 560 -14.54 18.15 -40.51
C GLY B 560 -13.48 17.74 -39.51
N VAL B 561 -13.69 18.00 -38.23
CA VAL B 561 -12.72 17.61 -37.21
C VAL B 561 -13.40 16.67 -36.22
N VAL B 562 -12.58 15.87 -35.55
CA VAL B 562 -13.04 14.90 -34.56
C VAL B 562 -12.87 15.52 -33.18
N GLU B 563 -13.97 15.65 -32.44
CA GLU B 563 -13.89 16.18 -31.09
C GLU B 563 -13.31 15.14 -30.13
N ALA B 564 -12.86 15.62 -28.98
CA ALA B 564 -12.24 14.77 -27.98
C ALA B 564 -13.21 14.31 -26.90
N THR B 565 -14.31 15.02 -26.69
CA THR B 565 -15.28 14.69 -25.65
C THR B 565 -16.64 14.45 -26.30
N ALA B 566 -17.47 13.65 -25.60
CA ALA B 566 -18.79 13.33 -26.10
C ALA B 566 -19.69 14.56 -26.10
N ALA B 567 -19.54 15.44 -25.10
CA ALA B 567 -20.40 16.61 -25.00
C ALA B 567 -20.14 17.59 -26.13
N ALA B 568 -18.87 17.80 -26.51
CA ALA B 568 -18.55 18.75 -27.56
C ALA B 568 -19.14 18.32 -28.90
N PHE B 569 -19.01 17.03 -29.23
CA PHE B 569 -19.62 16.52 -30.46
C PHE B 569 -21.14 16.49 -30.36
N PHE B 570 -21.68 16.24 -29.16
CA PHE B 570 -23.11 16.19 -28.96
C PHE B 570 -23.76 17.55 -29.18
N ASN B 571 -23.11 18.62 -28.72
CA ASN B 571 -23.68 19.96 -28.80
C ASN B 571 -23.74 20.50 -30.23
N THR B 572 -23.02 19.89 -31.17
CA THR B 572 -23.00 20.38 -32.55
C THR B 572 -24.18 19.90 -33.37
N PHE B 573 -25.03 19.03 -32.82
CA PHE B 573 -26.19 18.52 -33.54
C PHE B 573 -27.51 19.01 -32.96
N LYS B 574 -27.49 20.14 -32.26
CA LYS B 574 -28.74 20.77 -31.85
C LYS B 574 -29.49 21.29 -33.06
N THR B 575 -30.81 21.44 -32.90
CA THR B 575 -31.65 21.98 -33.96
C THR B 575 -32.07 23.42 -33.72
N GLN B 576 -31.89 23.94 -32.50
CA GLN B 576 -32.30 25.28 -32.16
C GLN B 576 -31.18 26.00 -31.43
N ALA B 577 -31.16 27.33 -31.57
CA ALA B 577 -30.10 28.12 -30.93
C ALA B 577 -30.31 28.23 -29.42
N ALA B 578 -31.58 28.30 -28.99
CA ALA B 578 -31.87 28.52 -27.57
C ALA B 578 -31.50 27.32 -26.71
N CYS B 579 -31.24 26.16 -27.30
CA CYS B 579 -30.90 24.98 -26.52
C CYS B 579 -29.55 25.17 -25.85
N PRO B 580 -29.40 24.70 -24.60
CA PRO B 580 -28.14 24.91 -23.89
C PRO B 580 -27.01 24.06 -24.45
N ASN B 581 -25.79 24.50 -24.19
CA ASN B 581 -24.58 23.76 -24.55
C ASN B 581 -24.23 22.83 -23.40
N ILE B 582 -24.41 21.53 -23.62
CA ILE B 582 -24.19 20.55 -22.56
C ILE B 582 -22.71 20.37 -22.31
N ARG B 583 -22.31 20.45 -21.05
CA ARG B 583 -20.94 20.19 -20.62
C ARG B 583 -20.94 18.97 -19.71
N ASN B 584 -20.02 18.04 -19.98
CA ASN B 584 -19.98 16.78 -19.24
C ASN B 584 -19.25 16.96 -17.92
N SER B 585 -19.87 16.50 -16.84
CA SER B 585 -19.29 16.56 -15.51
C SER B 585 -19.04 15.15 -14.99
N PHE B 586 -18.06 15.04 -14.09
CA PHE B 586 -17.66 13.75 -13.53
C PHE B 586 -18.42 13.47 -12.23
N GLU B 587 -19.74 13.35 -12.39
CA GLU B 587 -20.63 13.10 -11.26
C GLU B 587 -20.76 11.61 -10.99
N ASP B 588 -20.97 11.27 -9.72
CA ASP B 588 -21.22 9.89 -9.29
C ASP B 588 -22.48 9.92 -8.44
N PRO B 589 -23.66 9.79 -9.05
CA PRO B 589 -24.91 9.86 -8.27
C PRO B 589 -25.01 8.79 -7.18
N CYS B 590 -24.45 7.60 -7.41
CA CYS B 590 -24.55 6.54 -6.42
C CYS B 590 -23.83 6.92 -5.12
N SER B 591 -22.85 7.81 -5.20
CA SER B 591 -22.16 8.28 -4.01
C SER B 591 -22.94 9.34 -3.25
N LEU B 592 -24.04 9.83 -3.79
CA LEU B 592 -24.82 10.87 -3.13
C LEU B 592 -25.93 10.32 -2.24
N SER B 593 -26.16 9.01 -2.24
CA SER B 593 -27.21 8.42 -1.43
C SER B 593 -26.85 6.98 -1.10
N VAL B 594 -26.91 6.62 0.18
CA VAL B 594 -26.59 5.26 0.60
C VAL B 594 -27.66 4.29 0.15
N GLU B 595 -28.93 4.64 0.38
CA GLU B 595 -30.02 3.73 0.07
C GLU B 595 -30.17 3.53 -1.44
N ASN B 596 -30.00 4.59 -2.22
CA ASN B 596 -30.03 4.44 -3.67
C ASN B 596 -28.91 3.54 -4.16
N GLU B 597 -27.70 3.69 -3.59
CA GLU B 597 -26.61 2.80 -3.93
C GLU B 597 -26.92 1.36 -3.58
N LYS B 598 -27.49 1.12 -2.40
CA LYS B 598 -27.81 -0.25 -2.01
C LYS B 598 -28.84 -0.87 -2.94
N TYR B 599 -29.90 -0.10 -3.26
CA TYR B 599 -30.94 -0.60 -4.15
C TYR B 599 -30.37 -0.91 -5.54
N ALA B 600 -29.59 0.02 -6.08
CA ALA B 600 -29.03 -0.15 -7.42
C ALA B 600 -28.06 -1.33 -7.46
N GLN B 601 -27.23 -1.48 -6.44
CA GLN B 601 -26.29 -2.59 -6.41
C GLN B 601 -27.02 -3.93 -6.26
N HIS B 602 -28.07 -3.97 -5.44
CA HIS B 602 -28.81 -5.20 -5.24
C HIS B 602 -29.53 -5.64 -6.51
N TRP B 603 -30.13 -4.69 -7.23
CA TRP B 603 -31.00 -5.07 -8.34
C TRP B 603 -30.31 -5.05 -9.71
N CYS B 604 -29.29 -4.22 -9.90
CA CYS B 604 -28.60 -4.16 -11.18
C CYS B 604 -27.48 -5.19 -11.31
N SER B 605 -27.05 -5.80 -10.20
CA SER B 605 -25.99 -6.80 -10.27
C SER B 605 -26.47 -8.11 -10.87
N GLN B 606 -27.78 -8.29 -11.05
CA GLN B 606 -28.29 -9.49 -11.70
C GLN B 606 -27.83 -9.60 -13.14
N LEU B 607 -27.48 -8.46 -13.77
CA LEU B 607 -26.99 -8.49 -15.15
C LEU B 607 -25.66 -9.22 -15.24
N THR B 608 -24.77 -9.02 -14.28
CA THR B 608 -23.44 -9.62 -14.29
C THR B 608 -23.38 -10.95 -13.54
N ASP B 609 -24.50 -11.44 -13.02
CA ASP B 609 -24.53 -12.72 -12.32
C ASP B 609 -24.51 -13.85 -13.36
N ALA B 610 -23.55 -14.76 -13.22
CA ALA B 610 -23.39 -15.83 -14.21
C ALA B 610 -24.51 -16.85 -14.14
N ASP B 611 -25.17 -16.99 -13.00
CA ASP B 611 -26.25 -17.96 -12.84
C ASP B 611 -27.62 -17.31 -12.64
N GLY B 612 -27.73 -16.00 -12.76
CA GLY B 612 -28.99 -15.31 -12.57
C GLY B 612 -29.89 -15.40 -13.78
N PRO B 613 -30.99 -14.63 -13.76
CA PRO B 613 -31.92 -14.65 -14.90
C PRO B 613 -31.29 -14.20 -16.21
N PHE B 614 -30.22 -13.41 -16.17
CA PHE B 614 -29.56 -12.91 -17.37
C PHE B 614 -28.26 -13.64 -17.65
N GLY B 615 -27.97 -14.75 -16.95
CA GLY B 615 -26.72 -15.45 -17.13
C GLY B 615 -26.61 -16.22 -18.44
N ARG B 616 -27.74 -16.54 -19.07
CA ARG B 616 -27.72 -17.26 -20.34
C ARG B 616 -27.21 -16.40 -21.49
N CYS B 617 -27.04 -15.10 -21.28
CA CYS B 617 -26.72 -14.17 -22.35
C CYS B 617 -25.34 -13.54 -22.23
N HIS B 618 -24.56 -13.93 -21.22
CA HIS B 618 -23.25 -13.30 -21.01
C HIS B 618 -22.29 -13.57 -22.15
N ALA B 619 -22.56 -14.56 -22.99
CA ALA B 619 -21.70 -14.83 -24.14
C ALA B 619 -22.09 -13.97 -25.34
N ALA B 620 -23.39 -13.91 -25.64
CA ALA B 620 -23.85 -13.15 -26.80
C ALA B 620 -23.62 -11.65 -26.62
N VAL B 621 -24.06 -11.10 -25.49
CA VAL B 621 -23.96 -9.67 -25.21
C VAL B 621 -23.20 -9.48 -23.90
N LYS B 622 -22.20 -8.60 -23.93
CA LYS B 622 -21.44 -8.28 -22.73
C LYS B 622 -22.25 -7.32 -21.86
N PRO B 623 -22.50 -7.65 -20.60
CA PRO B 623 -23.40 -6.85 -19.76
C PRO B 623 -22.76 -5.72 -18.97
N GLY B 624 -21.48 -5.41 -19.20
CA GLY B 624 -20.83 -4.37 -18.41
C GLY B 624 -21.44 -3.00 -18.64
N THR B 625 -21.65 -2.64 -19.91
CA THR B 625 -22.23 -1.33 -20.22
C THR B 625 -23.65 -1.23 -19.68
N TYR B 626 -24.43 -2.31 -19.81
CA TYR B 626 -25.79 -2.29 -19.30
C TYR B 626 -25.80 -2.22 -17.77
N TYR B 627 -24.85 -2.87 -17.11
CA TYR B 627 -24.75 -2.75 -15.66
C TYR B 627 -24.42 -1.31 -15.25
N SER B 628 -23.49 -0.67 -15.96
CA SER B 628 -23.14 0.72 -15.64
C SER B 628 -24.33 1.64 -15.86
N ASN B 629 -25.05 1.45 -16.97
CA ASN B 629 -26.24 2.25 -17.24
C ASN B 629 -27.30 2.04 -16.17
N CYS B 630 -27.50 0.78 -15.75
CA CYS B 630 -28.46 0.48 -14.69
C CYS B 630 -28.10 1.20 -13.41
N MET B 631 -26.82 1.11 -13.01
CA MET B 631 -26.39 1.77 -11.78
C MET B 631 -26.61 3.28 -11.85
N PHE B 632 -26.15 3.90 -12.95
CA PHE B 632 -26.25 5.35 -13.08
C PHE B 632 -27.72 5.79 -13.08
N ASP B 633 -28.56 5.14 -13.87
CA ASP B 633 -29.96 5.53 -13.97
C ASP B 633 -30.68 5.32 -12.65
N THR B 634 -30.47 4.18 -12.00
CA THR B 634 -31.15 3.90 -10.74
C THR B 634 -30.74 4.91 -9.66
N CYS B 635 -29.44 5.24 -9.59
CA CYS B 635 -29.00 6.19 -8.60
C CYS B 635 -29.43 7.62 -8.93
N ASN B 636 -29.63 7.93 -10.22
CA ASN B 636 -29.85 9.30 -10.64
C ASN B 636 -31.32 9.70 -10.63
N CYS B 637 -32.17 8.94 -11.32
CA CYS B 637 -33.55 9.35 -11.51
C CYS B 637 -34.37 9.17 -10.23
N GLU B 638 -35.47 9.92 -10.15
CA GLU B 638 -36.32 9.86 -8.96
C GLU B 638 -37.10 8.56 -8.89
N ARG B 639 -37.66 8.11 -10.01
CA ARG B 639 -38.36 6.83 -10.07
C ARG B 639 -37.34 5.74 -10.35
N SER B 640 -36.70 5.25 -9.27
CA SER B 640 -35.59 4.33 -9.42
C SER B 640 -36.02 3.02 -10.06
N GLU B 641 -37.19 2.50 -9.68
CA GLU B 641 -37.64 1.23 -10.23
C GLU B 641 -37.87 1.32 -11.73
N ASP B 642 -38.40 2.45 -12.20
CA ASP B 642 -38.64 2.62 -13.64
C ASP B 642 -37.34 2.58 -14.42
N CYS B 643 -36.31 3.29 -13.95
CA CYS B 643 -35.03 3.29 -14.66
C CYS B 643 -34.35 1.93 -14.59
N LEU B 644 -34.43 1.26 -13.44
CA LEU B 644 -33.88 -0.08 -13.32
C LEU B 644 -34.55 -1.04 -14.30
N CYS B 645 -35.88 -0.97 -14.37
CA CYS B 645 -36.62 -1.83 -15.29
C CYS B 645 -36.29 -1.50 -16.74
N ALA B 646 -36.11 -0.20 -17.04
CA ALA B 646 -35.73 0.18 -18.39
C ALA B 646 -34.38 -0.38 -18.78
N ALA B 647 -33.40 -0.32 -17.87
CA ALA B 647 -32.08 -0.88 -18.16
C ALA B 647 -32.15 -2.39 -18.36
N LEU B 648 -32.87 -3.09 -17.47
CA LEU B 648 -32.98 -4.54 -17.60
C LEU B 648 -33.69 -4.92 -18.90
N SER B 649 -34.74 -4.18 -19.27
CA SER B 649 -35.46 -4.46 -20.51
C SER B 649 -34.60 -4.16 -21.72
N SER B 650 -33.75 -3.13 -21.63
CA SER B 650 -32.82 -2.85 -22.72
C SER B 650 -31.84 -4.00 -22.91
N TYR B 651 -31.30 -4.54 -21.81
CA TYR B 651 -30.42 -5.69 -21.93
C TYR B 651 -31.16 -6.89 -22.50
N VAL B 652 -32.40 -7.11 -22.07
CA VAL B 652 -33.19 -8.23 -22.57
C VAL B 652 -33.45 -8.08 -24.06
N HIS B 653 -33.75 -6.87 -24.52
CA HIS B 653 -33.97 -6.63 -25.94
C HIS B 653 -32.69 -6.85 -26.73
N ALA B 654 -31.56 -6.39 -26.21
CA ALA B 654 -30.29 -6.63 -26.89
C ALA B 654 -30.01 -8.12 -26.99
N CYS B 655 -30.33 -8.88 -25.95
CA CYS B 655 -30.17 -10.33 -26.00
C CYS B 655 -31.10 -10.94 -27.03
N ALA B 656 -32.35 -10.48 -27.09
CA ALA B 656 -33.31 -11.01 -28.05
C ALA B 656 -32.88 -10.72 -29.48
N ALA B 657 -32.19 -9.60 -29.70
CA ALA B 657 -31.66 -9.32 -31.04
C ALA B 657 -30.62 -10.34 -31.46
N LYS B 658 -29.97 -11.00 -30.50
CA LYS B 658 -28.96 -12.01 -30.79
C LYS B 658 -29.55 -13.41 -30.89
N GLY B 659 -30.84 -13.59 -30.63
CA GLY B 659 -31.46 -14.89 -30.67
C GLY B 659 -31.55 -15.60 -29.33
N VAL B 660 -31.28 -14.91 -28.23
CA VAL B 660 -31.32 -15.50 -26.89
C VAL B 660 -32.60 -15.08 -26.20
N GLN B 661 -33.33 -16.05 -25.66
CA GLN B 661 -34.58 -15.80 -24.95
C GLN B 661 -34.34 -15.89 -23.45
N LEU B 662 -34.78 -14.85 -22.72
CA LEU B 662 -34.56 -14.78 -21.29
C LEU B 662 -35.89 -14.69 -20.54
N GLY B 663 -36.85 -15.53 -20.91
CA GLY B 663 -38.15 -15.47 -20.26
C GLY B 663 -38.07 -15.79 -18.78
N GLY B 664 -39.01 -15.23 -18.02
CA GLY B 664 -39.01 -15.39 -16.59
C GLY B 664 -38.10 -14.48 -15.82
N TRP B 665 -37.55 -13.44 -16.47
CA TRP B 665 -36.62 -12.54 -15.81
C TRP B 665 -37.29 -11.49 -14.94
N ARG B 666 -38.61 -11.32 -15.05
CA ARG B 666 -39.32 -10.31 -14.29
C ARG B 666 -39.71 -10.75 -12.89
N ASP B 667 -39.36 -11.97 -12.49
CA ASP B 667 -39.61 -12.41 -11.12
C ASP B 667 -38.80 -11.57 -10.14
N GLY B 668 -39.46 -11.14 -9.07
CA GLY B 668 -38.82 -10.25 -8.12
C GLY B 668 -39.18 -8.80 -8.37
N VAL B 669 -38.29 -8.07 -9.02
CA VAL B 669 -38.55 -6.70 -9.41
C VAL B 669 -39.00 -6.68 -10.88
N CYS B 670 -39.57 -5.55 -11.29
CA CYS B 670 -40.05 -5.35 -12.65
C CYS B 670 -41.18 -6.32 -13.00
N THR B 671 -42.04 -6.63 -12.03
CA THR B 671 -43.19 -7.48 -12.26
C THR B 671 -44.48 -6.69 -12.43
N LYS B 672 -44.48 -5.39 -12.09
CA LYS B 672 -45.68 -4.58 -12.24
C LYS B 672 -46.21 -4.51 -13.67
N PRO B 673 -45.39 -4.32 -14.70
CA PRO B 673 -45.95 -4.31 -16.07
C PRO B 673 -46.61 -5.62 -16.47
N MET B 674 -46.29 -6.73 -15.80
CA MET B 674 -46.91 -8.01 -16.13
C MET B 674 -48.42 -7.96 -15.89
N THR B 675 -48.85 -7.34 -14.80
CA THR B 675 -50.24 -7.38 -14.37
C THR B 675 -51.08 -6.23 -14.90
N THR B 676 -50.50 -5.05 -15.08
CA THR B 676 -51.26 -3.85 -15.44
C THR B 676 -51.23 -3.66 -16.95
N CYS B 677 -52.26 -4.16 -17.62
CA CYS B 677 -52.45 -3.96 -19.05
C CYS B 677 -53.91 -4.26 -19.37
N PRO B 678 -54.37 -3.96 -20.62
CA PRO B 678 -55.80 -4.15 -20.95
C PRO B 678 -56.42 -5.46 -20.50
N LYS B 679 -57.75 -5.43 -20.33
CA LYS B 679 -58.45 -6.49 -19.62
C LYS B 679 -58.29 -7.84 -20.31
N SER B 680 -58.45 -7.87 -21.63
CA SER B 680 -58.44 -9.12 -22.39
C SER B 680 -57.05 -9.51 -22.88
N MET B 681 -56.03 -8.74 -22.53
CA MET B 681 -54.67 -8.98 -23.01
C MET B 681 -53.84 -9.64 -21.91
N THR B 682 -52.97 -10.55 -22.32
CA THR B 682 -52.09 -11.29 -21.42
C THR B 682 -50.64 -11.00 -21.79
N TYR B 683 -49.78 -10.90 -20.78
CA TYR B 683 -48.37 -10.62 -21.01
C TYR B 683 -47.69 -11.81 -21.69
N HIS B 684 -46.66 -11.50 -22.49
CA HIS B 684 -45.85 -12.50 -23.17
C HIS B 684 -44.42 -12.01 -23.21
N TYR B 685 -43.48 -12.91 -22.87
CA TYR B 685 -42.07 -12.56 -22.89
C TYR B 685 -41.53 -12.46 -24.31
N HIS B 686 -42.00 -13.35 -25.19
CA HIS B 686 -41.50 -13.43 -26.56
C HIS B 686 -42.66 -13.11 -27.51
N VAL B 687 -42.50 -12.04 -28.28
CA VAL B 687 -43.48 -11.64 -29.29
C VAL B 687 -42.71 -11.43 -30.58
N SER B 688 -42.63 -12.48 -31.40
CA SER B 688 -41.97 -12.41 -32.70
C SER B 688 -42.94 -12.29 -33.87
N THR B 689 -44.16 -12.80 -33.72
CA THR B 689 -45.17 -12.69 -34.75
C THR B 689 -45.89 -11.35 -34.60
N CYS B 690 -47.00 -11.19 -35.33
CA CYS B 690 -47.77 -9.96 -35.29
C CYS B 690 -49.17 -10.25 -34.76
N GLN B 691 -49.76 -9.24 -34.14
CA GLN B 691 -51.06 -9.42 -33.50
C GLN B 691 -52.17 -9.60 -34.53
N PRO B 692 -52.88 -10.72 -34.53
CA PRO B 692 -53.98 -10.89 -35.47
C PRO B 692 -55.16 -9.99 -35.12
N THR B 693 -55.93 -9.62 -36.14
CA THR B 693 -57.08 -8.74 -35.96
C THR B 693 -58.23 -9.25 -36.80
N CYS B 694 -59.43 -8.75 -36.48
CA CYS B 694 -60.61 -9.10 -37.28
C CYS B 694 -60.46 -8.59 -38.71
N ARG B 695 -59.91 -7.38 -38.87
CA ARG B 695 -59.64 -6.86 -40.21
C ARG B 695 -58.65 -7.73 -40.95
N SER B 696 -57.67 -8.30 -40.24
CA SER B 696 -56.74 -9.23 -40.86
C SER B 696 -57.47 -10.48 -41.36
N LEU B 697 -58.42 -10.99 -40.58
CA LEU B 697 -59.21 -12.12 -41.03
C LEU B 697 -60.05 -11.76 -42.26
N SER B 698 -60.66 -10.58 -42.25
CA SER B 698 -61.49 -10.17 -43.38
C SER B 698 -60.66 -10.00 -44.65
N GLU B 699 -59.70 -9.08 -44.63
CA GLU B 699 -58.90 -8.81 -45.82
C GLU B 699 -57.95 -9.95 -46.18
N GLY B 700 -57.55 -10.76 -45.22
CA GLY B 700 -56.57 -11.80 -45.45
C GLY B 700 -55.14 -11.34 -45.42
N ASP B 701 -54.89 -10.05 -45.18
CA ASP B 701 -53.55 -9.50 -45.11
C ASP B 701 -53.43 -8.62 -43.88
N ILE B 702 -52.20 -8.48 -43.38
CA ILE B 702 -51.94 -7.70 -42.17
C ILE B 702 -50.90 -6.63 -42.48
N THR B 703 -50.93 -5.57 -41.68
CA THR B 703 -49.97 -4.48 -41.78
C THR B 703 -48.87 -4.75 -40.75
N CYS B 704 -47.76 -5.30 -41.23
CA CYS B 704 -46.68 -5.71 -40.33
C CYS B 704 -45.39 -5.82 -41.12
N SER B 705 -44.28 -5.85 -40.40
CA SER B 705 -42.96 -5.97 -41.00
C SER B 705 -42.46 -7.41 -41.09
N VAL B 706 -43.30 -8.37 -40.70
CA VAL B 706 -42.97 -9.80 -40.76
C VAL B 706 -41.75 -10.11 -39.91
N GLY B 707 -40.59 -9.58 -40.30
CA GLY B 707 -39.37 -9.86 -39.57
C GLY B 707 -38.85 -8.70 -38.76
N PHE B 708 -38.86 -8.84 -37.44
CA PHE B 708 -38.35 -7.82 -36.54
C PHE B 708 -37.77 -8.49 -35.30
N ILE B 709 -37.00 -7.73 -34.55
CA ILE B 709 -36.43 -8.28 -33.30
C ILE B 709 -37.56 -8.57 -32.32
N PRO B 710 -37.62 -9.76 -31.74
CA PRO B 710 -38.74 -10.10 -30.86
C PRO B 710 -38.81 -9.16 -29.65
N VAL B 711 -40.04 -8.85 -29.25
CA VAL B 711 -40.29 -7.95 -28.13
C VAL B 711 -41.16 -8.65 -27.10
N ASP B 712 -41.51 -7.94 -26.02
CA ASP B 712 -42.37 -8.46 -24.97
C ASP B 712 -43.53 -7.51 -24.74
N GLY B 713 -44.49 -7.94 -23.93
CA GLY B 713 -45.62 -7.09 -23.61
C GLY B 713 -46.94 -7.82 -23.61
N CYS B 714 -48.03 -7.14 -23.29
CA CYS B 714 -49.35 -7.76 -23.27
C CYS B 714 -49.94 -7.77 -24.66
N ILE B 715 -50.32 -8.95 -25.14
CA ILE B 715 -50.94 -9.14 -26.44
C ILE B 715 -52.22 -9.96 -26.24
N CYS B 716 -53.00 -10.05 -27.30
CA CYS B 716 -54.18 -10.91 -27.28
C CYS B 716 -53.74 -12.36 -27.18
N PRO B 717 -54.36 -13.16 -26.31
CA PRO B 717 -53.93 -14.56 -26.15
C PRO B 717 -54.19 -15.38 -27.41
N LYS B 718 -53.53 -16.54 -27.46
CA LYS B 718 -53.66 -17.41 -28.62
C LYS B 718 -55.10 -17.86 -28.79
N GLY B 719 -55.53 -17.95 -30.05
CA GLY B 719 -56.91 -18.24 -30.36
C GLY B 719 -57.86 -17.07 -30.20
N THR B 720 -57.34 -15.85 -30.06
CA THR B 720 -58.15 -14.67 -29.86
C THR B 720 -57.69 -13.58 -30.82
N PHE B 721 -58.61 -12.69 -31.18
CA PHE B 721 -58.34 -11.63 -32.15
C PHE B 721 -58.72 -10.28 -31.56
N LEU B 722 -58.07 -9.23 -32.06
CA LEU B 722 -58.28 -7.88 -31.59
C LEU B 722 -59.15 -7.11 -32.58
N ASP B 723 -60.22 -6.50 -32.09
CA ASP B 723 -61.14 -5.76 -32.94
C ASP B 723 -60.76 -4.28 -32.97
N ASP B 724 -61.58 -3.48 -33.64
CA ASP B 724 -61.34 -2.04 -33.73
C ASP B 724 -61.53 -1.35 -32.38
N THR B 725 -62.37 -1.88 -31.49
CA THR B 725 -62.57 -1.27 -30.19
C THR B 725 -61.30 -1.33 -29.35
N GLY B 726 -60.66 -2.50 -29.30
CA GLY B 726 -59.42 -2.63 -28.56
C GLY B 726 -59.40 -3.78 -27.57
N LYS B 727 -60.38 -4.67 -27.64
CA LYS B 727 -60.43 -5.84 -26.78
C LYS B 727 -60.21 -7.10 -27.61
N CYS B 728 -59.82 -8.18 -26.93
CA CYS B 728 -59.56 -9.45 -27.57
C CYS B 728 -60.84 -10.28 -27.60
N VAL B 729 -61.26 -10.68 -28.80
CA VAL B 729 -62.47 -11.46 -29.00
C VAL B 729 -62.13 -12.69 -29.84
N GLN B 730 -62.96 -13.73 -29.69
CA GLN B 730 -62.75 -14.96 -30.43
C GLN B 730 -63.09 -14.77 -31.90
N ALA B 731 -62.75 -15.79 -32.70
CA ALA B 731 -63.05 -15.75 -34.13
C ALA B 731 -64.54 -15.69 -34.40
N SER B 732 -65.35 -16.23 -33.48
CA SER B 732 -66.81 -16.20 -33.65
C SER B 732 -67.41 -14.85 -33.30
N ASN B 733 -66.64 -13.93 -32.74
CA ASN B 733 -67.12 -12.60 -32.38
C ASN B 733 -66.58 -11.50 -33.27
N CYS B 734 -65.65 -11.80 -34.18
CA CYS B 734 -65.11 -10.79 -35.07
C CYS B 734 -66.17 -10.37 -36.08
N PRO B 735 -66.45 -9.07 -36.22
CA PRO B 735 -67.43 -8.53 -37.18
C PRO B 735 -67.12 -8.94 -38.62
N CYS C 736 38.12 -34.11 22.73
CA CYS C 736 39.30 -33.32 22.38
C CYS C 736 39.56 -32.24 23.42
N TYR C 737 40.83 -31.89 23.60
CA TYR C 737 41.23 -30.88 24.58
C TYR C 737 42.07 -29.82 23.90
N HIS C 738 41.72 -28.55 24.14
CA HIS C 738 42.46 -27.41 23.61
C HIS C 738 42.71 -26.43 24.73
N ARG C 739 43.97 -26.03 24.91
CA ARG C 739 44.39 -25.12 25.98
C ARG C 739 43.98 -25.64 27.36
N GLY C 740 43.97 -26.97 27.52
CA GLY C 740 43.56 -27.56 28.78
C GLY C 740 42.07 -27.58 29.03
N SER C 741 41.26 -27.20 28.04
CA SER C 741 39.81 -27.17 28.18
C SER C 741 39.18 -28.24 27.31
N MET C 742 38.22 -28.96 27.89
CA MET C 742 37.57 -30.05 27.17
C MET C 742 36.67 -29.50 26.07
N ILE C 743 36.86 -30.01 24.86
CA ILE C 743 36.09 -29.61 23.69
C ILE C 743 35.16 -30.77 23.34
N PRO C 744 33.84 -30.61 23.47
CA PRO C 744 32.92 -31.70 23.13
C PRO C 744 32.96 -32.03 21.65
N ASN C 745 32.63 -33.27 21.32
CA ASN C 745 32.59 -33.69 19.93
C ASN C 745 31.55 -32.87 19.16
N GLY C 746 31.96 -32.37 17.99
CA GLY C 746 31.12 -31.50 17.21
C GLY C 746 31.36 -30.02 17.44
N GLU C 747 32.00 -29.65 18.56
CA GLU C 747 32.32 -28.27 18.83
C GLU C 747 33.59 -27.86 18.08
N SER C 748 33.82 -26.55 18.01
CA SER C 748 34.96 -26.02 17.29
C SER C 748 35.63 -24.92 18.12
N VAL C 749 36.92 -24.71 17.85
CA VAL C 749 37.70 -23.67 18.49
C VAL C 749 38.33 -22.81 17.40
N HIS C 750 38.62 -21.56 17.76
CA HIS C 750 39.24 -20.58 16.85
C HIS C 750 40.54 -20.10 17.48
N ASP C 751 41.66 -20.55 16.93
CA ASP C 751 42.97 -20.18 17.45
C ASP C 751 43.83 -19.63 16.32
N SER C 752 44.28 -18.38 16.47
CA SER C 752 45.20 -17.74 15.53
C SER C 752 44.65 -17.77 14.10
N GLY C 753 43.35 -17.54 13.97
CA GLY C 753 42.71 -17.52 12.67
C GLY C 753 42.39 -18.88 12.10
N ALA C 754 42.68 -19.96 12.81
CA ALA C 754 42.42 -21.32 12.36
C ALA C 754 41.21 -21.87 13.10
N ILE C 755 40.30 -22.51 12.37
CA ILE C 755 39.11 -23.12 12.94
C ILE C 755 39.33 -24.62 13.02
N CYS C 756 39.36 -25.16 14.23
CA CYS C 756 39.62 -26.58 14.46
C CYS C 756 38.39 -27.21 15.08
N THR C 757 37.83 -28.21 14.41
CA THR C 757 36.63 -28.88 14.87
C THR C 757 37.00 -30.23 15.48
N CYS C 758 36.34 -30.56 16.59
CA CYS C 758 36.57 -31.82 17.29
C CYS C 758 35.57 -32.86 16.79
N THR C 759 36.05 -33.82 16.00
CA THR C 759 35.22 -34.89 15.49
C THR C 759 35.90 -36.23 15.74
N HIS C 760 35.13 -37.21 16.21
CA HIS C 760 35.62 -38.57 16.46
C HIS C 760 36.82 -38.56 17.38
N GLY C 761 36.81 -37.66 18.36
CA GLY C 761 37.90 -37.57 19.31
C GLY C 761 39.18 -36.95 18.80
N LYS C 762 39.16 -36.36 17.61
CA LYS C 762 40.34 -35.74 17.02
C LYS C 762 40.02 -34.32 16.58
N LEU C 763 40.97 -33.41 16.81
CA LEU C 763 40.82 -32.01 16.45
C LEU C 763 41.38 -31.80 15.06
N SER C 764 40.51 -31.73 14.07
CA SER C 764 40.91 -31.50 12.68
C SER C 764 40.73 -30.02 12.36
N CYS C 765 41.80 -29.38 11.89
CA CYS C 765 41.80 -27.95 11.62
C CYS C 765 41.62 -27.69 10.13
N ILE C 766 40.88 -26.63 9.80
CA ILE C 766 40.69 -26.24 8.41
C ILE C 766 42.03 -25.79 7.84
N GLY C 767 42.41 -26.36 6.70
CA GLY C 767 43.70 -26.12 6.12
C GLY C 767 44.77 -27.13 6.48
N GLY C 768 44.39 -28.27 7.05
CA GLY C 768 45.34 -29.29 7.42
C GLY C 768 45.91 -29.11 8.81
N GLN C 769 46.78 -28.12 8.98
CA GLN C 769 47.38 -27.83 10.27
C GLN C 769 47.68 -26.35 10.35
N ALA C 770 47.48 -25.77 11.53
CA ALA C 770 47.75 -24.35 11.73
C ALA C 770 49.25 -24.09 11.71
N PRO C 771 49.75 -23.23 10.84
CA PRO C 771 51.18 -22.93 10.84
C PRO C 771 51.56 -22.09 12.06
N ALA C 772 52.83 -22.21 12.45
CA ALA C 772 53.35 -21.47 13.60
C ALA C 772 53.22 -19.97 13.34
N PRO C 773 52.36 -19.26 14.08
CA PRO C 773 52.17 -17.83 13.82
C PRO C 773 53.44 -17.04 14.07
N VAL C 774 53.66 -16.03 13.24
CA VAL C 774 54.83 -15.17 13.30
C VAL C 774 54.37 -13.75 13.56
N CYS C 775 54.95 -13.12 14.58
CA CYS C 775 54.61 -11.77 14.97
C CYS C 775 55.77 -10.83 14.65
N ALA C 776 55.44 -9.71 14.03
CA ALA C 776 56.45 -8.76 13.58
C ALA C 776 57.12 -8.07 14.77
N ALA C 777 58.29 -7.49 14.50
CA ALA C 777 59.04 -6.79 15.53
C ALA C 777 58.28 -5.55 15.98
N PRO C 778 58.40 -5.18 17.27
CA PRO C 778 59.20 -5.80 18.32
C PRO C 778 58.45 -6.90 19.08
N MET C 779 57.25 -7.26 18.64
CA MET C 779 56.51 -8.35 19.28
C MET C 779 57.19 -9.68 19.00
N VAL C 780 57.35 -10.49 20.04
CA VAL C 780 57.99 -11.79 19.93
C VAL C 780 56.99 -12.86 20.35
N PHE C 781 56.99 -13.97 19.62
CA PHE C 781 56.07 -15.07 19.91
C PHE C 781 56.56 -15.81 21.15
N PHE C 782 55.78 -15.76 22.22
CA PHE C 782 56.07 -16.49 23.44
C PHE C 782 55.21 -17.76 23.47
N ASP C 783 55.86 -18.89 23.66
CA ASP C 783 55.19 -20.18 23.75
C ASP C 783 55.34 -20.75 25.15
N CYS C 784 54.37 -21.57 25.54
CA CYS C 784 54.32 -22.14 26.89
C CYS C 784 55.09 -23.46 27.00
N ARG C 785 56.00 -23.74 26.05
CA ARG C 785 56.81 -24.93 26.16
C ARG C 785 57.73 -24.86 27.37
N ASN C 786 58.48 -23.77 27.50
CA ASN C 786 59.26 -23.50 28.70
C ASN C 786 58.53 -22.48 29.56
N ALA C 787 57.49 -22.97 30.24
CA ALA C 787 56.60 -22.13 31.02
C ALA C 787 56.94 -22.29 32.50
N THR C 788 57.71 -21.35 33.03
CA THR C 788 58.03 -21.36 34.45
C THR C 788 56.79 -21.00 35.26
N PRO C 789 56.70 -21.49 36.51
CA PRO C 789 55.53 -21.16 37.34
C PRO C 789 55.38 -19.66 37.54
N GLY C 790 54.13 -19.21 37.57
CA GLY C 790 53.84 -17.81 37.79
C GLY C 790 54.12 -16.90 36.63
N ASP C 791 54.20 -17.43 35.41
CA ASP C 791 54.49 -16.65 34.22
C ASP C 791 53.31 -16.73 33.27
N THR C 792 52.66 -15.59 33.03
CA THR C 792 51.47 -15.56 32.18
C THR C 792 51.81 -15.64 30.70
N GLY C 793 52.92 -15.04 30.28
CA GLY C 793 53.27 -15.00 28.87
C GLY C 793 52.48 -13.95 28.12
N ALA C 794 51.67 -14.38 27.16
CA ALA C 794 50.80 -13.49 26.40
C ALA C 794 49.40 -13.38 26.98
N GLY C 795 49.12 -14.05 28.09
CA GLY C 795 47.79 -14.00 28.67
C GLY C 795 47.47 -12.68 29.35
N CYS C 796 48.48 -11.92 29.75
CA CYS C 796 48.27 -10.62 30.36
C CYS C 796 48.93 -9.50 29.55
N GLN C 797 48.99 -9.69 28.23
CA GLN C 797 49.49 -8.66 27.32
C GLN C 797 48.31 -7.78 26.91
N LYS C 798 48.42 -6.49 27.18
CA LYS C 798 47.32 -5.56 26.95
C LYS C 798 47.50 -4.84 25.61
N SER C 799 46.47 -4.08 25.24
CA SER C 799 46.46 -3.33 23.99
C SER C 799 45.82 -1.98 24.24
N CYS C 800 45.76 -1.15 23.20
CA CYS C 800 45.11 0.14 23.30
C CYS C 800 43.59 0.01 23.42
N HIS C 801 43.04 -1.16 23.09
CA HIS C 801 41.61 -1.40 23.19
C HIS C 801 41.20 -2.03 24.50
N THR C 802 42.11 -2.73 25.18
CA THR C 802 41.82 -3.33 26.48
C THR C 802 42.02 -2.26 27.55
N LEU C 803 40.92 -1.59 27.90
CA LEU C 803 40.98 -0.49 28.87
C LEU C 803 41.22 -0.97 30.30
N ASP C 804 41.04 -2.25 30.57
CA ASP C 804 41.31 -2.82 31.89
C ASP C 804 42.72 -3.38 31.89
N MET C 805 43.61 -2.73 32.64
CA MET C 805 45.03 -3.08 32.66
C MET C 805 45.37 -4.17 33.68
N THR C 806 44.38 -4.65 34.43
CA THR C 806 44.64 -5.69 35.41
C THR C 806 44.92 -7.02 34.72
N CYS C 807 45.94 -7.73 35.21
CA CYS C 807 46.32 -9.03 34.67
C CYS C 807 45.48 -10.11 35.35
N TYR C 808 44.65 -10.80 34.56
CA TYR C 808 43.72 -11.78 35.08
C TYR C 808 44.07 -13.22 34.75
N SER C 809 44.92 -13.45 33.76
CA SER C 809 45.21 -14.82 33.33
C SER C 809 45.94 -15.58 34.44
N PRO C 810 45.46 -16.76 34.83
CA PRO C 810 46.15 -17.54 35.86
C PRO C 810 47.24 -18.43 35.30
N GLN C 811 47.14 -18.80 34.03
CA GLN C 811 48.05 -19.76 33.41
C GLN C 811 48.63 -19.17 32.12
N CYS C 812 49.68 -19.82 31.64
CA CYS C 812 50.39 -19.35 30.46
C CYS C 812 49.52 -19.46 29.21
N VAL C 813 49.57 -18.44 28.36
CA VAL C 813 48.88 -18.43 27.08
C VAL C 813 49.89 -18.03 26.01
N PRO C 814 50.11 -18.83 24.97
CA PRO C 814 51.05 -18.44 23.92
C PRO C 814 50.51 -17.30 23.08
N GLY C 815 51.42 -16.55 22.50
CA GLY C 815 51.04 -15.46 21.61
C GLY C 815 52.13 -14.41 21.53
N CYS C 816 51.84 -13.36 20.77
CA CYS C 816 52.78 -12.27 20.59
C CYS C 816 52.82 -11.40 21.84
N VAL C 817 54.04 -11.10 22.31
CA VAL C 817 54.26 -10.28 23.49
C VAL C 817 55.18 -9.12 23.12
N CYS C 818 54.79 -7.91 23.49
CA CYS C 818 55.63 -6.74 23.34
C CYS C 818 56.74 -6.76 24.38
N PRO C 819 57.83 -5.99 24.16
CA PRO C 819 58.85 -5.87 25.21
C PRO C 819 58.28 -5.44 26.55
N ASP C 820 59.04 -5.66 27.62
CA ASP C 820 58.53 -5.43 28.98
C ASP C 820 58.08 -3.99 29.15
N GLY C 821 56.90 -3.81 29.73
CA GLY C 821 56.35 -2.49 29.94
C GLY C 821 55.78 -1.83 28.70
N LEU C 822 55.43 -2.61 27.68
CA LEU C 822 54.90 -2.08 26.43
C LEU C 822 53.57 -2.74 26.12
N VAL C 823 52.70 -1.99 25.44
CA VAL C 823 51.40 -2.50 25.03
C VAL C 823 51.26 -2.32 23.52
N ALA C 824 50.43 -3.17 22.91
CA ALA C 824 50.21 -3.13 21.48
C ALA C 824 49.32 -1.96 21.10
N ASP C 825 49.61 -1.35 19.96
CA ASP C 825 48.83 -0.22 19.44
C ASP C 825 47.84 -0.64 18.36
N GLY C 826 47.70 -1.93 18.08
CA GLY C 826 46.79 -2.41 17.08
C GLY C 826 47.32 -2.40 15.66
N GLU C 827 48.53 -1.89 15.44
CA GLU C 827 49.14 -1.86 14.11
C GLU C 827 50.45 -2.63 14.07
N GLY C 828 50.72 -3.46 15.07
CA GLY C 828 51.94 -4.24 15.14
C GLY C 828 53.03 -3.66 16.01
N GLY C 829 52.97 -2.37 16.32
CA GLY C 829 53.96 -1.74 17.17
C GLY C 829 53.63 -1.85 18.64
N CYS C 830 54.56 -1.34 19.45
CA CYS C 830 54.41 -1.32 20.91
C CYS C 830 54.65 0.10 21.40
N ILE C 831 53.73 0.60 22.23
CA ILE C 831 53.83 1.94 22.80
C ILE C 831 53.50 1.86 24.28
N THR C 832 53.80 2.95 24.99
CA THR C 832 53.47 3.04 26.40
C THR C 832 51.96 3.16 26.59
N ALA C 833 51.50 2.80 27.78
CA ALA C 833 50.06 2.83 28.05
C ALA C 833 49.50 4.23 27.96
N GLU C 834 50.23 5.22 28.47
CA GLU C 834 49.76 6.60 28.45
C GLU C 834 49.70 7.17 27.04
N ASP C 835 50.42 6.58 26.09
CA ASP C 835 50.44 7.05 24.71
C ASP C 835 49.42 6.34 23.82
N CYS C 836 48.60 5.46 24.37
CA CYS C 836 47.58 4.81 23.56
C CYS C 836 46.53 5.82 23.14
N PRO C 837 46.11 5.81 21.88
CA PRO C 837 45.05 6.73 21.44
C PRO C 837 43.71 6.36 22.06
N CYS C 838 42.87 7.38 22.22
CA CYS C 838 41.53 7.17 22.75
C CYS C 838 40.65 6.50 21.71
N VAL C 839 39.72 5.66 22.18
CA VAL C 839 38.83 4.89 21.33
C VAL C 839 37.40 5.33 21.60
N HIS C 840 36.65 5.61 20.53
CA HIS C 840 35.26 6.03 20.66
C HIS C 840 34.53 5.70 19.36
N ASN C 841 33.53 4.83 19.45
CA ASN C 841 32.66 4.49 18.33
C ASN C 841 33.47 3.97 17.13
N GLU C 842 34.24 2.92 17.39
CA GLU C 842 35.03 2.23 16.37
C GLU C 842 36.01 3.18 15.69
N ALA C 843 36.54 4.16 16.43
CA ALA C 843 37.48 5.11 15.88
C ALA C 843 38.57 5.37 16.91
N SER C 844 39.72 5.82 16.43
CA SER C 844 40.87 6.12 17.26
C SER C 844 41.21 7.60 17.13
N TYR C 845 41.40 8.26 18.27
CA TYR C 845 41.72 9.68 18.32
C TYR C 845 43.03 9.88 19.06
N ARG C 846 43.92 10.67 18.48
CA ARG C 846 45.19 10.97 19.14
C ARG C 846 44.97 11.94 20.30
N ALA C 847 46.01 12.09 21.12
CA ALA C 847 45.93 12.99 22.26
C ALA C 847 45.69 14.42 21.80
N GLY C 848 44.74 15.09 22.45
CA GLY C 848 44.38 16.44 22.10
C GLY C 848 43.26 16.58 21.09
N GLN C 849 42.82 15.49 20.48
CA GLN C 849 41.71 15.56 19.54
C GLN C 849 40.40 15.81 20.27
N THR C 850 39.44 16.38 19.54
CA THR C 850 38.18 16.84 20.10
C THR C 850 37.02 16.08 19.48
N ILE C 851 36.12 15.58 20.33
CA ILE C 851 34.86 14.99 19.90
C ILE C 851 33.73 15.73 20.61
N ARG C 852 32.53 15.63 20.03
CA ARG C 852 31.36 16.30 20.57
C ARG C 852 30.31 15.25 20.92
N VAL C 853 29.93 15.20 22.19
CA VAL C 853 28.85 14.33 22.65
C VAL C 853 27.77 15.23 23.25
N GLY C 854 26.54 15.04 22.80
CA GLY C 854 25.44 15.89 23.23
C GLY C 854 25.71 17.35 22.94
N CYS C 855 25.96 18.13 23.99
CA CYS C 855 26.40 19.51 23.87
C CYS C 855 27.82 19.74 24.35
N ASN C 856 28.42 18.77 25.04
CA ASN C 856 29.74 18.93 25.64
C ASN C 856 30.83 18.66 24.62
N THR C 857 32.07 18.93 25.04
CA THR C 857 33.25 18.67 24.24
C THR C 857 34.21 17.78 25.03
N CYS C 858 34.66 16.70 24.42
CA CYS C 858 35.57 15.75 25.05
C CYS C 858 36.90 15.76 24.34
N THR C 859 37.97 15.91 25.12
CA THR C 859 39.34 15.94 24.62
C THR C 859 40.07 14.69 25.08
N CYS C 860 40.78 14.04 24.16
CA CYS C 860 41.56 12.87 24.51
C CYS C 860 42.82 13.28 25.28
N ASP C 861 43.12 12.54 26.34
CA ASP C 861 44.30 12.82 27.16
C ASP C 861 44.66 11.55 27.92
N SER C 862 45.80 10.96 27.57
CA SER C 862 46.36 9.78 28.25
C SER C 862 45.30 8.70 28.43
N ARG C 863 44.73 8.27 27.31
CA ARG C 863 43.73 7.20 27.20
C ARG C 863 42.37 7.60 27.74
N MET C 864 42.22 8.78 28.33
CA MET C 864 40.98 9.19 28.96
C MET C 864 40.31 10.28 28.15
N TRP C 865 39.02 10.47 28.40
CA TRP C 865 38.25 11.55 27.79
C TRP C 865 37.92 12.59 28.84
N ARG C 866 38.32 13.83 28.60
CA ARG C 866 38.01 14.94 29.49
CA ARG C 866 38.01 14.95 29.48
C ARG C 866 36.83 15.70 28.88
N CYS C 867 35.69 15.69 29.57
CA CYS C 867 34.47 16.27 29.06
C CYS C 867 33.92 17.30 30.04
N THR C 868 33.38 18.39 29.50
CA THR C 868 32.68 19.35 30.32
C THR C 868 31.36 18.76 30.82
N ASP C 869 30.79 19.39 31.84
CA ASP C 869 29.59 18.89 32.50
C ASP C 869 28.43 19.87 32.35
N ASP C 870 28.24 20.40 31.16
CA ASP C 870 27.14 21.32 30.91
C ASP C 870 25.87 20.55 30.58
N PRO C 871 24.82 20.65 31.39
CA PRO C 871 23.55 20.03 31.02
C PRO C 871 22.92 20.71 29.81
N CYS C 872 22.14 19.95 29.06
CA CYS C 872 21.43 20.49 27.91
C CYS C 872 20.16 19.67 27.67
N LEU C 873 19.57 19.86 26.49
CA LEU C 873 18.22 19.40 26.23
C LEU C 873 18.13 17.88 26.10
N ALA C 874 16.89 17.38 26.13
CA ALA C 874 16.56 16.01 25.82
C ALA C 874 15.46 15.99 24.77
N THR C 875 15.49 14.99 23.90
CA THR C 875 14.59 14.91 22.76
C THR C 875 13.66 13.72 22.91
N CYS C 876 12.36 13.97 22.84
CA CYS C 876 11.34 12.93 22.77
C CYS C 876 10.87 12.85 21.33
N ALA C 877 10.96 11.65 20.75
CA ALA C 877 10.67 11.45 19.33
C ALA C 877 9.46 10.54 19.18
N VAL C 878 8.42 11.01 18.49
CA VAL C 878 7.25 10.22 18.19
C VAL C 878 7.10 10.17 16.68
N TYR C 879 6.99 8.97 16.12
CA TYR C 879 6.87 8.87 14.67
C TYR C 879 6.21 7.56 14.30
N GLY C 880 5.77 7.49 13.04
CA GLY C 880 5.23 6.27 12.47
C GLY C 880 3.95 5.84 13.13
N ASP C 881 3.72 4.52 13.14
CA ASP C 881 2.53 3.95 13.75
C ASP C 881 2.76 3.79 15.25
N GLY C 882 2.81 4.94 15.93
CA GLY C 882 2.94 4.97 17.38
C GLY C 882 4.27 4.46 17.91
N HIS C 883 5.37 4.88 17.31
CA HIS C 883 6.70 4.57 17.80
C HIS C 883 7.19 5.74 18.64
N TYR C 884 7.43 5.50 19.94
CA TYR C 884 7.78 6.54 20.89
C TYR C 884 9.16 6.29 21.47
N LEU C 885 9.91 7.37 21.65
CA LEU C 885 11.17 7.36 22.38
C LEU C 885 11.16 8.54 23.33
N THR C 886 11.23 8.26 24.63
CA THR C 886 11.02 9.28 25.65
C THR C 886 12.28 10.11 25.85
N PHE C 887 12.20 11.07 26.78
CA PHE C 887 13.35 11.92 27.09
C PHE C 887 14.50 11.10 27.65
N ASP C 888 14.19 10.12 28.49
CA ASP C 888 15.19 9.32 29.18
C ASP C 888 15.67 8.13 28.37
N GLY C 889 15.19 7.97 27.14
CA GLY C 889 15.64 6.91 26.26
C GLY C 889 14.79 5.66 26.26
N GLN C 890 13.59 5.69 26.82
CA GLN C 890 12.71 4.52 26.82
C GLN C 890 12.00 4.45 25.48
N SER C 891 12.24 3.38 24.73
CA SER C 891 11.63 3.18 23.42
C SER C 891 10.49 2.18 23.55
N TYR C 892 9.35 2.50 22.95
CA TYR C 892 8.21 1.61 23.01
C TYR C 892 7.28 1.89 21.83
N SER C 893 6.24 1.06 21.72
CA SER C 893 5.23 1.20 20.69
C SER C 893 3.85 1.19 21.33
N PHE C 894 3.07 2.22 21.03
CA PHE C 894 1.72 2.34 21.57
C PHE C 894 0.79 2.81 20.45
N ASN C 895 -0.40 2.20 20.38
CA ASN C 895 -1.39 2.50 19.36
CA ASN C 895 -1.38 2.50 19.35
C ASN C 895 -2.68 2.93 20.05
N GLY C 896 -2.80 4.22 20.32
CA GLY C 896 -3.98 4.78 20.97
C GLY C 896 -4.75 5.66 20.00
N ASP C 897 -6.08 5.52 20.02
CA ASP C 897 -6.93 6.20 19.05
C ASP C 897 -7.31 7.61 19.45
N CYS C 898 -7.19 7.95 20.73
CA CYS C 898 -7.69 9.22 21.24
C CYS C 898 -6.58 10.28 21.21
N GLU C 899 -6.82 11.42 21.85
CA GLU C 899 -5.79 12.43 22.04
C GLU C 899 -5.04 12.14 23.33
N TYR C 900 -3.72 12.23 23.25
CA TYR C 900 -2.85 11.84 24.36
C TYR C 900 -1.90 12.97 24.72
N THR C 901 -1.68 13.15 26.01
CA THR C 901 -0.75 14.17 26.51
C THR C 901 0.67 13.72 26.23
N LEU C 902 1.30 14.30 25.20
CA LEU C 902 2.69 13.98 24.93
C LEU C 902 3.60 14.47 26.06
N VAL C 903 3.43 15.73 26.47
CA VAL C 903 4.23 16.27 27.56
C VAL C 903 3.46 17.41 28.20
N GLN C 904 3.68 17.59 29.51
CA GLN C 904 3.11 18.71 30.24
C GLN C 904 3.85 18.86 31.56
N ASN C 905 3.90 20.09 32.06
CA ASN C 905 4.46 20.37 33.37
C ASN C 905 3.34 20.54 34.38
N HIS C 906 3.72 20.86 35.62
CA HIS C 906 2.78 20.98 36.74
C HIS C 906 1.98 19.69 36.91
N CYS C 907 2.72 18.58 37.07
CA CYS C 907 2.13 17.26 37.27
C CYS C 907 1.99 16.93 38.76
N GLY C 908 3.09 16.99 39.50
CA GLY C 908 3.05 16.80 40.93
C GLY C 908 3.11 18.14 41.65
N GLY C 909 2.08 18.40 42.46
CA GLY C 909 1.93 19.67 43.12
C GLY C 909 1.19 20.72 42.30
N LYS C 910 1.35 20.68 40.97
CA LYS C 910 0.64 21.52 40.02
C LYS C 910 0.94 23.01 40.17
N ASP C 911 1.94 23.36 40.98
CA ASP C 911 2.34 24.77 41.13
C ASP C 911 3.75 25.02 40.60
N SER C 912 4.75 24.30 41.14
CA SER C 912 6.14 24.40 40.72
C SER C 912 6.58 25.84 40.44
N THR C 913 6.99 26.10 39.21
CA THR C 913 7.37 27.43 38.75
C THR C 913 7.05 27.52 37.27
N GLN C 914 7.62 28.53 36.60
CA GLN C 914 7.46 28.71 35.17
C GLN C 914 6.00 28.91 34.78
N ASP C 915 5.70 28.78 33.49
CA ASP C 915 4.33 28.86 32.99
C ASP C 915 3.92 27.49 32.45
N SER C 916 2.66 27.13 32.67
CA SER C 916 2.19 25.82 32.28
C SER C 916 2.17 25.66 30.77
N PHE C 917 2.72 24.54 30.29
CA PHE C 917 2.69 24.20 28.88
C PHE C 917 2.18 22.78 28.73
N ARG C 918 1.67 22.46 27.55
CA ARG C 918 1.07 21.15 27.32
C ARG C 918 1.11 20.86 25.82
N VAL C 919 1.93 19.88 25.42
CA VAL C 919 1.96 19.38 24.06
C VAL C 919 1.16 18.08 24.03
N VAL C 920 0.13 18.05 23.20
CA VAL C 920 -0.81 16.95 23.12
C VAL C 920 -0.87 16.45 21.67
N THR C 921 -0.80 15.14 21.50
CA THR C 921 -0.90 14.53 20.18
C THR C 921 -2.33 14.07 19.93
N GLU C 922 -2.78 14.24 18.69
CA GLU C 922 -4.06 13.74 18.23
C GLU C 922 -3.82 12.61 17.24
N ASN C 923 -4.45 11.47 17.48
CA ASN C 923 -4.16 10.25 16.74
C ASN C 923 -5.37 9.82 15.92
N VAL C 924 -5.11 8.98 14.92
CA VAL C 924 -6.14 8.48 14.02
C VAL C 924 -5.68 7.12 13.52
N PRO C 925 -6.59 6.16 13.34
CA PRO C 925 -6.16 4.86 12.79
C PRO C 925 -5.51 5.00 11.43
N CYS C 926 -4.40 4.29 11.25
CA CYS C 926 -3.63 4.30 10.01
C CYS C 926 -3.31 2.85 9.67
N GLY C 927 -4.21 2.21 8.94
CA GLY C 927 -4.12 0.79 8.63
C GLY C 927 -5.34 0.04 9.10
N THR C 928 -5.30 -1.28 8.94
CA THR C 928 -6.39 -2.15 9.35
C THR C 928 -6.02 -3.15 10.43
N THR C 929 -4.74 -3.25 10.80
CA THR C 929 -4.28 -4.20 11.80
C THR C 929 -4.42 -3.68 13.22
N GLY C 930 -4.94 -2.47 13.40
CA GLY C 930 -5.05 -1.86 14.71
C GLY C 930 -3.99 -0.83 15.02
N THR C 931 -3.13 -0.50 14.06
CA THR C 931 -2.13 0.54 14.26
C THR C 931 -2.77 1.91 14.14
N THR C 932 -2.08 2.91 14.69
CA THR C 932 -2.62 4.27 14.77
C THR C 932 -1.47 5.25 14.65
N CYS C 933 -1.66 6.31 13.87
CA CYS C 933 -0.62 7.30 13.68
C CYS C 933 -1.18 8.70 13.89
N SER C 934 -0.28 9.64 14.15
CA SER C 934 -0.68 11.00 14.50
C SER C 934 -1.21 11.76 13.30
N LYS C 935 -2.18 12.63 13.55
CA LYS C 935 -2.75 13.52 12.55
C LYS C 935 -2.50 14.99 12.85
N ALA C 936 -2.64 15.41 14.10
CA ALA C 936 -2.45 16.79 14.49
C ALA C 936 -1.70 16.87 15.81
N ILE C 937 -0.97 17.97 16.00
CA ILE C 937 -0.21 18.22 17.22
C ILE C 937 -0.67 19.55 17.79
N LYS C 938 -1.13 19.53 19.04
CA LYS C 938 -1.63 20.74 19.70
C LYS C 938 -0.69 21.12 20.83
N ILE C 939 -0.20 22.36 20.80
CA ILE C 939 0.70 22.89 21.81
C ILE C 939 -0.03 24.01 22.53
N PHE C 940 -0.29 23.82 23.82
CA PHE C 940 -0.95 24.82 24.65
C PHE C 940 0.09 25.47 25.55
N LEU C 941 0.46 26.70 25.23
CA LEU C 941 1.47 27.44 25.98
C LEU C 941 0.88 28.76 26.43
N GLY C 942 0.93 29.02 27.73
CA GLY C 942 0.31 30.23 28.26
C GLY C 942 -1.18 30.25 27.96
N GLY C 943 -1.65 31.36 27.41
CA GLY C 943 -3.03 31.47 26.99
C GLY C 943 -3.18 31.28 25.49
N PHE C 944 -2.18 30.68 24.86
CA PHE C 944 -2.13 30.53 23.41
C PHE C 944 -2.10 29.06 23.04
N GLU C 945 -2.68 28.74 21.88
CA GLU C 945 -2.73 27.39 21.36
C GLU C 945 -2.25 27.38 19.92
N LEU C 946 -1.35 26.45 19.61
CA LEU C 946 -0.91 26.18 18.26
C LEU C 946 -1.42 24.80 17.83
N LYS C 947 -1.98 24.72 16.63
CA LYS C 947 -2.45 23.46 16.08
C LYS C 947 -1.71 23.21 14.77
N LEU C 948 -0.79 22.25 14.78
CA LEU C 948 -0.12 21.80 13.57
C LEU C 948 -0.91 20.64 12.99
N SER C 949 -1.62 20.91 11.89
CA SER C 949 -2.49 19.89 11.31
C SER C 949 -2.38 19.97 9.78
N HIS C 950 -2.58 18.82 9.14
CA HIS C 950 -2.37 18.69 7.70
C HIS C 950 -0.94 19.08 7.35
N GLY C 951 -0.74 20.33 6.94
CA GLY C 951 0.58 20.86 6.70
C GLY C 951 0.69 22.30 7.14
N LYS C 952 -0.35 22.77 7.83
CA LYS C 952 -0.50 24.16 8.23
C LYS C 952 -0.50 24.29 9.75
N VAL C 953 -0.40 25.53 10.20
CA VAL C 953 -0.42 25.90 11.61
C VAL C 953 -1.56 26.88 11.84
N GLU C 954 -2.34 26.63 12.88
CA GLU C 954 -3.40 27.54 13.31
C GLU C 954 -3.07 28.09 14.68
N VAL C 955 -3.13 29.41 14.82
CA VAL C 955 -2.92 30.08 16.11
C VAL C 955 -4.31 30.33 16.67
N ILE C 956 -4.80 29.38 17.47
CA ILE C 956 -6.13 29.50 18.04
C ILE C 956 -6.19 30.69 18.99
N GLY C 957 -5.14 30.87 19.79
CA GLY C 957 -5.01 32.07 20.59
C GLY C 957 -6.07 32.21 21.68
N THR C 958 -6.32 33.47 22.03
CA THR C 958 -7.32 33.79 23.05
C THR C 958 -8.10 35.04 22.66
N GLN C 962 -1.31 39.10 26.00
CA GLN C 962 0.09 39.46 25.82
C GLN C 962 0.53 39.22 24.38
N GLU C 963 1.83 39.04 24.19
CA GLU C 963 2.40 38.75 22.89
C GLU C 963 2.49 37.23 22.67
N VAL C 964 2.54 36.84 21.41
CA VAL C 964 2.62 35.43 21.06
C VAL C 964 4.03 34.92 21.36
N PRO C 965 4.18 33.95 22.29
CA PRO C 965 5.50 33.38 22.59
C PRO C 965 5.84 32.20 21.69
N TYR C 966 5.70 32.39 20.38
CA TYR C 966 5.99 31.36 19.41
C TYR C 966 6.87 31.93 18.30
N THR C 967 7.73 31.08 17.76
CA THR C 967 8.48 31.38 16.54
C THR C 967 8.39 30.18 15.63
N ILE C 968 7.66 30.32 14.53
CA ILE C 968 7.48 29.25 13.55
C ILE C 968 8.45 29.48 12.40
N ARG C 969 9.29 28.49 12.13
CA ARG C 969 10.33 28.62 11.11
C ARG C 969 10.38 27.33 10.30
N GLN C 970 10.24 27.46 8.99
CA GLN C 970 10.31 26.31 8.09
C GLN C 970 11.75 26.13 7.63
N MET C 971 12.40 25.08 8.12
CA MET C 971 13.77 24.75 7.72
C MET C 971 13.79 23.31 7.24
N GLY C 972 14.26 23.11 6.02
CA GLY C 972 14.26 21.80 5.40
C GLY C 972 12.86 21.24 5.30
N ILE C 973 12.75 19.93 5.51
CA ILE C 973 11.44 19.29 5.59
C ILE C 973 10.76 19.51 6.92
N TYR C 974 11.38 20.26 7.83
CA TYR C 974 10.89 20.40 9.19
C TYR C 974 10.29 21.78 9.42
N LEU C 975 9.26 21.80 10.25
CA LEU C 975 8.66 23.02 10.78
C LEU C 975 9.05 23.10 12.25
N VAL C 976 9.72 24.18 12.64
CA VAL C 976 10.28 24.33 13.96
C VAL C 976 9.48 25.38 14.71
N VAL C 977 8.88 24.98 15.82
CA VAL C 977 8.20 25.90 16.73
C VAL C 977 9.10 26.09 17.94
N ASP C 978 9.56 27.32 18.12
CA ASP C 978 10.45 27.68 19.23
C ASP C 978 9.68 28.53 20.23
N THR C 979 9.82 28.20 21.51
CA THR C 979 9.22 28.98 22.58
C THR C 979 10.31 29.60 23.44
N ASP C 980 9.95 30.66 24.15
CA ASP C 980 10.89 31.36 25.01
C ASP C 980 11.07 30.70 26.37
N ILE C 981 10.31 29.64 26.66
CA ILE C 981 10.45 28.93 27.93
C ILE C 981 11.47 27.80 27.86
N GLY C 982 12.04 27.54 26.69
CA GLY C 982 12.96 26.45 26.49
C GLY C 982 12.37 25.21 25.87
N LEU C 983 11.40 25.35 24.97
CA LEU C 983 10.73 24.22 24.34
C LEU C 983 10.82 24.38 22.82
N VAL C 984 11.35 23.36 22.15
CA VAL C 984 11.47 23.36 20.70
C VAL C 984 10.73 22.16 20.16
N LEU C 985 10.03 22.34 19.03
CA LEU C 985 9.30 21.26 18.39
C LEU C 985 9.67 21.20 16.92
N LEU C 986 10.16 20.04 16.47
CA LEU C 986 10.36 19.77 15.06
C LEU C 986 9.22 18.90 14.57
N TRP C 987 8.59 19.31 13.47
CA TRP C 987 7.45 18.60 12.92
C TRP C 987 7.73 18.33 11.44
N ASP C 988 7.79 17.05 11.06
CA ASP C 988 7.96 16.72 9.65
C ASP C 988 6.69 16.91 8.83
N LYS C 989 5.64 17.46 9.44
CA LYS C 989 4.38 17.85 8.82
C LYS C 989 3.51 16.67 8.42
N LYS C 990 3.95 15.43 8.60
CA LYS C 990 3.08 14.30 8.32
C LYS C 990 2.77 13.48 9.57
N THR C 991 3.77 12.89 10.22
CA THR C 991 3.51 12.08 11.41
C THR C 991 4.57 12.19 12.49
N SER C 992 5.66 12.92 12.27
CA SER C 992 6.82 12.88 13.14
C SER C 992 6.92 14.16 13.96
N ILE C 993 7.11 14.01 15.27
CA ILE C 993 7.33 15.12 16.17
C ILE C 993 8.58 14.84 17.00
N PHE C 994 9.39 15.87 17.19
CA PHE C 994 10.61 15.81 18.01
C PHE C 994 10.57 16.98 18.98
N ILE C 995 10.36 16.68 20.26
CA ILE C 995 10.22 17.71 21.28
C ILE C 995 11.53 17.80 22.04
N ASN C 996 12.19 18.95 21.96
CA ASN C 996 13.42 19.22 22.66
C ASN C 996 13.12 20.07 23.88
N LEU C 997 13.48 19.54 25.06
CA LEU C 997 13.20 20.17 26.34
C LEU C 997 14.51 20.54 27.03
N SER C 998 14.58 21.76 27.55
CA SER C 998 15.77 22.23 28.22
C SER C 998 15.97 21.48 29.54
N PRO C 999 17.21 21.42 30.04
CA PRO C 999 17.46 20.69 31.30
C PRO C 999 16.80 21.31 32.50
N GLU C 1000 16.28 22.54 32.39
CA GLU C 1000 15.59 23.18 33.52
C GLU C 1000 14.26 22.51 33.84
N PHE C 1001 13.78 21.60 32.98
CA PHE C 1001 12.51 20.93 33.19
C PHE C 1001 12.69 19.48 33.65
N LYS C 1002 13.86 19.14 34.18
CA LYS C 1002 14.12 17.77 34.61
C LYS C 1002 13.29 17.44 35.83
N GLY C 1003 12.56 16.33 35.78
CA GLY C 1003 11.74 15.90 36.89
C GLY C 1003 10.47 16.69 37.08
N ARG C 1004 10.13 17.58 36.15
CA ARG C 1004 8.94 18.43 36.28
C ARG C 1004 7.96 18.23 35.13
N VAL C 1005 8.04 17.11 34.41
CA VAL C 1005 7.16 16.85 33.27
C VAL C 1005 6.58 15.46 33.39
N CYS C 1006 5.52 15.21 32.63
CA CYS C 1006 4.86 13.91 32.61
C CYS C 1006 4.09 13.77 31.31
N GLY C 1007 3.70 12.54 31.00
CA GLY C 1007 2.96 12.24 29.80
C GLY C 1007 3.53 11.00 29.14
N LEU C 1008 3.24 10.86 27.85
CA LEU C 1008 3.76 9.75 27.07
C LEU C 1008 5.25 9.87 26.77
N CYS C 1009 5.86 11.03 27.05
CA CYS C 1009 7.27 11.26 26.80
C CYS C 1009 8.13 11.05 28.04
N GLY C 1010 7.57 10.47 29.10
CA GLY C 1010 8.31 10.26 30.33
C GLY C 1010 8.33 11.48 31.21
N ASN C 1011 9.18 11.42 32.23
CA ASN C 1011 9.28 12.48 33.23
C ASN C 1011 10.64 13.16 33.28
N PHE C 1012 11.59 12.76 32.43
CA PHE C 1012 12.86 13.46 32.28
C PHE C 1012 13.64 13.52 33.59
N ASP C 1013 14.04 12.34 34.07
CA ASP C 1013 14.88 12.24 35.27
C ASP C 1013 16.02 11.25 35.06
N ASP C 1014 16.41 11.04 33.81
CA ASP C 1014 17.52 10.18 33.39
C ASP C 1014 17.27 8.70 33.62
N ILE C 1015 16.12 8.32 34.16
CA ILE C 1015 15.78 6.92 34.41
C ILE C 1015 14.69 6.52 33.42
N ALA C 1016 14.90 5.42 32.71
CA ALA C 1016 14.00 5.01 31.65
C ALA C 1016 12.94 4.01 32.10
N VAL C 1017 13.23 3.21 33.14
CA VAL C 1017 12.28 2.18 33.55
C VAL C 1017 11.02 2.81 34.14
N ASN C 1018 11.17 3.91 34.88
CA ASN C 1018 10.03 4.56 35.50
C ASN C 1018 9.30 5.51 34.58
N ASP C 1019 9.68 5.58 33.29
CA ASP C 1019 8.96 6.42 32.35
C ASP C 1019 7.56 5.90 32.06
N PHE C 1020 7.30 4.63 32.35
CA PHE C 1020 5.96 4.07 32.17
C PHE C 1020 5.08 4.38 33.37
N ALA C 1021 5.00 5.67 33.73
CA ALA C 1021 4.21 6.11 34.87
C ALA C 1021 2.85 6.57 34.36
N THR C 1022 1.79 5.93 34.85
CA THR C 1022 0.43 6.25 34.41
C THR C 1022 0.02 7.62 34.96
N ARG C 1023 -1.18 8.06 34.56
CA ARG C 1023 -1.72 9.31 35.08
C ARG C 1023 -2.04 9.22 36.56
N SER C 1024 -2.19 8.01 37.09
CA SER C 1024 -2.37 7.80 38.52
C SER C 1024 -1.05 7.82 39.29
N ARG C 1025 0.05 8.16 38.63
CA ARG C 1025 1.37 8.30 39.26
C ARG C 1025 1.89 6.97 39.80
N SER C 1026 1.70 5.90 39.03
CA SER C 1026 2.21 4.59 39.37
C SER C 1026 2.88 3.98 38.14
N VAL C 1027 4.09 3.50 38.30
CA VAL C 1027 4.82 2.87 37.20
C VAL C 1027 4.29 1.47 36.99
N VAL C 1028 3.89 1.17 35.76
CA VAL C 1028 3.33 -0.13 35.40
C VAL C 1028 4.23 -0.78 34.36
N GLY C 1029 4.01 -2.08 34.16
CA GLY C 1029 4.79 -2.83 33.19
C GLY C 1029 4.07 -2.95 31.85
N ASP C 1030 2.75 -2.87 31.88
CA ASP C 1030 1.95 -2.96 30.66
C ASP C 1030 2.02 -1.64 29.91
N VAL C 1031 2.47 -1.69 28.65
CA VAL C 1031 2.52 -0.48 27.84
C VAL C 1031 1.12 0.01 27.51
N LEU C 1032 0.18 -0.92 27.31
CA LEU C 1032 -1.18 -0.54 26.97
C LEU C 1032 -1.84 0.27 28.08
N GLU C 1033 -1.68 -0.17 29.33
CA GLU C 1033 -2.27 0.55 30.45
C GLU C 1033 -1.66 1.94 30.60
N PHE C 1034 -0.33 2.03 30.50
CA PHE C 1034 0.34 3.32 30.62
C PHE C 1034 -0.10 4.27 29.52
N GLY C 1035 -0.21 3.78 28.29
CA GLY C 1035 -0.67 4.63 27.20
C GLY C 1035 -2.12 5.05 27.36
N ASN C 1036 -2.98 4.12 27.75
CA ASN C 1036 -4.41 4.41 27.87
C ASN C 1036 -4.70 5.35 29.03
N SER C 1037 -3.84 5.36 30.05
CA SER C 1037 -4.05 6.26 31.18
C SER C 1037 -3.84 7.72 30.82
N TRP C 1038 -3.20 8.01 29.69
CA TRP C 1038 -2.85 9.37 29.33
C TRP C 1038 -3.75 9.96 28.25
N LYS C 1039 -4.88 9.30 27.95
CA LYS C 1039 -5.83 9.88 27.02
C LYS C 1039 -6.50 11.10 27.63
N LEU C 1040 -6.79 12.10 26.79
CA LEU C 1040 -7.40 13.33 27.29
C LEU C 1040 -8.82 13.09 27.80
N SER C 1041 -9.64 12.43 26.99
CA SER C 1041 -11.04 12.24 27.35
C SER C 1041 -11.21 10.89 28.04
N PRO C 1042 -11.68 10.85 29.28
CA PRO C 1042 -11.90 9.55 29.95
C PRO C 1042 -12.94 8.69 29.27
N SER C 1043 -13.86 9.29 28.50
CA SER C 1043 -14.92 8.53 27.85
C SER C 1043 -14.46 7.86 26.56
N CYS C 1044 -13.26 8.18 26.08
CA CYS C 1044 -12.76 7.56 24.86
C CYS C 1044 -12.45 6.08 25.12
N PRO C 1045 -12.81 5.18 24.20
CA PRO C 1045 -12.54 3.76 24.42
C PRO C 1045 -11.04 3.48 24.56
N ASP C 1046 -10.72 2.53 25.43
CA ASP C 1046 -9.34 2.15 25.65
C ASP C 1046 -8.80 1.34 24.47
N ALA C 1047 -7.51 1.54 24.19
CA ALA C 1047 -6.87 0.84 23.09
C ALA C 1047 -6.58 -0.60 23.46
N LEU C 1048 -6.54 -1.45 22.44
CA LEU C 1048 -6.23 -2.87 22.60
C LEU C 1048 -4.93 -3.20 21.87
N ALA C 1049 -4.38 -4.37 22.18
CA ALA C 1049 -3.15 -4.81 21.55
C ALA C 1049 -3.38 -5.11 20.08
N PRO C 1050 -2.66 -4.49 19.15
CA PRO C 1050 -2.89 -4.74 17.73
C PRO C 1050 -2.32 -6.08 17.29
N LYS C 1051 -2.81 -6.54 16.13
CA LYS C 1051 -2.28 -7.74 15.52
C LYS C 1051 -0.88 -7.48 14.97
N ASP C 1052 -0.12 -8.56 14.81
CA ASP C 1052 1.20 -8.45 14.20
C ASP C 1052 1.02 -8.07 12.73
N PRO C 1053 1.57 -6.94 12.27
CA PRO C 1053 1.30 -6.52 10.89
C PRO C 1053 1.82 -7.49 9.84
N CYS C 1054 3.08 -7.94 9.97
CA CYS C 1054 3.64 -8.84 8.97
C CYS C 1054 3.04 -10.23 9.04
N THR C 1055 2.36 -10.57 10.14
CA THR C 1055 1.62 -11.83 10.24
C THR C 1055 0.22 -11.70 9.68
N ALA C 1056 -0.45 -10.58 9.96
CA ALA C 1056 -1.79 -10.36 9.42
C ALA C 1056 -1.74 -10.02 7.94
N ASN C 1057 -0.61 -9.49 7.46
CA ASN C 1057 -0.44 -9.12 6.06
C ASN C 1057 0.87 -9.72 5.55
N PRO C 1058 0.92 -11.05 5.38
CA PRO C 1058 2.16 -11.68 4.91
C PRO C 1058 2.53 -11.30 3.49
N PHE C 1059 1.55 -11.05 2.62
CA PHE C 1059 1.83 -10.77 1.22
C PHE C 1059 2.62 -9.49 1.02
N ARG C 1060 2.68 -8.63 2.04
CA ARG C 1060 3.48 -7.42 1.99
C ARG C 1060 4.86 -7.60 2.60
N LYS C 1061 5.02 -8.62 3.45
CA LYS C 1061 6.22 -8.73 4.28
C LYS C 1061 7.50 -8.63 3.46
N SER C 1062 7.60 -9.43 2.39
CA SER C 1062 8.79 -9.41 1.55
C SER C 1062 9.12 -8.00 1.10
N TRP C 1063 8.12 -7.28 0.56
CA TRP C 1063 8.35 -5.92 0.10
C TRP C 1063 8.93 -5.08 1.23
N ALA C 1064 8.34 -5.18 2.42
CA ALA C 1064 8.87 -4.46 3.58
C ALA C 1064 10.33 -4.80 3.79
N GLN C 1065 10.65 -6.09 3.85
CA GLN C 1065 12.02 -6.50 4.09
C GLN C 1065 12.93 -6.08 2.94
N LYS C 1066 12.38 -5.95 1.74
CA LYS C 1066 13.19 -5.48 0.62
C LYS C 1066 13.36 -3.97 0.64
N GLN C 1067 12.43 -3.24 1.24
CA GLN C 1067 12.51 -1.78 1.23
C GLN C 1067 13.31 -1.23 2.40
N CYS C 1068 13.12 -1.80 3.60
CA CYS C 1068 13.81 -1.30 4.79
C CYS C 1068 15.26 -1.77 4.87
N SER C 1069 15.68 -2.68 4.00
CA SER C 1069 17.07 -3.12 3.99
C SER C 1069 18.03 -1.99 3.62
N ILE C 1070 17.50 -0.83 3.23
CA ILE C 1070 18.36 0.35 3.05
C ILE C 1070 19.02 0.73 4.36
N LEU C 1071 18.36 0.45 5.49
CA LEU C 1071 18.92 0.78 6.80
C LEU C 1071 20.07 -0.14 7.18
N HIS C 1072 20.29 -1.23 6.45
CA HIS C 1072 21.40 -2.15 6.71
C HIS C 1072 22.45 -2.15 5.61
N GLY C 1073 22.20 -1.49 4.49
CA GLY C 1073 23.11 -1.51 3.37
C GLY C 1073 24.19 -0.45 3.47
N PRO C 1074 24.90 -0.21 2.36
CA PRO C 1074 25.98 0.78 2.36
C PRO C 1074 25.51 2.21 2.42
N THR C 1075 24.20 2.46 2.30
CA THR C 1075 23.71 3.84 2.34
C THR C 1075 23.96 4.47 3.70
N PHE C 1076 23.70 3.72 4.78
CA PHE C 1076 23.87 4.20 6.14
C PHE C 1076 25.06 3.56 6.85
N ALA C 1077 26.01 3.01 6.07
CA ALA C 1077 27.11 2.26 6.66
C ALA C 1077 27.95 3.14 7.58
N ALA C 1078 28.13 4.40 7.23
CA ALA C 1078 28.92 5.30 8.07
C ALA C 1078 28.22 5.62 9.38
N CYS C 1079 26.89 5.46 9.45
CA CYS C 1079 26.14 5.79 10.66
C CYS C 1079 25.95 4.62 11.60
N HIS C 1080 26.25 3.39 11.16
CA HIS C 1080 25.99 2.22 11.98
C HIS C 1080 26.82 2.24 13.26
N ALA C 1081 27.96 2.92 13.25
CA ALA C 1081 28.79 3.03 14.45
C ALA C 1081 28.32 4.10 15.41
N HIS C 1082 27.40 4.96 15.00
CA HIS C 1082 26.95 6.08 15.83
C HIS C 1082 25.48 5.99 16.23
N VAL C 1083 24.63 5.34 15.43
CA VAL C 1083 23.24 5.11 15.79
C VAL C 1083 22.91 3.66 15.48
N GLU C 1084 22.37 2.96 16.46
CA GLU C 1084 21.99 1.57 16.26
C GLU C 1084 20.71 1.49 15.44
N PRO C 1085 20.70 0.82 14.29
CA PRO C 1085 19.52 0.80 13.43
C PRO C 1085 18.53 -0.33 13.69
N ALA C 1086 18.68 -1.08 14.79
CA ALA C 1086 17.82 -2.24 15.02
C ALA C 1086 16.36 -1.83 15.20
N ARG C 1087 16.10 -0.90 16.13
CA ARG C 1087 14.73 -0.49 16.37
CA ARG C 1087 14.73 -0.48 16.37
C ARG C 1087 14.15 0.28 15.19
N TYR C 1088 14.98 1.06 14.49
CA TYR C 1088 14.49 1.77 13.31
C TYR C 1088 14.12 0.80 12.21
N TYR C 1089 14.93 -0.24 12.00
CA TYR C 1089 14.59 -1.26 11.01
C TYR C 1089 13.32 -2.00 11.39
N GLU C 1090 13.17 -2.35 12.67
CA GLU C 1090 11.96 -3.03 13.11
C GLU C 1090 10.73 -2.17 12.89
N ALA C 1091 10.82 -0.88 13.25
CA ALA C 1091 9.69 0.03 13.04
C ALA C 1091 9.39 0.19 11.56
N CYS C 1092 10.42 0.28 10.73
CA CYS C 1092 10.22 0.39 9.28
C CYS C 1092 9.47 -0.82 8.74
N VAL C 1093 9.92 -2.02 9.10
CA VAL C 1093 9.28 -3.24 8.60
C VAL C 1093 7.85 -3.32 9.09
N ASN C 1094 7.62 -3.03 10.37
CA ASN C 1094 6.28 -3.10 10.93
C ASN C 1094 5.34 -2.09 10.27
N ASP C 1095 5.80 -0.86 10.07
CA ASP C 1095 4.98 0.15 9.43
C ASP C 1095 4.67 -0.22 7.99
N ALA C 1096 5.67 -0.71 7.25
CA ALA C 1096 5.44 -1.10 5.86
C ALA C 1096 4.45 -2.27 5.79
N CYS C 1097 4.52 -3.20 6.74
CA CYS C 1097 3.54 -4.28 6.78
C CYS C 1097 2.14 -3.75 7.12
N ALA C 1098 2.06 -2.76 8.02
CA ALA C 1098 0.78 -2.25 8.48
C ALA C 1098 0.25 -1.09 7.65
N CYS C 1099 1.02 -0.56 6.71
CA CYS C 1099 0.57 0.55 5.88
C CYS C 1099 -0.24 0.02 4.71
N ASP C 1100 -1.29 -0.73 5.00
CA ASP C 1100 -2.05 -1.47 3.99
C ASP C 1100 -3.32 -0.75 3.54
N SER C 1101 -3.59 0.44 4.04
CA SER C 1101 -4.80 1.18 3.67
C SER C 1101 -4.51 2.33 2.71
N GLY C 1102 -3.30 2.41 2.19
CA GLY C 1102 -2.96 3.47 1.27
C GLY C 1102 -1.84 4.37 1.74
N GLY C 1103 -0.76 4.46 0.97
CA GLY C 1103 0.34 5.33 1.31
C GLY C 1103 1.55 4.62 1.89
N ASP C 1104 1.95 3.49 1.28
CA ASP C 1104 3.12 2.76 1.76
C ASP C 1104 4.38 3.61 1.70
N CYS C 1105 4.53 4.42 0.66
CA CYS C 1105 5.75 5.20 0.50
C CYS C 1105 5.89 6.24 1.61
N GLU C 1106 4.79 6.83 2.06
CA GLU C 1106 4.86 7.78 3.17
C GLU C 1106 5.32 7.08 4.45
N CYS C 1107 4.77 5.90 4.73
CA CYS C 1107 5.20 5.13 5.90
C CYS C 1107 6.69 4.82 5.82
N PHE C 1108 7.14 4.32 4.67
CA PHE C 1108 8.55 3.96 4.51
C PHE C 1108 9.46 5.17 4.63
N CYS C 1109 9.06 6.29 4.02
CA CYS C 1109 9.88 7.50 4.07
C CYS C 1109 9.96 8.05 5.48
N THR C 1110 8.86 8.05 6.23
CA THR C 1110 8.90 8.50 7.62
C THR C 1110 9.81 7.60 8.44
N ALA C 1111 9.69 6.28 8.25
CA ALA C 1111 10.51 5.35 9.03
C ALA C 1111 12.00 5.54 8.75
N VAL C 1112 12.36 5.73 7.47
CA VAL C 1112 13.76 5.92 7.13
C VAL C 1112 14.24 7.31 7.57
N ALA C 1113 13.37 8.32 7.50
CA ALA C 1113 13.77 9.67 7.88
C ALA C 1113 13.97 9.78 9.37
N ALA C 1114 13.31 8.94 10.17
CA ALA C 1114 13.61 8.92 11.60
C ALA C 1114 15.09 8.56 11.84
N TYR C 1115 15.55 7.48 11.21
CA TYR C 1115 16.96 7.10 11.34
C TYR C 1115 17.87 8.14 10.71
N ALA C 1116 17.45 8.74 9.61
CA ALA C 1116 18.25 9.79 8.98
C ALA C 1116 18.44 10.97 9.90
N GLN C 1117 17.37 11.40 10.58
CA GLN C 1117 17.47 12.49 11.54
C GLN C 1117 18.33 12.10 12.73
N ALA C 1118 18.22 10.85 13.18
CA ALA C 1118 19.09 10.39 14.26
C ALA C 1118 20.55 10.46 13.86
N CYS C 1119 20.86 10.06 12.61
CA CYS C 1119 22.23 10.17 12.11
C CYS C 1119 22.67 11.62 11.99
N HIS C 1120 21.79 12.50 11.51
CA HIS C 1120 22.15 13.89 11.31
C HIS C 1120 22.38 14.61 12.64
N GLU C 1121 21.68 14.21 13.70
CA GLU C 1121 21.83 14.88 14.98
C GLU C 1121 23.24 14.75 15.54
N VAL C 1122 23.93 13.65 15.24
CA VAL C 1122 25.26 13.42 15.76
C VAL C 1122 26.35 13.82 14.76
N GLY C 1123 26.00 14.65 13.77
CA GLY C 1123 27.00 15.21 12.89
C GLY C 1123 27.35 14.40 11.67
N LEU C 1124 26.50 13.46 11.25
CA LEU C 1124 26.74 12.66 10.05
C LEU C 1124 25.82 13.15 8.94
N CYS C 1125 26.41 13.74 7.90
CA CYS C 1125 25.66 14.25 6.75
C CYS C 1125 25.59 13.15 5.70
N VAL C 1126 24.64 12.22 5.92
CA VAL C 1126 24.44 11.09 5.01
C VAL C 1126 23.32 11.43 4.05
N SER C 1127 23.59 11.25 2.75
CA SER C 1127 22.60 11.48 1.71
C SER C 1127 21.97 10.15 1.32
N TRP C 1128 20.65 10.06 1.43
CA TRP C 1128 19.94 8.83 1.16
C TRP C 1128 18.78 8.97 0.19
N ARG C 1129 18.29 10.16 -0.07
CA ARG C 1129 17.15 10.36 -0.96
C ARG C 1129 17.62 10.36 -2.40
N THR C 1130 17.21 9.35 -3.16
CA THR C 1130 17.39 9.25 -4.59
C THR C 1130 16.06 9.51 -5.29
N PRO C 1131 16.08 9.72 -6.61
CA PRO C 1131 14.81 9.91 -7.32
C PRO C 1131 13.84 8.74 -7.19
N SER C 1132 14.33 7.56 -6.80
CA SER C 1132 13.47 6.41 -6.56
C SER C 1132 13.16 6.20 -5.09
N ILE C 1133 13.97 6.76 -4.18
CA ILE C 1133 13.81 6.55 -2.74
C ILE C 1133 13.51 7.91 -2.12
N CYS C 1134 12.24 8.16 -1.82
CA CYS C 1134 11.79 9.37 -1.13
C CYS C 1134 12.35 10.65 -1.77
N PRO C 1135 11.96 10.96 -3.00
CA PRO C 1135 12.46 12.17 -3.64
C PRO C 1135 11.85 13.42 -3.02
N LEU C 1136 12.60 14.52 -3.10
CA LEU C 1136 12.15 15.83 -2.66
C LEU C 1136 12.13 16.78 -3.85
N PHE C 1137 11.03 17.51 -4.01
CA PHE C 1137 10.86 18.40 -5.15
C PHE C 1137 11.35 19.80 -4.80
N CYS C 1138 12.67 19.94 -4.74
CA CYS C 1138 13.28 21.23 -4.44
C CYS C 1138 12.99 22.24 -5.55
N ASP C 1139 13.05 21.80 -6.80
CA ASP C 1139 12.83 22.70 -7.93
C ASP C 1139 11.43 23.29 -7.94
N TYR C 1140 10.49 22.69 -7.19
CA TYR C 1140 9.17 23.27 -7.05
C TYR C 1140 9.22 24.67 -6.44
N TYR C 1141 10.23 24.95 -5.62
CA TYR C 1141 10.36 26.23 -4.95
C TYR C 1141 11.14 27.25 -5.75
N ASN C 1142 11.69 26.87 -6.91
CA ASN C 1142 12.45 27.81 -7.72
C ASN C 1142 11.49 28.76 -8.43
N PRO C 1143 11.66 30.07 -8.29
CA PRO C 1143 10.86 31.02 -9.07
C PRO C 1143 11.16 30.91 -10.56
N GLU C 1144 10.37 31.63 -11.35
CA GLU C 1144 10.52 31.61 -12.80
C GLU C 1144 11.90 32.12 -13.19
N GLY C 1145 12.65 31.30 -13.92
CA GLY C 1145 14.00 31.67 -14.32
C GLY C 1145 14.99 31.77 -13.19
N GLN C 1146 14.88 30.92 -12.18
CA GLN C 1146 15.79 30.93 -11.04
C GLN C 1146 16.16 29.49 -10.67
N CYS C 1147 17.33 29.36 -10.03
CA CYS C 1147 17.79 28.06 -9.53
C CYS C 1147 18.60 28.32 -8.26
N GLU C 1148 17.93 28.22 -7.12
CA GLU C 1148 18.58 28.49 -5.85
C GLU C 1148 18.40 27.36 -4.84
N TRP C 1149 17.26 26.69 -4.84
CA TRP C 1149 16.94 25.71 -3.81
C TRP C 1149 17.68 24.40 -4.07
N HIS C 1150 18.39 23.91 -3.06
CA HIS C 1150 19.16 22.69 -3.15
C HIS C 1150 18.91 21.83 -1.91
N TYR C 1151 19.01 20.52 -2.08
CA TYR C 1151 18.83 19.61 -0.97
C TYR C 1151 20.06 19.60 -0.08
N GLN C 1152 19.85 19.72 1.23
CA GLN C 1152 20.92 19.69 2.22
C GLN C 1152 20.62 18.59 3.23
N PRO C 1153 21.52 17.63 3.42
CA PRO C 1153 21.28 16.56 4.40
C PRO C 1153 21.36 17.04 5.84
N CYS C 1154 22.39 17.83 6.15
CA CYS C 1154 22.52 18.42 7.47
C CYS C 1154 21.90 19.81 7.54
N GLY C 1155 21.39 20.32 6.44
CA GLY C 1155 20.78 21.63 6.43
C GLY C 1155 21.81 22.74 6.49
N VAL C 1156 21.30 23.96 6.56
CA VAL C 1156 22.11 25.15 6.76
C VAL C 1156 21.75 25.75 8.11
N PRO C 1157 22.58 25.52 9.14
CA PRO C 1157 22.23 26.02 10.48
C PRO C 1157 22.10 27.53 10.53
N CYS C 1158 23.10 28.27 10.06
CA CYS C 1158 23.05 29.73 9.98
C CYS C 1158 23.09 30.17 8.52
N LEU C 1159 21.88 30.38 7.98
CA LEU C 1159 21.65 30.93 6.65
C LEU C 1159 21.10 32.34 6.81
N ARG C 1160 21.61 33.28 6.01
CA ARG C 1160 21.21 34.67 6.14
C ARG C 1160 19.76 34.85 5.72
N THR C 1161 18.99 35.56 6.54
CA THR C 1161 17.58 35.82 6.26
C THR C 1161 17.18 37.14 6.92
N CYS C 1162 15.92 37.52 6.73
CA CYS C 1162 15.44 38.78 7.29
C CYS C 1162 15.46 38.76 8.82
N ARG C 1163 14.97 37.67 9.42
CA ARG C 1163 15.00 37.57 10.88
C ARG C 1163 16.39 37.32 11.43
N ASN C 1164 17.34 36.92 10.60
CA ASN C 1164 18.72 36.67 11.01
C ASN C 1164 19.66 37.36 10.02
N PRO C 1165 19.65 38.70 9.99
CA PRO C 1165 20.47 39.41 8.99
C PRO C 1165 21.96 39.15 9.13
N ARG C 1166 22.45 38.98 10.35
CA ARG C 1166 23.88 38.78 10.56
C ARG C 1166 24.33 37.35 10.26
N GLY C 1167 23.41 36.43 9.99
CA GLY C 1167 23.76 35.06 9.72
C GLY C 1167 24.24 34.33 10.96
N ASP C 1168 23.37 34.23 11.95
CA ASP C 1168 23.69 33.58 13.22
C ASP C 1168 23.00 32.22 13.29
N CYS C 1169 23.63 31.29 14.00
CA CYS C 1169 23.06 29.96 14.23
C CYS C 1169 23.26 29.53 15.67
N LEU C 1170 22.15 29.33 16.37
CA LEU C 1170 22.08 29.08 17.80
C LEU C 1170 22.26 27.61 18.17
N ARG C 1171 22.52 26.75 17.19
CA ARG C 1171 22.62 25.30 17.42
C ARG C 1171 21.25 24.84 17.93
N ASP C 1172 21.25 23.81 18.79
CA ASP C 1172 20.05 23.33 19.49
C ASP C 1172 19.11 22.58 18.54
N VAL C 1173 19.41 22.65 17.24
CA VAL C 1173 18.74 21.86 16.21
C VAL C 1173 19.79 21.47 15.17
N ARG C 1174 19.94 20.18 14.93
CA ARG C 1174 21.01 19.68 14.07
C ARG C 1174 20.46 18.77 12.98
N GLY C 1175 20.99 18.95 11.76
CA GLY C 1175 20.69 18.07 10.66
C GLY C 1175 19.25 18.03 10.20
N LEU C 1176 18.64 19.20 10.05
CA LEU C 1176 17.28 19.29 9.50
C LEU C 1176 17.39 19.29 7.98
N GLU C 1177 17.33 18.10 7.40
CA GLU C 1177 17.50 17.94 5.96
C GLU C 1177 16.32 18.54 5.20
N GLY C 1178 16.58 18.91 3.96
CA GLY C 1178 15.52 19.38 3.09
C GLY C 1178 16.04 20.42 2.11
N CYS C 1179 15.10 21.04 1.41
CA CYS C 1179 15.44 22.05 0.41
C CYS C 1179 15.72 23.38 1.09
N TYR C 1180 16.93 23.90 0.90
CA TYR C 1180 17.34 25.20 1.42
C TYR C 1180 17.72 26.12 0.28
N PRO C 1181 17.47 27.43 0.41
CA PRO C 1181 17.83 28.34 -0.66
C PRO C 1181 19.29 28.77 -0.58
N LYS C 1182 19.92 28.86 -1.75
CA LYS C 1182 21.29 29.34 -1.89
C LYS C 1182 21.21 30.68 -2.60
N CYS C 1183 21.05 31.75 -1.81
CA CYS C 1183 20.89 33.07 -2.38
C CYS C 1183 22.19 33.51 -3.07
N PRO C 1184 22.09 34.13 -4.24
CA PRO C 1184 23.29 34.59 -4.94
C PRO C 1184 23.86 35.82 -4.27
N PRO C 1185 25.11 36.18 -4.57
CA PRO C 1185 25.69 37.39 -3.95
C PRO C 1185 24.93 38.67 -4.29
N GLU C 1186 24.25 38.71 -5.44
CA GLU C 1186 23.48 39.89 -5.80
C GLU C 1186 22.35 40.14 -4.80
N ALA C 1187 21.64 39.08 -4.41
CA ALA C 1187 20.54 39.16 -3.46
C ALA C 1187 20.78 38.13 -2.37
N PRO C 1188 21.54 38.48 -1.33
CA PRO C 1188 22.01 37.49 -0.37
C PRO C 1188 21.14 37.26 0.85
N ILE C 1189 19.97 37.90 0.97
CA ILE C 1189 19.13 37.77 2.16
C ILE C 1189 17.83 37.09 1.75
N PHE C 1190 17.50 35.99 2.40
CA PHE C 1190 16.31 35.20 2.07
C PHE C 1190 15.13 35.69 2.90
N ASP C 1191 14.11 36.24 2.22
CA ASP C 1191 12.87 36.64 2.86
C ASP C 1191 11.92 35.45 2.82
N GLU C 1192 11.63 34.89 4.00
CA GLU C 1192 10.70 33.75 4.08
C GLU C 1192 9.28 34.17 3.73
N ASP C 1193 8.85 35.35 4.20
CA ASP C 1193 7.50 35.82 3.92
C ASP C 1193 7.29 35.99 2.42
N LYS C 1194 8.26 36.62 1.74
CA LYS C 1194 8.24 36.66 0.29
C LYS C 1194 8.82 35.40 -0.33
N MET C 1195 9.53 34.59 0.46
CA MET C 1195 10.16 33.35 -0.01
C MET C 1195 11.04 33.61 -1.23
N GLN C 1196 11.86 34.66 -1.14
CA GLN C 1196 12.67 35.07 -2.27
C GLN C 1196 13.99 35.64 -1.78
N CYS C 1197 14.99 35.62 -2.66
CA CYS C 1197 16.28 36.20 -2.35
C CYS C 1197 16.26 37.68 -2.74
N VAL C 1198 16.52 38.54 -1.77
CA VAL C 1198 16.51 39.98 -1.95
C VAL C 1198 17.81 40.56 -1.37
N ALA C 1199 18.12 41.78 -1.79
CA ALA C 1199 19.32 42.45 -1.31
C ALA C 1199 19.16 42.99 0.11
N THR C 1200 17.97 43.47 0.46
CA THR C 1200 17.71 44.01 1.79
C THR C 1200 16.24 43.83 2.11
N CYS C 1201 15.95 43.55 3.38
CA CYS C 1201 14.58 43.35 3.83
C CYS C 1201 13.95 44.66 4.28
N CYS D 736 -50.51 17.68 -16.56
CA CYS D 736 -50.08 19.00 -17.02
C CYS D 736 -49.60 18.93 -18.46
N TYR D 737 -49.63 20.07 -19.14
CA TYR D 737 -49.21 20.15 -20.53
C TYR D 737 -48.34 21.38 -20.72
N HIS D 738 -47.20 21.21 -21.39
CA HIS D 738 -46.28 22.30 -21.69
C HIS D 738 -45.89 22.22 -23.15
N ARG D 739 -46.10 23.31 -23.88
CA ARG D 739 -45.79 23.40 -25.31
C ARG D 739 -46.50 22.28 -26.09
N GLY D 740 -47.71 21.95 -25.68
CA GLY D 740 -48.48 20.92 -26.35
C GLY D 740 -48.04 19.50 -26.05
N SER D 741 -47.18 19.30 -25.06
CA SER D 741 -46.67 17.98 -24.71
C SER D 741 -47.13 17.62 -23.30
N MET D 742 -47.59 16.38 -23.15
CA MET D 742 -48.07 15.91 -21.86
C MET D 742 -46.91 15.79 -20.87
N ILE D 743 -47.09 16.35 -19.68
CA ILE D 743 -46.10 16.30 -18.61
C ILE D 743 -46.66 15.42 -17.50
N PRO D 744 -46.14 14.21 -17.31
CA PRO D 744 -46.67 13.33 -16.26
C PRO D 744 -46.45 13.92 -14.88
N ASN D 745 -47.32 13.55 -13.95
CA ASN D 745 -47.22 14.02 -12.57
C ASN D 745 -45.89 13.58 -11.97
N GLY D 746 -45.22 14.52 -11.29
CA GLY D 746 -43.91 14.28 -10.73
C GLY D 746 -42.75 14.62 -11.65
N GLU D 747 -43.03 14.93 -12.92
CA GLU D 747 -42.00 15.33 -13.86
C GLU D 747 -41.83 16.85 -13.87
N SER D 748 -40.72 17.31 -14.45
CA SER D 748 -40.41 18.72 -14.49
C SER D 748 -39.95 19.10 -15.90
N VAL D 749 -40.06 20.39 -16.20
CA VAL D 749 -39.61 20.95 -17.47
C VAL D 749 -38.75 22.16 -17.19
N HIS D 750 -37.83 22.44 -18.12
CA HIS D 750 -36.94 23.58 -18.03
C HIS D 750 -37.27 24.56 -19.14
N ASP D 751 -37.51 25.82 -18.77
CA ASP D 751 -37.91 26.84 -19.74
C ASP D 751 -37.33 28.17 -19.31
N SER D 752 -36.44 28.73 -20.12
CA SER D 752 -35.86 30.05 -19.88
C SER D 752 -35.22 30.13 -18.50
N GLY D 753 -34.52 29.07 -18.11
CA GLY D 753 -33.87 29.02 -16.82
C GLY D 753 -34.78 28.80 -15.64
N ALA D 754 -36.03 28.40 -15.87
CA ALA D 754 -36.99 28.15 -14.81
C ALA D 754 -37.40 26.69 -14.82
N ILE D 755 -37.47 26.09 -13.64
CA ILE D 755 -37.83 24.68 -13.49
C ILE D 755 -39.28 24.61 -13.00
N CYS D 756 -40.14 23.98 -13.79
CA CYS D 756 -41.56 23.87 -13.47
C CYS D 756 -41.92 22.40 -13.32
N THR D 757 -42.43 22.04 -12.14
CA THR D 757 -42.82 20.68 -11.81
C THR D 757 -44.32 20.53 -11.85
N CYS D 758 -44.79 19.40 -12.37
CA CYS D 758 -46.22 19.09 -12.44
C CYS D 758 -46.63 18.32 -11.20
N THR D 759 -47.35 18.97 -10.30
CA THR D 759 -47.85 18.34 -9.08
C THR D 759 -49.35 18.57 -8.98
N HIS D 760 -50.09 17.49 -8.71
CA HIS D 760 -51.53 17.55 -8.51
C HIS D 760 -52.25 18.22 -9.69
N GLY D 761 -51.75 17.96 -10.89
CA GLY D 761 -52.35 18.51 -12.09
C GLY D 761 -52.04 19.97 -12.37
N LYS D 762 -51.17 20.59 -11.57
CA LYS D 762 -50.79 21.99 -11.76
C LYS D 762 -49.29 22.08 -11.98
N LEU D 763 -48.89 22.92 -12.94
CA LEU D 763 -47.48 23.09 -13.28
C LEU D 763 -46.93 24.26 -12.47
N SER D 764 -46.50 23.98 -11.25
CA SER D 764 -45.88 25.01 -10.44
C SER D 764 -44.47 25.28 -10.96
N CYS D 765 -43.98 26.50 -10.74
CA CYS D 765 -42.67 26.90 -11.23
C CYS D 765 -41.85 27.46 -10.08
N ILE D 766 -40.66 26.92 -9.88
CA ILE D 766 -39.79 27.38 -8.81
C ILE D 766 -39.32 28.80 -9.11
N GLY D 767 -39.11 29.59 -8.07
CA GLY D 767 -38.79 30.99 -8.25
C GLY D 767 -39.98 31.88 -8.51
N GLY D 768 -41.19 31.41 -8.22
CA GLY D 768 -42.39 32.18 -8.50
C GLY D 768 -42.98 31.89 -9.86
N GLN D 769 -42.34 32.40 -10.91
CA GLN D 769 -42.80 32.21 -12.28
C GLN D 769 -41.67 32.67 -13.20
N ALA D 770 -41.98 32.73 -14.50
CA ALA D 770 -41.07 33.26 -15.52
C ALA D 770 -41.83 34.34 -16.28
N PRO D 771 -41.88 35.57 -15.74
CA PRO D 771 -42.79 36.58 -16.27
C PRO D 771 -42.64 36.86 -17.75
N ALA D 772 -41.45 37.29 -18.18
CA ALA D 772 -41.26 37.61 -19.59
C ALA D 772 -39.78 37.54 -19.99
N PRO D 773 -39.39 36.57 -20.81
CA PRO D 773 -38.03 36.58 -21.35
C PRO D 773 -37.79 37.83 -22.19
N VAL D 774 -36.57 38.36 -22.11
CA VAL D 774 -36.20 39.59 -22.80
C VAL D 774 -34.96 39.30 -23.65
N CYS D 775 -35.03 39.66 -24.92
CA CYS D 775 -33.91 39.49 -25.85
C CYS D 775 -33.28 40.85 -26.13
N ALA D 776 -32.00 40.98 -25.83
CA ALA D 776 -31.28 42.22 -26.09
C ALA D 776 -31.08 42.42 -27.59
N ALA D 777 -30.91 43.67 -27.98
CA ALA D 777 -30.75 43.99 -29.39
C ALA D 777 -29.47 43.34 -29.94
N PRO D 778 -29.48 42.91 -31.21
CA PRO D 778 -30.57 43.01 -32.19
C PRO D 778 -31.56 41.86 -32.12
N MET D 779 -31.45 40.98 -31.14
CA MET D 779 -32.42 39.90 -30.98
C MET D 779 -33.79 40.47 -30.64
N VAL D 780 -34.82 39.88 -31.23
CA VAL D 780 -36.20 40.21 -30.89
C VAL D 780 -36.83 39.00 -30.21
N PHE D 781 -38.02 39.20 -29.66
CA PHE D 781 -38.77 38.13 -29.02
C PHE D 781 -39.93 37.76 -29.92
N PHE D 782 -40.16 36.46 -30.11
CA PHE D 782 -41.26 35.96 -30.92
C PHE D 782 -42.13 35.10 -30.02
N ASP D 783 -43.39 35.51 -29.87
CA ASP D 783 -44.38 34.78 -29.09
C ASP D 783 -45.41 34.18 -30.02
N CYS D 784 -45.75 32.91 -29.79
CA CYS D 784 -46.67 32.18 -30.66
C CYS D 784 -48.13 32.33 -30.25
N ARG D 785 -48.45 33.38 -29.48
CA ARG D 785 -49.85 33.62 -29.11
C ARG D 785 -50.70 33.91 -30.35
N ASN D 786 -50.23 34.81 -31.20
CA ASN D 786 -50.86 35.10 -32.49
C ASN D 786 -49.88 34.66 -33.57
N ALA D 787 -49.94 33.38 -33.93
CA ALA D 787 -49.00 32.77 -34.86
C ALA D 787 -49.73 32.28 -36.09
N THR D 788 -49.26 32.70 -37.26
CA THR D 788 -49.82 32.22 -38.52
C THR D 788 -49.45 30.77 -38.75
N PRO D 789 -50.31 29.99 -39.41
CA PRO D 789 -49.95 28.62 -39.76
C PRO D 789 -48.76 28.59 -40.73
N GLY D 790 -47.97 27.53 -40.62
CA GLY D 790 -46.74 27.41 -41.38
C GLY D 790 -45.55 28.14 -40.78
N ASP D 791 -45.74 28.77 -39.62
CA ASP D 791 -44.69 29.56 -38.99
C ASP D 791 -43.98 28.73 -37.93
N THR D 792 -42.66 28.95 -37.82
CA THR D 792 -41.84 28.24 -36.85
C THR D 792 -41.38 29.11 -35.69
N GLY D 793 -41.38 30.43 -35.84
CA GLY D 793 -40.93 31.30 -34.78
C GLY D 793 -39.44 31.08 -34.50
N ALA D 794 -39.13 30.79 -33.24
CA ALA D 794 -37.78 30.51 -32.82
C ALA D 794 -37.41 29.04 -32.92
N GLY D 795 -38.32 28.22 -33.45
CA GLY D 795 -38.03 26.79 -33.59
C GLY D 795 -36.90 26.49 -34.55
N CYS D 796 -36.77 27.29 -35.60
CA CYS D 796 -35.72 27.11 -36.60
C CYS D 796 -34.77 28.29 -36.63
N GLN D 797 -34.50 28.86 -35.45
CA GLN D 797 -33.47 29.88 -35.30
C GLN D 797 -32.16 29.19 -34.94
N LYS D 798 -31.18 29.29 -35.82
CA LYS D 798 -29.92 28.57 -35.67
C LYS D 798 -28.88 29.42 -34.95
N SER D 799 -27.75 28.78 -34.64
CA SER D 799 -26.66 29.42 -33.93
C SER D 799 -25.34 29.04 -34.58
N CYS D 800 -24.24 29.56 -34.04
CA CYS D 800 -22.92 29.19 -34.53
C CYS D 800 -22.56 27.76 -34.14
N HIS D 801 -23.12 27.26 -33.02
CA HIS D 801 -22.86 25.91 -32.56
C HIS D 801 -23.81 24.88 -33.18
N THR D 802 -24.87 25.32 -33.84
CA THR D 802 -25.78 24.40 -34.51
C THR D 802 -25.26 24.17 -35.92
N LEU D 803 -24.46 23.10 -36.08
CA LEU D 803 -23.83 22.83 -37.36
C LEU D 803 -24.79 22.28 -38.40
N ASP D 804 -26.01 21.94 -38.01
CA ASP D 804 -27.05 21.51 -38.94
C ASP D 804 -27.90 22.70 -39.31
N MET D 805 -27.96 23.02 -40.61
CA MET D 805 -28.58 24.24 -41.09
C MET D 805 -30.02 24.04 -41.54
N THR D 806 -30.61 22.90 -41.26
CA THR D 806 -31.91 22.53 -41.79
C THR D 806 -33.01 22.81 -40.77
N CYS D 807 -34.08 23.47 -41.22
CA CYS D 807 -35.25 23.68 -40.38
C CYS D 807 -35.95 22.35 -40.13
N TYR D 808 -36.28 22.09 -38.86
CA TYR D 808 -36.84 20.80 -38.48
C TYR D 808 -38.14 20.95 -37.71
N SER D 809 -38.26 22.01 -36.92
CA SER D 809 -39.43 22.16 -36.05
C SER D 809 -40.67 22.42 -36.88
N PRO D 810 -41.73 21.63 -36.70
CA PRO D 810 -42.97 21.84 -37.46
C PRO D 810 -43.96 22.80 -36.80
N GLN D 811 -43.71 23.22 -35.56
CA GLN D 811 -44.63 24.07 -34.83
C GLN D 811 -43.89 25.30 -34.33
N CYS D 812 -44.66 26.37 -34.07
CA CYS D 812 -44.07 27.61 -33.59
C CYS D 812 -43.49 27.42 -32.20
N VAL D 813 -42.31 28.02 -31.97
CA VAL D 813 -41.64 27.98 -30.69
C VAL D 813 -41.33 29.42 -30.29
N PRO D 814 -41.77 29.90 -29.13
CA PRO D 814 -41.48 31.28 -28.74
C PRO D 814 -40.07 31.39 -28.17
N GLY D 815 -39.40 32.49 -28.51
CA GLY D 815 -38.06 32.70 -28.03
C GLY D 815 -37.37 33.84 -28.74
N CYS D 816 -36.06 33.92 -28.53
CA CYS D 816 -35.25 34.97 -29.15
C CYS D 816 -35.00 34.62 -30.61
N VAL D 817 -35.17 35.60 -31.49
CA VAL D 817 -35.03 35.43 -32.93
C VAL D 817 -34.14 36.53 -33.47
N CYS D 818 -33.17 36.14 -34.32
CA CYS D 818 -32.33 37.09 -35.01
C CYS D 818 -33.12 37.75 -36.15
N PRO D 819 -32.64 38.89 -36.66
CA PRO D 819 -33.19 39.40 -37.91
C PRO D 819 -33.02 38.38 -39.03
N ASP D 820 -33.98 38.38 -39.96
CA ASP D 820 -34.06 37.32 -40.96
C ASP D 820 -32.77 37.22 -41.76
N GLY D 821 -32.33 35.98 -41.97
CA GLY D 821 -31.10 35.71 -42.68
C GLY D 821 -29.84 35.75 -41.84
N LEU D 822 -29.95 35.73 -40.52
CA LEU D 822 -28.80 35.80 -39.64
C LEU D 822 -28.91 34.72 -38.57
N VAL D 823 -27.75 34.34 -38.02
CA VAL D 823 -27.67 33.32 -36.98
C VAL D 823 -27.04 33.95 -35.74
N ALA D 824 -27.33 33.33 -34.60
CA ALA D 824 -26.85 33.86 -33.33
C ALA D 824 -25.35 33.65 -33.17
N ASP D 825 -24.69 34.65 -32.58
CA ASP D 825 -23.26 34.58 -32.30
C ASP D 825 -22.93 33.90 -30.98
N GLY D 826 -23.92 33.66 -30.13
CA GLY D 826 -23.68 33.16 -28.80
C GLY D 826 -23.27 34.20 -27.79
N GLU D 827 -23.17 35.47 -28.20
CA GLU D 827 -22.84 36.57 -27.30
C GLU D 827 -23.86 37.70 -27.33
N GLY D 828 -24.81 37.68 -28.25
CA GLY D 828 -25.84 38.69 -28.30
C GLY D 828 -26.07 39.30 -29.66
N GLY D 829 -25.15 39.05 -30.60
CA GLY D 829 -25.23 39.60 -31.93
C GLY D 829 -25.75 38.60 -32.95
N CYS D 830 -26.02 39.12 -34.15
CA CYS D 830 -26.50 38.31 -35.27
C CYS D 830 -25.63 38.61 -36.49
N ILE D 831 -25.09 37.56 -37.10
CA ILE D 831 -24.26 37.68 -38.29
C ILE D 831 -24.60 36.55 -39.25
N THR D 832 -24.12 36.68 -40.49
CA THR D 832 -24.41 35.71 -41.53
C THR D 832 -23.75 34.37 -41.22
N ALA D 833 -24.26 33.32 -41.86
CA ALA D 833 -23.86 31.95 -41.51
C ALA D 833 -22.38 31.72 -41.72
N GLU D 834 -21.84 32.17 -42.86
CA GLU D 834 -20.44 31.87 -43.17
C GLU D 834 -19.45 32.63 -42.30
N ASP D 835 -19.91 33.59 -41.50
CA ASP D 835 -19.03 34.35 -40.62
C ASP D 835 -18.93 33.76 -39.22
N CYS D 836 -19.60 32.65 -38.94
CA CYS D 836 -19.48 32.02 -37.63
C CYS D 836 -18.05 31.48 -37.43
N PRO D 837 -17.47 31.67 -36.25
CA PRO D 837 -16.19 31.04 -35.96
C PRO D 837 -16.31 29.53 -35.89
N CYS D 838 -15.20 28.85 -36.13
CA CYS D 838 -15.16 27.41 -36.08
C CYS D 838 -15.09 26.93 -34.63
N VAL D 839 -15.85 25.88 -34.33
CA VAL D 839 -15.97 25.36 -32.97
C VAL D 839 -15.19 24.05 -32.88
N HIS D 840 -14.35 23.95 -31.85
CA HIS D 840 -13.54 22.75 -31.64
C HIS D 840 -13.18 22.65 -30.16
N ASN D 841 -13.46 21.48 -29.57
CA ASN D 841 -13.07 21.15 -28.21
C ASN D 841 -13.46 22.26 -27.22
N GLU D 842 -14.73 22.63 -27.25
CA GLU D 842 -15.29 23.67 -26.38
C GLU D 842 -14.53 24.98 -26.53
N ALA D 843 -14.12 25.31 -27.74
CA ALA D 843 -13.41 26.56 -28.02
C ALA D 843 -13.82 27.09 -29.37
N SER D 844 -13.64 28.40 -29.55
CA SER D 844 -14.00 29.07 -30.80
C SER D 844 -12.75 29.68 -31.42
N TYR D 845 -12.63 29.54 -32.74
CA TYR D 845 -11.49 30.05 -33.49
C TYR D 845 -12.00 30.88 -34.66
N ARG D 846 -11.44 32.07 -34.81
CA ARG D 846 -11.83 32.94 -35.91
C ARG D 846 -11.28 32.39 -37.24
N ALA D 847 -11.84 32.91 -38.34
CA ALA D 847 -11.41 32.48 -39.66
C ALA D 847 -9.94 32.76 -39.87
N GLY D 848 -9.21 31.76 -40.37
CA GLY D 848 -7.78 31.86 -40.57
C GLY D 848 -6.95 31.26 -39.45
N GLN D 849 -7.56 31.01 -38.29
CA GLN D 849 -6.83 30.41 -37.18
C GLN D 849 -6.51 28.94 -37.49
N THR D 850 -5.45 28.45 -36.84
CA THR D 850 -4.91 27.13 -37.13
C THR D 850 -4.93 26.27 -35.87
N ILE D 851 -5.35 25.02 -36.02
CA ILE D 851 -5.28 24.02 -34.97
C ILE D 851 -4.43 22.85 -35.47
N ARG D 852 -3.82 22.12 -34.55
CA ARG D 852 -3.02 20.95 -34.89
C ARG D 852 -3.70 19.71 -34.33
N VAL D 853 -4.02 18.77 -35.22
CA VAL D 853 -4.62 17.50 -34.83
C VAL D 853 -3.77 16.38 -35.42
N GLY D 854 -3.31 15.47 -34.56
CA GLY D 854 -2.39 14.44 -35.02
C GLY D 854 -1.14 15.05 -35.62
N CYS D 855 -0.82 14.64 -36.84
CA CYS D 855 0.28 15.22 -37.60
C CYS D 855 -0.18 16.20 -38.67
N ASN D 856 -1.42 16.67 -38.56
CA ASN D 856 -2.03 17.54 -39.57
C ASN D 856 -2.40 18.88 -38.96
N THR D 857 -2.50 19.88 -39.84
CA THR D 857 -2.88 21.23 -39.47
C THR D 857 -4.20 21.57 -40.15
N CYS D 858 -5.16 22.09 -39.39
CA CYS D 858 -6.47 22.43 -39.90
C CYS D 858 -6.70 23.93 -39.74
N THR D 859 -7.20 24.55 -40.79
CA THR D 859 -7.46 25.99 -40.82
C THR D 859 -8.96 26.25 -40.93
N CYS D 860 -9.45 27.19 -40.12
CA CYS D 860 -10.86 27.57 -40.18
C CYS D 860 -11.14 28.39 -41.43
N ASP D 861 -12.25 28.09 -42.09
CA ASP D 861 -12.65 28.82 -43.29
C ASP D 861 -14.13 28.56 -43.53
N SER D 862 -14.94 29.62 -43.46
CA SER D 862 -16.38 29.55 -43.75
C SER D 862 -17.05 28.44 -42.96
N ARG D 863 -16.80 28.44 -41.65
CA ARG D 863 -17.35 27.51 -40.66
C ARG D 863 -16.78 26.11 -40.76
N MET D 864 -15.92 25.82 -41.74
CA MET D 864 -15.44 24.47 -41.96
C MET D 864 -13.93 24.41 -41.77
N TRP D 865 -13.47 23.24 -41.33
CA TRP D 865 -12.05 23.01 -41.09
C TRP D 865 -11.42 22.38 -42.32
N ARG D 866 -10.36 23.01 -42.83
CA ARG D 866 -9.59 22.48 -43.94
CA ARG D 866 -9.59 22.48 -43.94
C ARG D 866 -8.36 21.79 -43.37
N CYS D 867 -8.26 20.48 -43.59
CA CYS D 867 -7.21 19.66 -43.01
C CYS D 867 -6.41 18.95 -44.09
N THR D 868 -5.09 18.97 -43.94
CA THR D 868 -4.22 18.24 -44.85
C THR D 868 -4.33 16.75 -44.61
N ASP D 869 -4.20 15.97 -45.68
CA ASP D 869 -4.32 14.51 -45.61
C ASP D 869 -2.92 13.90 -45.58
N ASP D 870 -2.32 13.91 -44.40
CA ASP D 870 -1.04 13.27 -44.16
C ASP D 870 -1.23 12.14 -43.14
N PRO D 871 -0.94 10.89 -43.48
CA PRO D 871 -1.07 9.81 -42.50
C PRO D 871 -0.13 10.04 -41.32
N CYS D 872 -0.61 9.72 -40.13
CA CYS D 872 0.10 9.98 -38.89
C CYS D 872 0.45 8.67 -38.20
N LEU D 873 1.34 8.77 -37.22
CA LEU D 873 1.74 7.60 -36.44
C LEU D 873 0.61 7.16 -35.51
N ALA D 874 0.66 5.89 -35.12
CA ALA D 874 -0.29 5.33 -34.19
C ALA D 874 0.41 4.93 -32.91
N THR D 875 -0.23 5.19 -31.77
CA THR D 875 0.35 4.95 -30.46
C THR D 875 -0.39 3.84 -29.75
N CYS D 876 0.34 2.82 -29.31
CA CYS D 876 -0.17 1.77 -28.44
C CYS D 876 0.40 1.98 -27.05
N ALA D 877 -0.47 2.03 -26.05
CA ALA D 877 -0.07 2.32 -24.68
C ALA D 877 -0.36 1.13 -23.78
N VAL D 878 0.61 0.76 -22.95
CA VAL D 878 0.42 -0.27 -21.95
C VAL D 878 0.91 0.27 -20.62
N TYR D 879 0.07 0.24 -19.59
CA TYR D 879 0.49 0.79 -18.32
C TYR D 879 -0.31 0.16 -17.19
N GLY D 880 0.20 0.33 -15.97
CA GLY D 880 -0.49 -0.10 -14.78
C GLY D 880 -0.66 -1.61 -14.72
N ASP D 881 -1.79 -2.03 -14.14
CA ASP D 881 -2.11 -3.45 -13.98
C ASP D 881 -2.76 -3.96 -15.27
N GLY D 882 -1.95 -3.99 -16.32
CA GLY D 882 -2.39 -4.49 -17.61
C GLY D 882 -3.47 -3.68 -18.28
N HIS D 883 -3.33 -2.36 -18.31
CA HIS D 883 -4.24 -1.49 -19.05
C HIS D 883 -3.66 -1.24 -20.43
N TYR D 884 -4.37 -1.70 -21.46
CA TYR D 884 -3.92 -1.62 -22.84
C TYR D 884 -4.81 -0.70 -23.65
N LEU D 885 -4.19 0.08 -24.53
CA LEU D 885 -4.87 0.87 -25.55
C LEU D 885 -4.18 0.59 -26.87
N THR D 886 -4.90 0.01 -27.82
CA THR D 886 -4.31 -0.48 -29.05
C THR D 886 -4.02 0.67 -30.02
N PHE D 887 -3.50 0.31 -31.20
CA PHE D 887 -3.22 1.30 -32.23
C PHE D 887 -4.51 1.96 -32.71
N ASP D 888 -5.57 1.19 -32.88
CA ASP D 888 -6.82 1.66 -33.43
C ASP D 888 -7.73 2.29 -32.38
N GLY D 889 -7.30 2.33 -31.12
CA GLY D 889 -8.09 2.96 -30.08
C GLY D 889 -8.91 2.04 -29.21
N GLN D 890 -8.72 0.73 -29.33
CA GLN D 890 -9.45 -0.23 -28.50
C GLN D 890 -8.78 -0.29 -27.13
N SER D 891 -9.52 0.10 -26.10
CA SER D 891 -9.01 0.11 -24.73
C SER D 891 -9.57 -1.09 -23.97
N TYR D 892 -8.71 -1.80 -23.27
CA TYR D 892 -9.14 -2.98 -22.51
C TYR D 892 -8.16 -3.22 -21.36
N SER D 893 -8.48 -4.21 -20.55
CA SER D 893 -7.66 -4.61 -19.42
C SER D 893 -7.40 -6.10 -19.49
N PHE D 894 -6.12 -6.49 -19.46
CA PHE D 894 -5.72 -7.88 -19.47
C PHE D 894 -4.67 -8.08 -18.39
N ASN D 895 -4.74 -9.20 -17.70
CA ASN D 895 -3.88 -9.49 -16.55
CA ASN D 895 -3.89 -9.50 -16.54
C ASN D 895 -3.15 -10.81 -16.74
N GLY D 896 -2.57 -11.00 -17.92
CA GLY D 896 -1.81 -12.21 -18.18
C GLY D 896 -0.52 -12.24 -17.39
N ASP D 897 -0.17 -13.43 -16.91
CA ASP D 897 1.03 -13.64 -16.12
C ASP D 897 2.23 -14.07 -16.96
N CYS D 898 2.02 -14.38 -18.25
CA CYS D 898 3.05 -14.94 -19.09
C CYS D 898 3.80 -13.83 -19.84
N GLU D 899 4.61 -14.21 -20.81
CA GLU D 899 5.29 -13.29 -21.70
C GLU D 899 4.48 -13.17 -22.98
N TYR D 900 4.10 -11.94 -23.34
CA TYR D 900 3.13 -11.71 -24.40
C TYR D 900 3.73 -10.87 -25.51
N THR D 901 3.29 -11.15 -26.73
CA THR D 901 3.73 -10.40 -27.92
C THR D 901 2.94 -9.10 -27.97
N LEU D 902 3.61 -7.99 -27.62
CA LEU D 902 2.96 -6.69 -27.73
C LEU D 902 2.68 -6.34 -29.19
N VAL D 903 3.71 -6.45 -30.04
CA VAL D 903 3.53 -6.15 -31.46
C VAL D 903 4.57 -6.92 -32.26
N GLN D 904 4.22 -7.26 -33.50
CA GLN D 904 5.10 -7.97 -34.41
C GLN D 904 4.49 -7.93 -35.80
N ASN D 905 5.34 -7.90 -36.82
CA ASN D 905 4.89 -7.96 -38.20
C ASN D 905 5.01 -9.39 -38.72
N HIS D 906 4.77 -9.57 -40.01
CA HIS D 906 4.81 -10.89 -40.65
C HIS D 906 3.86 -11.87 -39.96
N CYS D 907 2.59 -11.48 -39.88
CA CYS D 907 1.57 -12.30 -39.23
C CYS D 907 0.86 -13.20 -40.23
N GLY D 908 0.24 -12.61 -41.25
CA GLY D 908 -0.41 -13.37 -42.30
C GLY D 908 0.49 -13.56 -43.49
N GLY D 909 0.90 -14.81 -43.76
CA GLY D 909 1.84 -15.12 -44.80
C GLY D 909 3.30 -15.06 -44.36
N LYS D 910 3.62 -14.18 -43.41
CA LYS D 910 4.94 -14.07 -42.81
C LYS D 910 6.04 -13.75 -43.82
N ASP D 911 5.69 -13.15 -44.96
CA ASP D 911 6.67 -12.74 -45.94
C ASP D 911 6.71 -11.21 -46.10
N SER D 912 5.59 -10.59 -46.45
CA SER D 912 5.46 -9.14 -46.62
C SER D 912 6.70 -8.50 -47.22
N THR D 913 7.35 -7.62 -46.45
CA THR D 913 8.58 -6.97 -46.86
C THR D 913 9.26 -6.43 -45.59
N GLN D 914 10.29 -5.60 -45.78
CA GLN D 914 10.99 -4.96 -44.68
C GLN D 914 11.62 -5.98 -43.73
N ASP D 915 12.05 -5.52 -42.56
CA ASP D 915 12.72 -6.36 -41.58
C ASP D 915 11.76 -6.73 -40.46
N SER D 916 11.84 -7.99 -40.03
CA SER D 916 10.99 -8.46 -38.95
C SER D 916 11.37 -7.78 -37.63
N PHE D 917 10.34 -7.37 -36.88
CA PHE D 917 10.55 -6.78 -35.56
C PHE D 917 9.54 -7.38 -34.59
N ARG D 918 9.92 -7.41 -33.32
CA ARG D 918 9.06 -7.96 -32.27
C ARG D 918 9.26 -7.15 -31.00
N VAL D 919 8.17 -6.61 -30.47
CA VAL D 919 8.16 -6.01 -29.14
C VAL D 919 7.31 -6.93 -28.25
N VAL D 920 7.93 -7.44 -27.19
CA VAL D 920 7.33 -8.44 -26.33
C VAL D 920 7.39 -7.94 -24.88
N THR D 921 6.29 -8.11 -24.16
CA THR D 921 6.20 -7.69 -22.76
C THR D 921 6.29 -8.89 -21.84
N GLU D 922 6.99 -8.72 -20.72
CA GLU D 922 7.07 -9.74 -19.68
C GLU D 922 6.34 -9.23 -18.45
N ASN D 923 5.43 -10.04 -17.91
CA ASN D 923 4.54 -9.61 -16.85
C ASN D 923 4.81 -10.42 -15.58
N VAL D 924 4.64 -9.77 -14.44
CA VAL D 924 4.76 -10.42 -13.13
C VAL D 924 3.52 -10.08 -12.33
N PRO D 925 3.07 -10.94 -11.42
CA PRO D 925 1.92 -10.59 -10.58
C PRO D 925 2.22 -9.35 -9.75
N CYS D 926 1.27 -8.41 -9.75
CA CYS D 926 1.42 -7.14 -9.06
C CYS D 926 0.16 -6.94 -8.21
N GLY D 927 0.18 -7.48 -7.00
CA GLY D 927 -0.98 -7.52 -6.13
C GLY D 927 -1.45 -8.94 -5.89
N THR D 928 -2.38 -9.06 -4.95
CA THR D 928 -2.96 -10.34 -4.57
C THR D 928 -4.35 -10.57 -5.13
N THR D 929 -4.86 -9.64 -5.95
CA THR D 929 -6.19 -9.74 -6.51
C THR D 929 -6.22 -10.42 -7.87
N GLY D 930 -5.08 -10.88 -8.37
CA GLY D 930 -4.99 -11.48 -9.68
C GLY D 930 -4.50 -10.58 -10.78
N THR D 931 -4.13 -9.34 -10.45
CA THR D 931 -3.62 -8.41 -11.45
C THR D 931 -2.13 -8.60 -11.66
N THR D 932 -1.70 -8.44 -12.91
CA THR D 932 -0.30 -8.54 -13.27
C THR D 932 0.13 -7.27 -13.98
N CYS D 933 1.38 -6.88 -13.77
CA CYS D 933 1.92 -5.67 -14.36
C CYS D 933 3.28 -5.97 -14.97
N SER D 934 3.68 -5.13 -15.93
CA SER D 934 4.90 -5.37 -16.70
C SER D 934 6.14 -5.18 -15.84
N LYS D 935 7.15 -5.97 -16.12
CA LYS D 935 8.44 -5.90 -15.44
C LYS D 935 9.60 -5.59 -16.38
N ALA D 936 9.63 -6.21 -17.55
CA ALA D 936 10.68 -5.97 -18.54
C ALA D 936 10.06 -5.93 -19.92
N ILE D 937 10.67 -5.14 -20.81
CA ILE D 937 10.22 -4.99 -22.18
C ILE D 937 11.35 -5.43 -23.10
N LYS D 938 11.07 -6.39 -23.97
CA LYS D 938 12.10 -6.96 -24.86
C LYS D 938 11.73 -6.67 -26.30
N ILE D 939 12.66 -6.03 -27.02
CA ILE D 939 12.47 -5.65 -28.41
C ILE D 939 13.45 -6.41 -29.28
N PHE D 940 12.94 -7.12 -30.28
CA PHE D 940 13.75 -7.90 -31.20
C PHE D 940 13.58 -7.34 -32.60
N LEU D 941 14.69 -6.99 -33.25
CA LEU D 941 14.64 -6.79 -34.69
C LEU D 941 16.04 -7.00 -35.26
N GLY D 942 16.10 -7.40 -36.53
CA GLY D 942 17.35 -7.85 -37.08
C GLY D 942 17.85 -9.05 -36.31
N GLY D 943 19.14 -9.03 -35.99
CA GLY D 943 19.70 -10.03 -35.10
C GLY D 943 19.90 -9.46 -33.71
N PHE D 944 19.23 -8.34 -33.42
CA PHE D 944 19.50 -7.55 -32.24
C PHE D 944 18.31 -7.57 -31.28
N GLU D 945 18.63 -7.61 -29.98
CA GLU D 945 17.64 -7.66 -28.91
C GLU D 945 18.00 -6.66 -27.83
N LEU D 946 17.02 -5.84 -27.42
CA LEU D 946 17.14 -5.01 -26.24
C LEU D 946 16.19 -5.50 -25.15
N LYS D 947 16.71 -5.55 -23.92
CA LYS D 947 15.91 -5.85 -22.74
C LYS D 947 15.94 -4.62 -21.85
N LEU D 948 14.85 -3.85 -21.87
CA LEU D 948 14.65 -2.76 -20.92
C LEU D 948 14.12 -3.37 -19.63
N SER D 949 14.98 -3.42 -18.62
CA SER D 949 14.63 -4.08 -17.36
C SER D 949 15.16 -3.24 -16.20
N HIS D 950 14.52 -3.41 -15.04
CA HIS D 950 14.81 -2.60 -13.87
C HIS D 950 14.71 -1.13 -14.22
N GLY D 951 15.83 -0.49 -14.53
CA GLY D 951 15.84 0.89 -14.97
C GLY D 951 16.87 1.16 -16.04
N LYS D 952 17.33 0.11 -16.72
CA LYS D 952 18.39 0.22 -17.70
C LYS D 952 18.10 -0.70 -18.88
N VAL D 953 19.03 -0.74 -19.83
CA VAL D 953 18.91 -1.49 -21.07
C VAL D 953 20.06 -2.48 -21.16
N GLU D 954 19.75 -3.70 -21.57
CA GLU D 954 20.76 -4.70 -21.89
C GLU D 954 20.67 -5.03 -23.38
N VAL D 955 21.79 -4.91 -24.08
CA VAL D 955 21.86 -5.23 -25.50
C VAL D 955 22.42 -6.65 -25.61
N ILE D 956 21.55 -7.61 -25.95
CA ILE D 956 21.94 -9.01 -26.01
C ILE D 956 21.98 -9.41 -27.48
N GLY D 957 22.17 -8.43 -28.36
CA GLY D 957 22.24 -8.68 -29.78
C GLY D 957 23.60 -9.19 -30.21
N THR D 958 23.67 -9.55 -31.50
CA THR D 958 24.89 -10.09 -32.12
C THR D 958 25.42 -11.30 -31.36
N GLN D 962 25.90 -6.27 -39.82
CA GLN D 962 25.21 -4.98 -39.78
C GLN D 962 25.50 -4.26 -38.47
N GLU D 963 25.36 -2.93 -38.48
CA GLU D 963 25.61 -2.13 -37.29
C GLU D 963 24.34 -2.06 -36.44
N VAL D 964 24.36 -1.20 -35.43
CA VAL D 964 23.30 -1.14 -34.42
C VAL D 964 22.24 -0.15 -34.92
N PRO D 965 21.01 -0.60 -35.23
CA PRO D 965 19.91 0.30 -35.59
C PRO D 965 19.10 0.76 -34.39
N TYR D 966 19.79 1.31 -33.39
CA TYR D 966 19.16 1.73 -32.15
C TYR D 966 19.63 3.12 -31.78
N THR D 967 18.80 3.84 -31.02
CA THR D 967 19.16 5.16 -30.50
C THR D 967 18.47 5.31 -29.15
N ILE D 968 19.21 4.99 -28.08
CA ILE D 968 18.70 5.09 -26.73
C ILE D 968 18.97 6.51 -26.23
N ARG D 969 17.90 7.23 -25.91
CA ARG D 969 18.01 8.62 -25.50
C ARG D 969 17.23 8.82 -24.20
N GLN D 970 17.89 9.38 -23.19
CA GLN D 970 17.24 9.68 -21.93
C GLN D 970 16.64 11.07 -21.99
N MET D 971 15.31 11.15 -22.09
CA MET D 971 14.62 12.42 -22.20
C MET D 971 13.52 12.49 -21.15
N GLY D 972 13.66 13.43 -20.21
CA GLY D 972 12.70 13.54 -19.13
C GLY D 972 12.69 12.28 -18.28
N ILE D 973 11.50 11.89 -17.83
CA ILE D 973 11.32 10.61 -17.14
C ILE D 973 11.29 9.44 -18.09
N TYR D 974 11.49 9.67 -19.39
CA TYR D 974 11.32 8.64 -20.40
C TYR D 974 12.67 8.22 -20.98
N LEU D 975 12.72 6.97 -21.41
CA LEU D 975 13.83 6.42 -22.17
C LEU D 975 13.28 6.08 -23.55
N VAL D 976 13.86 6.68 -24.59
CA VAL D 976 13.34 6.59 -25.94
C VAL D 976 14.26 5.70 -26.75
N VAL D 977 13.71 4.59 -27.25
CA VAL D 977 14.41 3.71 -28.17
C VAL D 977 13.92 4.04 -29.57
N ASP D 978 14.85 4.50 -30.41
CA ASP D 978 14.54 4.95 -31.76
C ASP D 978 15.10 3.94 -32.77
N THR D 979 14.28 3.56 -33.74
CA THR D 979 14.67 2.63 -34.78
C THR D 979 14.53 3.30 -36.14
N ASP D 980 15.30 2.80 -37.11
CA ASP D 980 15.28 3.33 -38.46
C ASP D 980 14.16 2.74 -39.30
N ILE D 981 13.38 1.81 -38.75
CA ILE D 981 12.29 1.16 -39.48
C ILE D 981 10.95 1.85 -39.27
N GLY D 982 10.92 2.93 -38.50
CA GLY D 982 9.68 3.63 -38.22
C GLY D 982 9.01 3.28 -36.91
N LEU D 983 9.69 2.57 -36.02
CA LEU D 983 9.14 2.17 -34.73
C LEU D 983 9.88 2.92 -33.62
N VAL D 984 9.11 3.49 -32.69
CA VAL D 984 9.66 4.27 -31.59
C VAL D 984 9.07 3.75 -30.28
N LEU D 985 9.90 3.67 -29.24
CA LEU D 985 9.42 3.21 -27.94
C LEU D 985 9.77 4.24 -26.86
N LEU D 986 8.81 4.49 -25.98
CA LEU D 986 9.02 5.32 -24.80
C LEU D 986 8.76 4.46 -23.57
N TRP D 987 9.74 4.39 -22.68
CA TRP D 987 9.65 3.56 -21.50
C TRP D 987 9.95 4.41 -20.26
N ASP D 988 9.04 4.42 -19.30
CA ASP D 988 9.20 5.19 -18.08
C ASP D 988 9.96 4.43 -17.00
N LYS D 989 10.75 3.43 -17.38
CA LYS D 989 11.51 2.58 -16.45
C LYS D 989 10.59 1.86 -15.46
N LYS D 990 9.33 1.69 -15.83
CA LYS D 990 8.31 1.10 -14.98
C LYS D 990 7.33 0.36 -15.89
N THR D 991 6.13 0.07 -15.36
CA THR D 991 5.16 -0.71 -16.11
C THR D 991 4.67 -0.03 -17.38
N SER D 992 4.90 1.26 -17.55
CA SER D 992 4.38 1.99 -18.70
C SER D 992 5.29 1.84 -19.90
N ILE D 993 4.69 1.69 -21.08
CA ILE D 993 5.40 1.62 -22.35
C ILE D 993 4.49 2.15 -23.44
N PHE D 994 5.04 3.01 -24.30
CA PHE D 994 4.31 3.61 -25.42
C PHE D 994 5.04 3.27 -26.71
N ILE D 995 4.31 2.72 -27.68
CA ILE D 995 4.88 2.27 -28.94
C ILE D 995 4.28 3.09 -30.06
N ASN D 996 5.12 3.82 -30.78
CA ASN D 996 4.71 4.64 -31.91
C ASN D 996 5.09 3.91 -33.21
N LEU D 997 4.10 3.72 -34.07
CA LEU D 997 4.27 3.02 -35.33
C LEU D 997 3.96 3.96 -36.49
N SER D 998 4.81 3.92 -37.51
CA SER D 998 4.60 4.72 -38.71
C SER D 998 3.42 4.16 -39.51
N PRO D 999 2.77 5.01 -40.32
CA PRO D 999 1.66 4.52 -41.15
C PRO D 999 2.07 3.55 -42.23
N GLU D 1000 3.34 3.15 -42.32
CA GLU D 1000 3.77 2.16 -43.28
C GLU D 1000 3.48 0.73 -42.83
N PHE D 1001 3.00 0.53 -41.61
CA PHE D 1001 2.75 -0.79 -41.06
C PHE D 1001 1.26 -1.06 -40.86
N LYS D 1002 0.40 -0.32 -41.52
CA LYS D 1002 -1.04 -0.54 -41.37
C LYS D 1002 -1.42 -1.89 -41.97
N GLY D 1003 -2.10 -2.72 -41.18
CA GLY D 1003 -2.51 -4.03 -41.61
C GLY D 1003 -1.42 -5.08 -41.62
N ARG D 1004 -0.21 -4.75 -41.15
CA ARG D 1004 0.92 -5.67 -41.18
C ARG D 1004 1.31 -6.19 -39.81
N VAL D 1005 0.81 -5.61 -38.72
CA VAL D 1005 1.22 -5.98 -37.38
C VAL D 1005 0.10 -6.77 -36.71
N CYS D 1006 0.45 -7.39 -35.58
CA CYS D 1006 -0.51 -8.15 -34.80
C CYS D 1006 0.02 -8.24 -33.36
N GLY D 1007 -0.76 -8.89 -32.50
CA GLY D 1007 -0.37 -9.03 -31.12
C GLY D 1007 -1.38 -8.43 -30.15
N LEU D 1008 -0.93 -8.11 -28.95
CA LEU D 1008 -1.80 -7.48 -27.96
C LEU D 1008 -2.11 -6.03 -28.27
N CYS D 1009 -1.41 -5.42 -29.23
CA CYS D 1009 -1.61 -4.03 -29.60
C CYS D 1009 -2.55 -3.86 -30.79
N GLY D 1010 -3.17 -4.93 -31.27
CA GLY D 1010 -4.06 -4.84 -32.40
C GLY D 1010 -3.34 -5.08 -33.72
N ASN D 1011 -4.04 -4.75 -34.80
CA ASN D 1011 -3.54 -4.99 -36.15
C ASN D 1011 -3.38 -3.72 -36.98
N PHE D 1012 -3.74 -2.54 -36.43
CA PHE D 1012 -3.48 -1.25 -37.07
C PHE D 1012 -4.15 -1.18 -38.45
N ASP D 1013 -5.48 -1.20 -38.44
CA ASP D 1013 -6.23 -1.03 -39.68
C ASP D 1013 -7.40 -0.07 -39.48
N ASP D 1014 -7.30 0.85 -38.51
CA ASP D 1014 -8.27 1.90 -38.20
C ASP D 1014 -9.58 1.37 -37.64
N ILE D 1015 -9.74 0.06 -37.51
CA ILE D 1015 -10.95 -0.54 -36.97
C ILE D 1015 -10.61 -1.12 -35.61
N ALA D 1016 -11.33 -0.69 -34.58
CA ALA D 1016 -11.01 -1.07 -33.20
C ALA D 1016 -11.74 -2.34 -32.75
N VAL D 1017 -12.78 -2.77 -33.47
CA VAL D 1017 -13.54 -3.93 -33.00
C VAL D 1017 -12.85 -5.24 -33.37
N ASN D 1018 -12.05 -5.24 -34.44
CA ASN D 1018 -11.33 -6.44 -34.84
C ASN D 1018 -9.94 -6.53 -34.24
N ASP D 1019 -9.59 -5.61 -33.33
CA ASP D 1019 -8.30 -5.67 -32.66
C ASP D 1019 -8.18 -6.85 -31.71
N PHE D 1020 -9.28 -7.54 -31.42
CA PHE D 1020 -9.26 -8.70 -30.54
C PHE D 1020 -8.96 -10.00 -31.31
N ALA D 1021 -8.33 -9.89 -32.47
CA ALA D 1021 -7.97 -11.08 -33.23
C ALA D 1021 -6.93 -11.89 -32.47
N THR D 1022 -7.18 -13.19 -32.33
CA THR D 1022 -6.29 -14.07 -31.60
C THR D 1022 -5.09 -14.45 -32.47
N ARG D 1023 -4.20 -15.28 -31.90
CA ARG D 1023 -3.08 -15.80 -32.68
C ARG D 1023 -3.56 -16.69 -33.81
N SER D 1024 -4.70 -17.37 -33.62
CA SER D 1024 -5.30 -18.20 -34.65
C SER D 1024 -6.03 -17.39 -35.71
N ARG D 1025 -5.87 -16.07 -35.73
CA ARG D 1025 -6.45 -15.20 -36.74
C ARG D 1025 -7.98 -15.26 -36.73
N SER D 1026 -8.55 -15.10 -35.54
CA SER D 1026 -10.00 -15.04 -35.37
C SER D 1026 -10.33 -14.00 -34.33
N VAL D 1027 -11.30 -13.13 -34.65
CA VAL D 1027 -11.72 -12.07 -33.73
C VAL D 1027 -12.71 -12.68 -32.73
N VAL D 1028 -12.41 -12.53 -31.45
CA VAL D 1028 -13.24 -13.08 -30.38
C VAL D 1028 -13.74 -11.95 -29.51
N GLY D 1029 -14.81 -12.23 -28.76
CA GLY D 1029 -15.39 -11.27 -27.85
C GLY D 1029 -14.88 -11.33 -26.44
N ASP D 1030 -14.18 -12.41 -26.08
CA ASP D 1030 -13.63 -12.57 -24.75
C ASP D 1030 -12.22 -11.97 -24.71
N VAL D 1031 -12.00 -11.03 -23.80
CA VAL D 1031 -10.69 -10.42 -23.66
C VAL D 1031 -9.67 -11.42 -23.13
N LEU D 1032 -10.12 -12.29 -22.21
CA LEU D 1032 -9.20 -13.26 -21.61
C LEU D 1032 -8.65 -14.23 -22.65
N GLU D 1033 -9.53 -14.75 -23.51
CA GLU D 1033 -9.08 -15.69 -24.54
C GLU D 1033 -8.13 -15.02 -25.53
N PHE D 1034 -8.48 -13.81 -25.97
CA PHE D 1034 -7.63 -13.09 -26.92
C PHE D 1034 -6.26 -12.81 -26.32
N GLY D 1035 -6.24 -12.39 -25.05
CA GLY D 1035 -4.96 -12.15 -24.40
C GLY D 1035 -4.14 -13.41 -24.21
N ASN D 1036 -4.78 -14.49 -23.77
CA ASN D 1036 -4.07 -15.74 -23.52
C ASN D 1036 -3.59 -16.39 -24.81
N SER D 1037 -4.21 -16.08 -25.95
CA SER D 1037 -3.74 -16.63 -27.22
C SER D 1037 -2.39 -16.05 -27.65
N TRP D 1038 -1.92 -14.99 -27.01
CA TRP D 1038 -0.70 -14.30 -27.43
C TRP D 1038 0.48 -14.57 -26.49
N LYS D 1039 0.36 -15.50 -25.56
CA LYS D 1039 1.49 -15.84 -24.72
C LYS D 1039 2.56 -16.56 -25.53
N LEU D 1040 3.83 -16.25 -25.25
CA LEU D 1040 4.92 -16.84 -26.00
C LEU D 1040 5.03 -18.34 -25.76
N SER D 1041 4.90 -18.77 -24.50
CA SER D 1041 5.08 -20.18 -24.16
C SER D 1041 3.73 -20.86 -24.11
N PRO D 1042 3.47 -21.87 -24.94
CA PRO D 1042 2.21 -22.62 -24.83
C PRO D 1042 2.06 -23.34 -23.50
N SER D 1043 3.17 -23.68 -22.83
CA SER D 1043 3.12 -24.36 -21.55
C SER D 1043 2.80 -23.42 -20.39
N CYS D 1044 2.79 -22.12 -20.62
CA CYS D 1044 2.48 -21.18 -19.56
C CYS D 1044 0.99 -21.25 -19.22
N PRO D 1045 0.64 -21.27 -17.93
CA PRO D 1045 -0.77 -21.36 -17.55
C PRO D 1045 -1.58 -20.18 -18.06
N ASP D 1046 -2.84 -20.46 -18.41
CA ASP D 1046 -3.74 -19.42 -18.88
C ASP D 1046 -4.13 -18.48 -17.74
N ALA D 1047 -4.34 -17.22 -18.08
CA ALA D 1047 -4.76 -16.22 -17.11
C ALA D 1047 -6.26 -16.31 -16.87
N LEU D 1048 -6.64 -16.19 -15.60
CA LEU D 1048 -8.05 -16.24 -15.21
C LEU D 1048 -8.57 -14.83 -14.93
N ALA D 1049 -9.88 -14.73 -14.77
CA ALA D 1049 -10.50 -13.44 -14.50
C ALA D 1049 -10.16 -13.00 -13.08
N PRO D 1050 -9.59 -11.81 -12.91
CA PRO D 1050 -9.23 -11.35 -11.56
C PRO D 1050 -10.45 -10.85 -10.79
N LYS D 1051 -10.26 -10.71 -9.49
CA LYS D 1051 -11.30 -10.18 -8.62
C LYS D 1051 -11.41 -8.66 -8.80
N ASP D 1052 -12.51 -8.11 -8.32
CA ASP D 1052 -12.69 -6.67 -8.31
C ASP D 1052 -11.73 -6.06 -7.30
N PRO D 1053 -10.79 -5.21 -7.71
CA PRO D 1053 -9.79 -4.71 -6.74
C PRO D 1053 -10.40 -3.95 -5.58
N CYS D 1054 -11.45 -3.17 -5.82
CA CYS D 1054 -12.06 -2.38 -4.75
C CYS D 1054 -13.09 -3.15 -3.95
N THR D 1055 -13.46 -4.36 -4.39
CA THR D 1055 -14.32 -5.23 -3.60
C THR D 1055 -13.51 -6.18 -2.73
N ALA D 1056 -12.41 -6.72 -3.27
CA ALA D 1056 -11.53 -7.57 -2.48
C ALA D 1056 -10.79 -6.76 -1.42
N ASN D 1057 -10.49 -5.50 -1.70
CA ASN D 1057 -9.80 -4.61 -0.77
C ASN D 1057 -10.62 -3.35 -0.60
N PRO D 1058 -11.71 -3.41 0.17
CA PRO D 1058 -12.53 -2.21 0.36
C PRO D 1058 -11.87 -1.17 1.26
N PHE D 1059 -11.01 -1.61 2.19
CA PHE D 1059 -10.36 -0.69 3.11
C PHE D 1059 -9.46 0.31 2.38
N ARG D 1060 -9.02 -0.02 1.17
CA ARG D 1060 -8.25 0.92 0.36
C ARG D 1060 -9.13 1.81 -0.49
N LYS D 1061 -10.37 1.40 -0.76
CA LYS D 1061 -11.20 2.03 -1.79
C LYS D 1061 -11.27 3.54 -1.60
N SER D 1062 -11.64 3.98 -0.39
CA SER D 1062 -11.77 5.41 -0.12
C SER D 1062 -10.49 6.13 -0.50
N TRP D 1063 -9.36 5.66 0.03
CA TRP D 1063 -8.08 6.28 -0.29
C TRP D 1063 -7.91 6.39 -1.79
N ALA D 1064 -8.16 5.28 -2.51
CA ALA D 1064 -8.02 5.28 -3.95
C ALA D 1064 -8.81 6.43 -4.56
N GLN D 1065 -10.09 6.53 -4.20
CA GLN D 1065 -10.92 7.61 -4.74
C GLN D 1065 -10.33 8.95 -4.35
N LYS D 1066 -10.01 9.13 -3.06
CA LYS D 1066 -9.45 10.40 -2.61
C LYS D 1066 -8.13 10.68 -3.30
N GLN D 1067 -7.39 9.64 -3.67
CA GLN D 1067 -6.15 9.87 -4.39
C GLN D 1067 -6.40 10.21 -5.84
N CYS D 1068 -7.41 9.60 -6.47
CA CYS D 1068 -7.61 9.74 -7.91
C CYS D 1068 -8.48 10.92 -8.27
N SER D 1069 -9.04 11.62 -7.28
CA SER D 1069 -9.84 12.81 -7.55
C SER D 1069 -9.02 13.91 -8.20
N ILE D 1070 -7.69 13.82 -8.17
CA ILE D 1070 -6.84 14.76 -8.89
C ILE D 1070 -7.16 14.73 -10.37
N LEU D 1071 -7.62 13.58 -10.89
CA LEU D 1071 -7.99 13.47 -12.29
C LEU D 1071 -9.34 14.09 -12.60
N HIS D 1072 -9.97 14.73 -11.62
CA HIS D 1072 -11.28 15.37 -11.81
C HIS D 1072 -11.33 16.79 -11.29
N GLY D 1073 -10.23 17.32 -10.76
CA GLY D 1073 -10.24 18.62 -10.13
C GLY D 1073 -9.62 19.71 -10.97
N PRO D 1074 -9.31 20.85 -10.34
CA PRO D 1074 -8.73 21.97 -11.09
C PRO D 1074 -7.36 21.69 -11.67
N THR D 1075 -6.67 20.65 -11.21
CA THR D 1075 -5.32 20.37 -11.70
C THR D 1075 -5.33 20.07 -13.19
N PHE D 1076 -6.30 19.26 -13.65
CA PHE D 1076 -6.41 18.89 -15.04
C PHE D 1076 -7.64 19.49 -15.70
N ALA D 1077 -8.05 20.68 -15.24
CA ALA D 1077 -9.25 21.31 -15.77
C ALA D 1077 -9.09 21.67 -17.25
N ALA D 1078 -7.92 22.18 -17.62
CA ALA D 1078 -7.70 22.58 -19.01
C ALA D 1078 -7.68 21.38 -19.95
N CYS D 1079 -7.18 20.24 -19.50
CA CYS D 1079 -7.09 19.06 -20.34
C CYS D 1079 -8.41 18.33 -20.50
N HIS D 1080 -9.39 18.60 -19.63
CA HIS D 1080 -10.64 17.85 -19.66
C HIS D 1080 -11.39 18.03 -20.97
N ALA D 1081 -11.16 19.14 -21.69
CA ALA D 1081 -11.80 19.35 -22.97
C ALA D 1081 -11.05 18.69 -24.12
N HIS D 1082 -9.86 18.15 -23.88
CA HIS D 1082 -9.05 17.55 -24.94
C HIS D 1082 -8.72 16.08 -24.72
N VAL D 1083 -8.72 15.60 -23.48
CA VAL D 1083 -8.54 14.18 -23.18
C VAL D 1083 -9.60 13.78 -22.17
N GLU D 1084 -10.36 12.75 -22.47
CA GLU D 1084 -11.40 12.28 -21.56
C GLU D 1084 -10.78 11.54 -20.39
N PRO D 1085 -11.02 11.95 -19.14
CA PRO D 1085 -10.34 11.32 -18.00
C PRO D 1085 -11.10 10.14 -17.41
N ALA D 1086 -12.09 9.61 -18.13
CA ALA D 1086 -12.95 8.58 -17.56
C ALA D 1086 -12.17 7.28 -17.35
N ARG D 1087 -11.63 6.71 -18.43
CA ARG D 1087 -10.91 5.44 -18.30
CA ARG D 1087 -10.91 5.44 -18.30
C ARG D 1087 -9.63 5.61 -17.48
N TYR D 1088 -8.98 6.77 -17.56
CA TYR D 1088 -7.80 7.00 -16.75
C TYR D 1088 -8.15 7.03 -15.27
N TYR D 1089 -9.26 7.67 -14.90
CA TYR D 1089 -9.69 7.67 -13.50
C TYR D 1089 -10.06 6.26 -13.05
N GLU D 1090 -10.76 5.50 -13.90
CA GLU D 1090 -11.12 4.14 -13.53
C GLU D 1090 -9.88 3.28 -13.32
N ALA D 1091 -8.90 3.39 -14.20
CA ALA D 1091 -7.65 2.65 -14.04
C ALA D 1091 -6.91 3.09 -12.79
N CYS D 1092 -6.91 4.39 -12.49
CA CYS D 1092 -6.29 4.88 -11.27
C CYS D 1092 -6.91 4.23 -10.05
N VAL D 1093 -8.24 4.26 -9.96
CA VAL D 1093 -8.91 3.70 -8.79
C VAL D 1093 -8.67 2.20 -8.68
N ASN D 1094 -8.76 1.49 -9.81
CA ASN D 1094 -8.56 0.04 -9.78
C ASN D 1094 -7.13 -0.32 -9.37
N ASP D 1095 -6.14 0.39 -9.91
CA ASP D 1095 -4.75 0.11 -9.56
C ASP D 1095 -4.48 0.43 -8.10
N ALA D 1096 -4.99 1.56 -7.61
CA ALA D 1096 -4.79 1.90 -6.20
C ALA D 1096 -5.47 0.91 -5.28
N CYS D 1097 -6.61 0.35 -5.72
CA CYS D 1097 -7.26 -0.70 -4.92
C CYS D 1097 -6.45 -2.00 -4.96
N ALA D 1098 -5.83 -2.31 -6.09
CA ALA D 1098 -5.13 -3.57 -6.27
C ALA D 1098 -3.64 -3.49 -5.94
N CYS D 1099 -3.10 -2.30 -5.71
CA CYS D 1099 -1.68 -2.16 -5.39
C CYS D 1099 -1.46 -2.41 -3.90
N ASP D 1100 -1.89 -3.56 -3.42
CA ASP D 1100 -1.91 -3.88 -1.99
C ASP D 1100 -0.69 -4.64 -1.52
N SER D 1101 0.26 -4.95 -2.40
CA SER D 1101 1.46 -5.69 -2.02
C SER D 1101 2.64 -4.78 -1.69
N GLY D 1102 2.45 -3.46 -1.76
CA GLY D 1102 3.55 -2.56 -1.45
C GLY D 1102 3.88 -1.68 -2.64
N GLY D 1103 3.94 -0.37 -2.38
CA GLY D 1103 4.27 0.58 -3.43
C GLY D 1103 3.07 1.11 -4.16
N ASP D 1104 2.03 1.49 -3.41
CA ASP D 1104 0.82 2.02 -4.05
C ASP D 1104 1.05 3.40 -4.64
N CYS D 1105 2.01 4.15 -4.09
CA CYS D 1105 2.31 5.47 -4.65
C CYS D 1105 2.87 5.35 -6.06
N GLU D 1106 3.66 4.29 -6.33
CA GLU D 1106 4.11 4.05 -7.69
C GLU D 1106 2.94 3.77 -8.62
N CYS D 1107 1.98 2.95 -8.16
CA CYS D 1107 0.79 2.66 -8.96
C CYS D 1107 0.02 3.94 -9.27
N PHE D 1108 -0.20 4.78 -8.25
CA PHE D 1108 -0.92 6.04 -8.44
C PHE D 1108 -0.17 6.98 -9.36
N CYS D 1109 1.15 7.08 -9.19
CA CYS D 1109 1.94 7.96 -10.04
C CYS D 1109 1.90 7.52 -11.48
N THR D 1110 2.01 6.20 -11.73
CA THR D 1110 1.90 5.70 -13.10
C THR D 1110 0.52 5.98 -13.69
N ALA D 1111 -0.54 5.75 -12.91
CA ALA D 1111 -1.89 5.96 -13.41
C ALA D 1111 -2.13 7.42 -13.76
N VAL D 1112 -1.62 8.34 -12.94
CA VAL D 1112 -1.82 9.76 -13.24
C VAL D 1112 -0.88 10.22 -14.35
N ALA D 1113 0.32 9.64 -14.44
CA ALA D 1113 1.25 10.03 -15.47
C ALA D 1113 0.79 9.57 -16.85
N ALA D 1114 0.01 8.49 -16.92
CA ALA D 1114 -0.59 8.11 -18.20
C ALA D 1114 -1.48 9.24 -18.73
N TYR D 1115 -2.37 9.75 -17.88
CA TYR D 1115 -3.24 10.85 -18.30
C TYR D 1115 -2.43 12.12 -18.55
N ALA D 1116 -1.38 12.35 -17.76
CA ALA D 1116 -0.53 13.51 -17.98
C ALA D 1116 0.16 13.45 -19.33
N GLN D 1117 0.66 12.27 -19.71
CA GLN D 1117 1.28 12.12 -21.02
C GLN D 1117 0.26 12.28 -22.15
N ALA D 1118 -0.96 11.76 -21.94
CA ALA D 1118 -2.02 11.97 -22.93
C ALA D 1118 -2.32 13.45 -23.10
N CYS D 1119 -2.35 14.20 -21.99
CA CYS D 1119 -2.56 15.65 -22.07
C CYS D 1119 -1.41 16.34 -22.77
N HIS D 1120 -0.17 15.96 -22.46
CA HIS D 1120 0.98 16.62 -23.02
C HIS D 1120 1.14 16.35 -24.51
N GLU D 1121 0.67 15.18 -24.97
CA GLU D 1121 0.81 14.83 -26.38
C GLU D 1121 -0.01 15.76 -27.28
N VAL D 1122 -1.11 16.29 -26.77
CA VAL D 1122 -2.01 17.11 -27.58
C VAL D 1122 -1.78 18.61 -27.33
N GLY D 1123 -0.61 18.98 -26.83
CA GLY D 1123 -0.21 20.38 -26.74
C GLY D 1123 -0.44 21.04 -25.39
N LEU D 1124 -1.09 20.38 -24.46
CA LEU D 1124 -1.38 20.95 -23.14
C LEU D 1124 -0.38 20.41 -22.13
N CYS D 1125 0.46 21.29 -21.61
CA CYS D 1125 1.49 20.93 -20.62
C CYS D 1125 1.05 21.46 -19.27
N VAL D 1126 0.38 20.62 -18.50
CA VAL D 1126 -0.08 20.97 -17.17
C VAL D 1126 0.97 20.54 -16.16
N SER D 1127 1.17 21.35 -15.13
CA SER D 1127 2.10 21.06 -14.04
C SER D 1127 1.31 20.45 -12.89
N TRP D 1128 1.38 19.13 -12.75
CA TRP D 1128 0.61 18.42 -11.75
C TRP D 1128 1.45 17.89 -10.60
N ARG D 1129 2.75 17.67 -10.80
CA ARG D 1129 3.60 17.13 -9.75
C ARG D 1129 3.90 18.20 -8.71
N THR D 1130 3.69 17.84 -7.45
CA THR D 1130 3.97 18.67 -6.29
C THR D 1130 4.83 17.86 -5.33
N PRO D 1131 5.51 18.50 -4.38
CA PRO D 1131 6.35 17.74 -3.44
C PRO D 1131 5.59 16.67 -2.67
N SER D 1132 4.26 16.72 -2.66
CA SER D 1132 3.45 15.67 -2.03
C SER D 1132 2.75 14.77 -3.03
N ILE D 1133 2.77 15.10 -4.32
CA ILE D 1133 2.12 14.32 -5.36
C ILE D 1133 3.16 14.01 -6.41
N CYS D 1134 3.74 12.80 -6.34
CA CYS D 1134 4.72 12.33 -7.31
C CYS D 1134 5.87 13.31 -7.53
N PRO D 1135 6.67 13.59 -6.51
CA PRO D 1135 7.79 14.52 -6.67
C PRO D 1135 8.88 13.93 -7.56
N LEU D 1136 9.60 14.83 -8.24
CA LEU D 1136 10.72 14.46 -9.10
C LEU D 1136 11.98 15.11 -8.54
N PHE D 1137 12.99 14.29 -8.26
CA PHE D 1137 14.25 14.78 -7.66
C PHE D 1137 15.19 15.22 -8.77
N CYS D 1138 14.88 16.39 -9.36
CA CYS D 1138 15.72 16.94 -10.40
C CYS D 1138 17.07 17.39 -9.84
N ASP D 1139 17.07 17.93 -8.63
CA ASP D 1139 18.30 18.42 -8.00
C ASP D 1139 19.33 17.32 -7.84
N TYR D 1140 18.91 16.05 -7.84
CA TYR D 1140 19.85 14.94 -7.79
C TYR D 1140 20.85 14.98 -8.94
N TYR D 1141 20.44 15.53 -10.09
CA TYR D 1141 21.30 15.55 -11.27
C TYR D 1141 22.20 16.78 -11.33
N ASN D 1142 22.09 17.69 -10.39
CA ASN D 1142 22.94 18.88 -10.39
C ASN D 1142 24.35 18.51 -9.96
N PRO D 1143 25.38 18.83 -10.74
CA PRO D 1143 26.76 18.63 -10.28
C PRO D 1143 27.08 19.55 -9.11
N GLU D 1144 28.12 19.17 -8.36
CA GLU D 1144 28.52 19.91 -7.17
C GLU D 1144 28.77 21.37 -7.48
N GLY D 1145 27.95 22.25 -6.91
CA GLY D 1145 28.05 23.67 -7.14
C GLY D 1145 27.23 24.20 -8.30
N GLN D 1146 26.57 23.34 -9.06
CA GLN D 1146 25.79 23.76 -10.22
C GLN D 1146 24.30 23.66 -9.92
N CYS D 1147 23.51 24.36 -10.74
CA CYS D 1147 22.05 24.34 -10.65
C CYS D 1147 21.52 24.50 -12.07
N GLU D 1148 21.25 23.38 -12.74
CA GLU D 1148 20.90 23.42 -14.15
C GLU D 1148 19.60 22.68 -14.46
N TRP D 1149 19.34 21.58 -13.74
CA TRP D 1149 18.24 20.70 -14.09
C TRP D 1149 16.92 21.23 -13.55
N HIS D 1150 15.94 21.37 -14.45
CA HIS D 1150 14.62 21.87 -14.11
C HIS D 1150 13.55 20.92 -14.63
N TYR D 1151 12.41 20.89 -13.95
CA TYR D 1151 11.29 20.08 -14.39
C TYR D 1151 10.56 20.78 -15.55
N GLN D 1152 10.37 20.05 -16.64
CA GLN D 1152 9.66 20.56 -17.81
C GLN D 1152 8.46 19.66 -18.09
N PRO D 1153 7.23 20.18 -18.03
CA PRO D 1153 6.06 19.40 -18.46
C PRO D 1153 6.05 19.18 -19.96
N CYS D 1154 6.20 20.27 -20.72
CA CYS D 1154 6.29 20.16 -22.18
C CYS D 1154 7.49 19.36 -22.63
N GLY D 1155 8.57 19.33 -21.83
CA GLY D 1155 9.81 18.77 -22.27
C GLY D 1155 10.57 19.76 -23.13
N VAL D 1156 11.79 19.37 -23.50
CA VAL D 1156 12.62 20.21 -24.36
C VAL D 1156 13.02 19.36 -25.57
N PRO D 1157 12.22 19.32 -26.63
CA PRO D 1157 12.54 18.43 -27.76
C PRO D 1157 13.85 18.78 -28.43
N CYS D 1158 14.24 20.05 -28.47
CA CYS D 1158 15.50 20.47 -29.08
C CYS D 1158 16.37 21.33 -28.18
N LEU D 1159 16.59 20.85 -26.95
CA LEU D 1159 17.76 21.26 -26.18
C LEU D 1159 19.02 20.98 -27.00
N ARG D 1160 20.05 21.79 -26.76
CA ARG D 1160 21.30 21.66 -27.51
C ARG D 1160 22.19 20.62 -26.85
N THR D 1161 22.50 19.56 -27.58
CA THR D 1161 23.45 18.53 -27.15
C THR D 1161 24.47 18.32 -28.27
N CYS D 1162 25.50 17.55 -27.97
CA CYS D 1162 26.52 17.27 -28.99
C CYS D 1162 26.20 16.05 -29.84
N ARG D 1163 25.06 15.40 -29.61
CA ARG D 1163 24.54 14.44 -30.57
C ARG D 1163 23.57 15.10 -31.56
N ASN D 1164 23.03 16.27 -31.21
CA ASN D 1164 22.25 17.10 -32.12
C ASN D 1164 22.86 18.50 -32.00
N PRO D 1165 24.04 18.72 -32.57
CA PRO D 1165 24.75 19.99 -32.32
C PRO D 1165 23.99 21.21 -32.78
N ARG D 1166 23.25 21.12 -33.89
CA ARG D 1166 22.58 22.30 -34.44
C ARG D 1166 21.48 22.79 -33.50
N GLY D 1167 20.78 21.88 -32.86
CA GLY D 1167 19.61 22.21 -32.06
C GLY D 1167 18.28 21.92 -32.72
N ASP D 1168 18.23 20.97 -33.65
CA ASP D 1168 17.00 20.64 -34.33
C ASP D 1168 16.21 19.62 -33.53
N CYS D 1169 14.92 19.87 -33.35
CA CYS D 1169 14.03 18.94 -32.67
C CYS D 1169 13.18 18.17 -33.67
N LEU D 1170 13.26 16.84 -33.56
CA LEU D 1170 12.78 15.89 -34.56
C LEU D 1170 11.27 15.72 -34.55
N ARG D 1171 10.56 16.36 -33.61
CA ARG D 1171 9.14 16.10 -33.38
C ARG D 1171 8.96 14.63 -33.06
N ASP D 1172 7.78 14.08 -33.39
CA ASP D 1172 7.50 12.65 -33.29
C ASP D 1172 7.46 12.17 -31.84
N VAL D 1173 7.79 13.06 -30.91
CA VAL D 1173 7.65 12.81 -29.48
C VAL D 1173 7.21 14.11 -28.83
N ARG D 1174 6.10 14.06 -28.10
CA ARG D 1174 5.50 15.25 -27.52
CA ARG D 1174 5.49 15.26 -27.53
C ARG D 1174 5.27 15.08 -26.03
N GLY D 1175 5.59 16.13 -25.28
CA GLY D 1175 5.32 16.17 -23.86
C GLY D 1175 5.97 15.08 -23.03
N LEU D 1176 7.24 14.78 -23.29
CA LEU D 1176 7.99 13.87 -22.44
C LEU D 1176 8.52 14.67 -21.26
N GLU D 1177 7.68 14.80 -20.23
CA GLU D 1177 8.00 15.64 -19.09
C GLU D 1177 9.13 15.03 -18.26
N GLY D 1178 9.74 15.85 -17.43
CA GLY D 1178 10.77 15.37 -16.53
C GLY D 1178 11.87 16.39 -16.38
N CYS D 1179 12.97 15.95 -15.77
CA CYS D 1179 14.11 16.83 -15.55
C CYS D 1179 14.92 17.00 -16.82
N TYR D 1180 15.14 18.25 -17.21
CA TYR D 1180 15.92 18.61 -18.38
C TYR D 1180 16.97 19.64 -17.99
N PRO D 1181 18.13 19.64 -18.64
CA PRO D 1181 19.19 20.59 -18.30
C PRO D 1181 19.01 21.92 -19.01
N LYS D 1182 19.38 22.99 -18.31
CA LYS D 1182 19.40 24.35 -18.86
C LYS D 1182 20.86 24.80 -18.83
N CYS D 1183 21.60 24.48 -19.87
CA CYS D 1183 23.02 24.76 -19.90
C CYS D 1183 23.26 26.27 -19.99
N PRO D 1184 24.24 26.79 -19.27
CA PRO D 1184 24.49 28.24 -19.28
C PRO D 1184 25.14 28.67 -20.58
N PRO D 1185 25.12 29.97 -20.90
CA PRO D 1185 25.79 30.43 -22.14
C PRO D 1185 27.28 30.15 -22.15
N GLU D 1186 27.93 29.99 -21.00
CA GLU D 1186 29.35 29.67 -20.98
C GLU D 1186 29.60 28.27 -21.52
N ALA D 1187 28.70 27.32 -21.26
CA ALA D 1187 28.81 25.95 -21.74
C ALA D 1187 27.47 25.56 -22.34
N PRO D 1188 27.18 25.98 -23.56
CA PRO D 1188 25.84 25.79 -24.14
C PRO D 1188 25.58 24.41 -24.72
N ILE D 1189 26.43 23.42 -24.44
CA ILE D 1189 26.23 22.06 -24.96
C ILE D 1189 26.00 21.14 -23.77
N PHE D 1190 25.06 20.21 -23.91
CA PHE D 1190 24.82 19.22 -22.88
C PHE D 1190 25.33 17.86 -23.37
N ASP D 1191 26.36 17.35 -22.71
CA ASP D 1191 26.93 16.05 -23.03
C ASP D 1191 26.25 14.99 -22.17
N GLU D 1192 25.50 14.09 -22.82
CA GLU D 1192 24.82 13.00 -22.14
C GLU D 1192 25.73 11.80 -21.86
N ASP D 1193 26.82 11.64 -22.63
CA ASP D 1193 27.77 10.59 -22.34
C ASP D 1193 28.40 10.77 -20.97
N LYS D 1194 28.78 12.00 -20.63
CA LYS D 1194 29.29 12.33 -19.32
C LYS D 1194 28.28 13.06 -18.45
N MET D 1195 27.19 13.55 -19.06
CA MET D 1195 26.04 14.14 -18.36
C MET D 1195 26.41 15.44 -17.63
N GLN D 1196 26.86 16.42 -18.40
CA GLN D 1196 27.04 17.76 -17.82
C GLN D 1196 27.07 18.79 -18.95
N CYS D 1197 27.11 20.06 -18.55
CA CYS D 1197 27.24 21.14 -19.51
C CYS D 1197 28.70 21.37 -19.87
N VAL D 1198 29.00 21.35 -21.16
CA VAL D 1198 30.32 21.60 -21.69
C VAL D 1198 30.19 22.54 -22.89
N ALA D 1199 31.32 23.14 -23.26
CA ALA D 1199 31.32 24.02 -24.43
C ALA D 1199 31.25 23.22 -25.72
N THR D 1200 31.95 22.09 -25.78
CA THR D 1200 31.94 21.25 -26.97
C THR D 1200 32.30 19.83 -26.59
N CYS D 1201 31.87 18.88 -27.41
CA CYS D 1201 32.18 17.46 -27.21
C CYS D 1201 33.23 16.99 -28.21
C1 NAG E . -16.87 31.83 -2.39
C2 NAG E . -16.00 33.08 -2.43
C3 NAG E . -16.48 34.04 -3.50
C4 NAG E . -16.58 33.33 -4.85
C5 NAG E . -17.43 32.06 -4.72
C6 NAG E . -17.46 31.24 -5.98
C7 NAG E . -14.91 33.71 -0.32
C8 NAG E . -15.06 34.45 0.99
N2 NAG E . -15.97 33.74 -1.13
O3 NAG E . -15.59 35.14 -3.60
O4 NAG E . -17.17 34.19 -5.82
O5 NAG E . -16.89 31.22 -3.68
O6 NAG E . -16.29 31.43 -6.76
O7 NAG E . -13.87 33.14 -0.62
C1 NAG F . 36.45 -10.63 53.37
C2 NAG F . 37.89 -10.91 53.79
C3 NAG F . 38.39 -9.81 54.74
C4 NAG F . 38.19 -8.44 54.11
C5 NAG F . 36.73 -8.26 53.70
C6 NAG F . 36.48 -6.96 52.98
C7 NAG F . 39.11 -12.98 54.33
C8 NAG F . 39.06 -14.29 55.03
N2 NAG F . 38.01 -12.21 54.42
O3 NAG F . 39.77 -10.02 55.02
O4 NAG F . 38.54 -7.43 55.06
O5 NAG F . 36.36 -9.31 52.80
O6 NAG F . 36.81 -7.06 51.61
O7 NAG F . 40.10 -12.61 53.69
C1 NAG G . 4.04 -0.17 52.46
C2 NAG G . 3.49 -1.58 52.73
C3 NAG G . 2.57 -1.56 53.96
C4 NAG G . 3.28 -0.93 55.15
C5 NAG G . 3.80 0.44 54.77
C6 NAG G . 4.61 1.09 55.88
C7 NAG G . 2.55 -3.40 51.38
C8 NAG G . 1.79 -3.75 50.14
N2 NAG G . 2.77 -2.10 51.57
O3 NAG G . 2.17 -2.89 54.28
O4 NAG G . 2.37 -0.82 56.25
O5 NAG G . 4.67 0.35 53.65
O6 NAG G . 5.91 0.52 55.97
O7 NAG G . 2.93 -4.25 52.17
CA CA H . -24.12 32.60 1.19
CA CA I . 23.81 2.74 34.49
CU CU J . -18.78 25.58 19.37
C1 NAG K . 34.47 -8.87 -5.85
C2 NAG K . 35.65 -8.29 -6.65
C3 NAG K . 36.86 -8.13 -5.75
C4 NAG K . 36.50 -7.31 -4.52
C5 NAG K . 35.29 -7.92 -3.81
C6 NAG K . 34.80 -7.09 -2.64
C7 NAG K . 35.76 -8.75 -9.06
C8 NAG K . 36.15 -9.74 -10.11
N2 NAG K . 35.97 -9.13 -7.80
O3 NAG K . 37.91 -7.49 -6.48
O4 NAG K . 37.61 -7.28 -3.62
O5 NAG K . 34.20 -8.03 -4.72
O6 NAG K . 35.82 -6.20 -2.19
O7 NAG K . 35.29 -7.65 -9.34
C1 NAG L . -40.53 6.43 -51.72
C2 NAG L . -41.34 7.56 -52.37
C3 NAG L . -40.94 7.73 -53.84
C4 NAG L . -39.43 7.91 -53.96
C5 NAG L . -38.72 6.77 -53.26
C6 NAG L . -37.21 6.93 -53.25
C7 NAG L . -43.69 8.26 -52.25
C8 NAG L . -45.12 7.81 -52.14
N2 NAG L . -42.77 7.29 -52.26
O3 NAG L . -41.61 8.85 -54.39
O4 NAG L . -39.06 7.94 -55.33
O5 NAG L . -39.13 6.70 -51.89
O6 NAG L . -36.62 6.25 -52.16
O7 NAG L . -43.40 9.45 -52.33
C1 NAG M . -19.30 -20.36 -44.10
C2 NAG M . -20.65 -20.32 -44.81
C3 NAG M . -21.11 -21.72 -45.18
C4 NAG M . -20.04 -22.44 -45.98
C5 NAG M . -18.71 -22.43 -45.21
C6 NAG M . -17.57 -23.02 -45.99
C7 NAG M . -22.58 -18.82 -44.49
C8 NAG M . -23.53 -18.24 -43.50
N2 NAG M . -21.66 -19.65 -43.99
O3 NAG M . -22.31 -21.65 -45.94
O4 NAG M . -20.42 -23.79 -46.22
O5 NAG M . -18.35 -21.07 -44.91
O6 NAG M . -17.23 -22.22 -47.12
O7 NAG M . -22.64 -18.56 -45.69
CA CA N . 36.33 -16.52 -7.42
CA CA O . -17.20 5.76 -37.98
CU CU P . 22.49 -21.33 -21.07
CA CA Q . 12.05 8.55 34.06
CA CA R . -7.96 -3.31 -35.98
#